data_3M49
#
_entry.id   3M49
#
_cell.length_a   83.333
_cell.length_b   132.087
_cell.length_c   137.319
_cell.angle_alpha   90.00
_cell.angle_beta   90.00
_cell.angle_gamma   90.00
#
_symmetry.space_group_name_H-M   'P 21 21 21'
#
loop_
_entity.id
_entity.type
_entity.pdbx_description
1 polymer Transketolase
2 non-polymer 'THIAMINE DIPHOSPHATE'
3 non-polymer 'SULFATE ION'
4 non-polymer 'FORMIC ACID'
5 non-polymer GLYCEROL
6 non-polymer 'ACETIC ACID'
7 non-polymer 1-METHOXY-2-[2-(2-METHOXY-ETHOXY]-ETHANE
8 non-polymer DI(HYDROXYETHYL)ETHER
9 non-polymer 2-AMINO-2-HYDROXYMETHYL-PROPANE-1,3-DIOL
10 non-polymer 'MAGNESIUM ION'
11 non-polymer 2-[BIS-(2-HYDROXY-ETHYL)-AMINO]-2-HYDROXYMETHYL-PROPANE-1,3-DIOL
12 water water
#
_entity_poly.entity_id   1
_entity_poly.type   'polypeptide(L)'
_entity_poly.pdbx_seq_one_letter_code
;(MSE)HHHHHHSSGVDLGTENLYFQSNA(MSE)SHSIEQLSINTIRTLSIDAIEKANSGHPG(MSE)P(MSE)GAAP
(MSE)AYTLWTQF(MSE)KHNPNNPTWFNRDRFVLSAGHGS(MSE)LLYSLLHLSGYDVT(MSE)DDLKNFRQWGSKTPG
HPEYGHTAGVDATTGPLGQGIATAVG(MSE)A(MSE)AERHLAAKYNRDAYNIVDHYTYAICGDGDL(MSE)EGVSAEAS
SLAAHLQLGRLVVLYDSNDISLDGDLNRSFSESVEDRYKAYGWQVIRVEDGNDIEAIAKAIEEAKADEKRPTLIEVRTTI
GFGSPNKSGKSASHGSPLGVEETKLTKEAYAWTAEQDFHVAEEVYENFRKTVQDVGETAQAEWNT(MSE)LGEYAQAYPE
LANELQAA(MSE)NGLLPEGWEQNLPTYELGSKAATRNSSGAVINAIAESVPSFFGGSADLAGSNKTY(MSE)NNEKDFT
RDDYSGKNIWYGVREFA(MSE)GAA(MSE)NGIALHGGLKTYGGTFFVFSDYLRPAIRLAAL(MSE)QLPVTYVFTHDSI
AVGEDGPTHEPIEQLAALRA(MSE)PNVSVIRPADGNESVAAWRLALESTNKPTALVLTRQDLPTLEGAKDDTYEKVAKG
AYVVSASKKETADVILLATGSEVSLAVEAQKALAVDGVDASVVS(MSE)PS(MSE)DRFEAQTAEYKESVLPKAVTKRFA
IE(MSE)GATFGWHRYVGLEGDVLGIDTFGASAPGEKI(MSE)EEYGFTVENVVRKVKE(MSE)L
;
_entity_poly.pdbx_strand_id   A,B
#
loop_
_chem_comp.id
_chem_comp.type
_chem_comp.name
_chem_comp.formula
ACY non-polymer 'ACETIC ACID' 'C2 H4 O2'
BTB non-polymer 2-[BIS-(2-HYDROXY-ETHYL)-AMINO]-2-HYDROXYMETHYL-PROPANE-1,3-DIOL 'C8 H19 N O5'
FMT non-polymer 'FORMIC ACID' 'C H2 O2'
GOL non-polymer GLYCEROL 'C3 H8 O3'
MG non-polymer 'MAGNESIUM ION' 'Mg 2'
PEG non-polymer DI(HYDROXYETHYL)ETHER 'C4 H10 O3'
PG5 non-polymer 1-METHOXY-2-[2-(2-METHOXY-ETHOXY]-ETHANE 'C8 H18 O4'
SO4 non-polymer 'SULFATE ION' 'O4 S -2'
TPP non-polymer 'THIAMINE DIPHOSPHATE' 'C12 H19 N4 O7 P2 S 1'
TRS non-polymer 2-AMINO-2-HYDROXYMETHYL-PROPANE-1,3-DIOL 'C4 H12 N O3 1'
#
# COMPACT_ATOMS: atom_id res chain seq x y z
N SER A 26 -0.84 14.23 44.32
CA SER A 26 -1.10 13.08 45.19
C SER A 26 0.19 12.42 45.68
N HIS A 27 0.14 11.88 46.89
CA HIS A 27 1.29 11.21 47.47
C HIS A 27 1.19 9.68 47.41
N SER A 28 0.24 9.17 46.63
CA SER A 28 0.02 7.72 46.61
C SER A 28 1.16 7.00 45.89
N ILE A 29 1.32 5.71 46.18
CA ILE A 29 2.30 4.92 45.44
C ILE A 29 1.91 4.87 43.94
N GLU A 30 0.62 4.87 43.65
CA GLU A 30 0.19 4.84 42.24
C GLU A 30 0.71 6.07 41.49
N GLN A 31 0.57 7.24 42.10
CA GLN A 31 0.99 8.48 41.46
C GLN A 31 2.52 8.48 41.32
N LEU A 32 3.21 7.96 42.31
CA LEU A 32 4.68 7.91 42.25
C LEU A 32 5.15 6.99 41.12
N SER A 33 4.53 5.81 41.01
CA SER A 33 4.83 4.87 39.95
C SER A 33 4.61 5.51 38.58
N ILE A 34 3.48 6.20 38.45
CA ILE A 34 3.11 6.85 37.22
C ILE A 34 4.14 7.94 36.86
N ASN A 35 4.53 8.73 37.85
CA ASN A 35 5.55 9.75 37.59
C ASN A 35 6.95 9.18 37.35
N THR A 36 7.20 7.97 37.84
CA THR A 36 8.48 7.31 37.58
C THR A 36 8.50 6.86 36.10
N ILE A 37 7.36 6.37 35.63
CA ILE A 37 7.27 6.02 34.23
C ILE A 37 7.55 7.26 33.37
N ARG A 38 6.95 8.38 33.74
CA ARG A 38 7.15 9.62 32.99
C ARG A 38 8.61 10.10 33.00
N THR A 39 9.17 10.23 34.20
CA THR A 39 10.56 10.69 34.31
C THR A 39 11.58 9.72 33.71
N LEU A 40 11.31 8.42 33.79
N LEU A 40 11.35 8.41 33.79
CA LEU A 40 12.20 7.44 33.19
CA LEU A 40 12.27 7.48 33.14
C LEU A 40 12.19 7.60 31.66
C LEU A 40 12.21 7.68 31.63
N SER A 41 11.00 7.83 31.11
CA SER A 41 10.84 8.02 29.65
C SER A 41 11.55 9.29 29.24
N ILE A 42 11.29 10.37 29.97
CA ILE A 42 11.93 11.65 29.66
C ILE A 42 13.45 11.56 29.73
N ASP A 43 13.99 10.98 30.81
CA ASP A 43 15.43 10.91 30.97
C ASP A 43 16.12 10.05 29.89
N ALA A 44 15.46 8.97 29.48
CA ALA A 44 16.05 8.09 28.45
C ALA A 44 16.12 8.81 27.11
N ILE A 45 15.11 9.64 26.85
CA ILE A 45 15.02 10.40 25.62
C ILE A 45 16.07 11.53 25.64
N GLU A 46 16.21 12.18 26.80
CA GLU A 46 17.27 13.18 26.98
C GLU A 46 18.65 12.60 26.66
N LYS A 47 18.94 11.43 27.23
CA LYS A 47 20.24 10.79 27.09
C LYS A 47 20.49 10.33 25.64
N ALA A 48 19.50 9.73 24.99
CA ALA A 48 19.59 9.38 23.57
C ALA A 48 19.66 10.62 22.69
N ASN A 49 19.19 11.75 23.22
CA ASN A 49 18.95 12.94 22.41
C ASN A 49 18.07 12.65 21.20
N SER A 50 17.09 11.76 21.37
CA SER A 50 16.24 11.33 20.26
C SER A 50 15.05 10.59 20.86
N GLY A 51 13.86 10.80 20.32
CA GLY A 51 12.69 10.08 20.77
C GLY A 51 11.49 10.99 21.05
N HIS A 52 10.45 10.40 21.63
CA HIS A 52 9.12 11.00 21.66
C HIS A 52 8.59 11.03 23.09
N PRO A 53 8.72 12.18 23.76
CA PRO A 53 8.33 12.15 25.17
C PRO A 53 6.86 12.48 25.43
N GLY A 54 6.20 13.17 24.50
CA GLY A 54 4.86 13.69 24.76
C GLY A 54 3.87 12.59 25.12
N MSE A 55 3.85 11.51 24.34
N MSE A 55 3.88 11.53 24.33
CA MSE A 55 2.84 10.52 24.63
CA MSE A 55 2.92 10.45 24.53
C MSE A 55 3.07 9.70 25.92
C MSE A 55 3.08 9.74 25.88
O MSE A 55 2.12 9.43 26.63
O MSE A 55 2.13 9.60 26.60
CB MSE A 55 2.52 9.63 23.44
CB MSE A 55 2.95 9.42 23.40
CG MSE A 55 1.47 8.61 23.85
CG MSE A 55 2.30 8.12 23.86
SE MSE A 55 2.33 6.92 24.16
SE MSE A 55 1.62 7.20 22.34
CE MSE A 55 2.22 6.58 22.28
CE MSE A 55 0.81 5.68 23.27
N PRO A 56 4.32 9.29 26.20
CA PRO A 56 4.52 8.65 27.51
C PRO A 56 4.07 9.57 28.66
N MSE A 57 4.27 10.87 28.53
CA MSE A 57 3.85 11.80 29.59
C MSE A 57 2.32 11.86 29.72
O MSE A 57 1.80 11.81 30.83
CB MSE A 57 4.42 13.20 29.35
CG MSE A 57 5.95 13.22 29.48
SE MSE A 57 6.78 14.72 28.53
CE MSE A 57 6.31 16.15 29.78
N GLY A 58 1.61 11.97 28.60
CA GLY A 58 0.16 11.98 28.64
C GLY A 58 -0.45 10.62 28.98
N ALA A 59 0.15 9.54 28.47
CA ALA A 59 -0.49 8.24 28.54
C ALA A 59 -0.05 7.36 29.74
N ALA A 60 0.95 7.81 30.51
CA ALA A 60 1.43 6.97 31.61
C ALA A 60 0.32 6.49 32.59
N PRO A 61 -0.62 7.37 32.98
CA PRO A 61 -1.64 6.90 33.93
C PRO A 61 -2.53 5.78 33.38
N MSE A 62 -3.04 5.94 32.15
N MSE A 62 -3.04 5.94 32.16
CA MSE A 62 -3.91 4.91 31.55
CA MSE A 62 -3.89 4.88 31.59
C MSE A 62 -3.15 3.61 31.30
C MSE A 62 -3.11 3.59 31.43
O MSE A 62 -3.72 2.53 31.46
O MSE A 62 -3.62 2.50 31.74
CB MSE A 62 -4.58 5.40 30.27
CB MSE A 62 -4.39 5.27 30.22
CG MSE A 62 -3.71 5.33 28.99
CG MSE A 62 -3.36 4.87 29.13
SE MSE A 62 -4.70 5.96 27.41
SE MSE A 62 -4.02 5.20 27.42
CE MSE A 62 -3.55 5.29 25.99
CE MSE A 62 -4.12 7.17 27.50
N ALA A 63 -1.88 3.71 30.94
CA ALA A 63 -1.07 2.50 30.71
C ALA A 63 -0.75 1.79 32.02
N TYR A 64 -0.37 2.57 33.04
CA TYR A 64 -0.13 2.02 34.38
C TYR A 64 -1.36 1.25 34.86
N THR A 65 -2.54 1.82 34.66
CA THR A 65 -3.79 1.22 35.15
C THR A 65 -4.02 -0.12 34.47
N LEU A 66 -3.93 -0.10 33.14
CA LEU A 66 -4.11 -1.31 32.38
C LEU A 66 -3.10 -2.36 32.84
N TRP A 67 -1.83 -1.96 32.93
CA TRP A 67 -0.73 -2.88 33.14
C TRP A 67 -0.77 -3.54 34.54
N THR A 68 -1.07 -2.77 35.56
CA THR A 68 -1.00 -3.28 36.94
C THR A 68 -2.36 -3.71 37.51
N GLN A 69 -3.47 -3.28 36.91
CA GLN A 69 -4.75 -3.61 37.53
C GLN A 69 -5.65 -4.51 36.68
N PHE A 70 -5.32 -4.69 35.41
CA PHE A 70 -6.17 -5.50 34.53
C PHE A 70 -5.47 -6.60 33.74
N MSE A 71 -4.33 -6.31 33.14
CA MSE A 71 -3.62 -7.31 32.34
C MSE A 71 -3.11 -8.49 33.17
O MSE A 71 -2.57 -8.31 34.25
CB MSE A 71 -2.43 -6.71 31.61
CG MSE A 71 -2.82 -6.00 30.38
SE MSE A 71 -1.26 -5.24 29.49
CE MSE A 71 -0.14 -6.81 29.41
N LYS A 72 -3.22 -9.68 32.60
CA LYS A 72 -2.71 -10.88 33.22
C LYS A 72 -1.46 -11.26 32.43
N HIS A 73 -0.31 -11.13 33.07
CA HIS A 73 0.98 -11.37 32.41
C HIS A 73 2.08 -11.68 33.43
N ASN A 74 3.07 -12.45 32.99
CA ASN A 74 4.16 -12.91 33.86
C ASN A 74 5.50 -12.43 33.31
N PRO A 75 6.07 -11.38 33.94
CA PRO A 75 7.34 -10.79 33.52
C PRO A 75 8.43 -11.85 33.45
N ASN A 76 8.32 -12.90 34.26
CA ASN A 76 9.32 -13.95 34.25
C ASN A 76 9.12 -14.97 33.13
N ASN A 77 7.95 -14.94 32.50
CA ASN A 77 7.71 -15.83 31.36
C ASN A 77 6.96 -15.07 30.30
N PRO A 78 7.67 -14.18 29.58
CA PRO A 78 6.99 -13.27 28.66
C PRO A 78 6.35 -14.00 27.45
N THR A 79 6.66 -15.27 27.22
CA THR A 79 6.02 -15.98 26.11
C THR A 79 4.91 -16.93 26.56
N TRP A 80 4.47 -16.79 27.82
CA TRP A 80 3.32 -17.58 28.30
C TRP A 80 2.13 -17.56 27.32
N PHE A 81 1.73 -18.75 26.87
CA PHE A 81 0.80 -18.86 25.75
C PHE A 81 -0.55 -18.21 26.04
N ASN A 82 -0.96 -18.22 27.29
CA ASN A 82 -2.25 -17.67 27.64
C ASN A 82 -2.20 -16.31 28.32
N ARG A 83 -1.08 -15.61 28.21
CA ARG A 83 -1.00 -14.25 28.76
C ARG A 83 -1.96 -13.32 27.99
N ASP A 84 -2.41 -12.25 28.63
CA ASP A 84 -3.08 -11.19 27.85
C ASP A 84 -2.05 -10.58 26.89
N ARG A 85 -2.43 -10.36 25.63
CA ARG A 85 -1.51 -9.77 24.64
C ARG A 85 -1.63 -8.24 24.69
N PHE A 86 -0.56 -7.54 24.33
CA PHE A 86 -0.51 -6.09 24.34
C PHE A 86 0.22 -5.56 23.11
N VAL A 87 -0.39 -4.62 22.39
CA VAL A 87 0.25 -4.01 21.24
C VAL A 87 0.30 -2.49 21.45
N LEU A 88 1.50 -1.91 21.41
CA LEU A 88 1.65 -0.46 21.42
C LEU A 88 1.55 0.04 20.00
N SER A 89 0.33 0.22 19.50
CA SER A 89 0.13 0.65 18.12
C SER A 89 0.79 1.99 17.85
N ALA A 90 0.77 2.87 18.84
CA ALA A 90 1.48 4.16 18.71
C ALA A 90 2.95 3.92 19.08
N GLY A 91 3.71 3.31 18.17
CA GLY A 91 5.03 2.79 18.50
C GLY A 91 6.05 3.86 18.93
N HIS A 92 5.83 5.11 18.49
CA HIS A 92 6.75 6.18 18.85
C HIS A 92 6.79 6.38 20.38
N GLY A 93 5.75 5.92 21.06
CA GLY A 93 5.70 6.02 22.52
C GLY A 93 6.48 4.91 23.20
N SER A 94 7.44 4.34 22.48
CA SER A 94 8.16 3.17 22.96
C SER A 94 8.70 3.26 24.41
N MSE A 95 9.12 4.44 24.86
CA MSE A 95 9.68 4.50 26.20
C MSE A 95 8.63 4.21 27.27
O MSE A 95 8.95 3.77 28.38
CB MSE A 95 10.38 5.85 26.49
CG MSE A 95 11.88 5.85 26.11
SE MSE A 95 12.94 4.40 26.92
CE MSE A 95 12.48 4.61 28.83
N LEU A 96 7.37 4.45 26.92
CA LEU A 96 6.28 4.10 27.83
C LEU A 96 6.30 2.58 28.08
N LEU A 97 6.44 1.83 27.00
CA LEU A 97 6.45 0.38 27.07
C LEU A 97 7.71 -0.13 27.76
N TYR A 98 8.87 0.41 27.36
CA TYR A 98 10.13 -0.02 27.96
C TYR A 98 10.16 0.30 29.46
N SER A 99 9.63 1.47 29.85
CA SER A 99 9.54 1.80 31.28
C SER A 99 8.72 0.75 32.03
N LEU A 100 7.57 0.41 31.47
CA LEU A 100 6.67 -0.54 32.12
C LEU A 100 7.32 -1.94 32.21
N LEU A 101 7.99 -2.36 31.14
CA LEU A 101 8.65 -3.67 31.13
C LEU A 101 9.74 -3.72 32.20
N HIS A 102 10.58 -2.70 32.22
CA HIS A 102 11.65 -2.63 33.18
C HIS A 102 11.12 -2.60 34.61
N LEU A 103 10.18 -1.69 34.87
CA LEU A 103 9.67 -1.50 36.22
C LEU A 103 8.96 -2.76 36.76
N SER A 104 8.37 -3.53 35.86
N SER A 104 8.36 -3.52 35.85
CA SER A 104 7.58 -4.69 36.29
CA SER A 104 7.58 -4.72 36.17
C SER A 104 8.39 -5.99 36.29
C SER A 104 8.42 -5.97 36.41
N GLY A 105 9.69 -5.90 36.04
CA GLY A 105 10.56 -7.06 36.22
C GLY A 105 10.76 -7.92 34.98
N TYR A 106 10.37 -7.44 33.82
CA TYR A 106 10.73 -8.14 32.58
C TYR A 106 12.23 -7.99 32.37
N ASP A 107 12.80 -8.79 31.47
CA ASP A 107 14.24 -8.72 31.19
C ASP A 107 14.66 -7.53 30.32
N VAL A 108 14.31 -6.33 30.77
CA VAL A 108 14.79 -5.06 30.21
C VAL A 108 15.40 -4.30 31.39
N THR A 109 16.72 -4.11 31.36
CA THR A 109 17.44 -3.62 32.54
C THR A 109 17.54 -2.10 32.49
N MSE A 110 18.00 -1.49 33.59
CA MSE A 110 18.20 -0.05 33.63
C MSE A 110 19.26 0.37 32.59
O MSE A 110 19.12 1.40 31.93
CB MSE A 110 18.61 0.42 35.05
CG MSE A 110 18.83 1.91 35.13
SE MSE A 110 17.22 2.95 34.65
CE MSE A 110 16.16 2.66 36.25
N ASP A 111 20.32 -0.42 32.47
N ASP A 111 20.32 -0.44 32.46
CA ASP A 111 21.35 -0.19 31.45
CA ASP A 111 21.33 -0.19 31.44
C ASP A 111 20.74 -0.25 30.04
C ASP A 111 20.69 -0.20 30.05
N ASP A 112 19.79 -1.17 29.83
CA ASP A 112 19.02 -1.18 28.56
C ASP A 112 18.31 0.16 28.30
N LEU A 113 17.61 0.70 29.29
CA LEU A 113 16.93 1.97 29.14
C LEU A 113 17.93 3.10 28.88
N LYS A 114 19.10 3.00 29.48
CA LYS A 114 20.18 3.98 29.27
C LYS A 114 20.84 3.82 27.90
N ASN A 115 20.42 2.79 27.16
CA ASN A 115 20.87 2.59 25.77
C ASN A 115 19.73 2.67 24.74
N PHE A 116 18.66 3.36 25.12
CA PHE A 116 17.54 3.63 24.21
C PHE A 116 18.06 4.20 22.88
N ARG A 117 17.62 3.61 21.76
CA ARG A 117 17.97 4.10 20.41
C ARG A 117 19.46 3.95 20.02
N GLN A 118 20.19 3.10 20.74
CA GLN A 118 21.61 2.93 20.45
C GLN A 118 21.92 1.61 19.79
N TRP A 119 23.04 1.60 19.07
CA TRP A 119 23.44 0.41 18.31
C TRP A 119 23.37 -0.89 19.12
N GLY A 120 22.58 -1.83 18.61
CA GLY A 120 22.49 -3.15 19.19
C GLY A 120 21.74 -3.23 20.53
N SER A 121 21.08 -2.16 20.96
CA SER A 121 20.40 -2.20 22.29
C SER A 121 19.08 -2.97 22.22
N LYS A 122 18.58 -3.34 23.39
CA LYS A 122 17.30 -4.02 23.53
C LYS A 122 16.17 -3.04 23.55
N THR A 123 16.48 -1.76 23.34
CA THR A 123 15.49 -0.70 23.43
C THR A 123 15.52 0.20 22.18
N PRO A 124 15.19 -0.38 21.02
CA PRO A 124 15.19 0.37 19.75
C PRO A 124 14.09 1.46 19.74
N GLY A 125 14.25 2.45 18.88
CA GLY A 125 13.35 3.60 18.85
C GLY A 125 11.87 3.27 18.72
N HIS A 126 11.53 2.21 17.98
CA HIS A 126 10.15 1.69 17.94
C HIS A 126 10.19 0.22 18.39
N PRO A 127 9.10 -0.28 18.99
CA PRO A 127 9.10 -1.65 19.54
C PRO A 127 9.39 -2.70 18.48
N GLU A 128 10.26 -3.66 18.78
CA GLU A 128 10.58 -4.73 17.84
C GLU A 128 10.40 -6.10 18.44
N TYR A 129 9.37 -6.80 17.97
CA TYR A 129 9.15 -8.20 18.35
C TYR A 129 10.41 -9.01 18.06
N GLY A 130 10.80 -9.87 19.00
CA GLY A 130 12.00 -10.69 18.84
C GLY A 130 13.30 -10.06 19.33
N HIS A 131 13.29 -8.76 19.63
CA HIS A 131 14.52 -8.08 20.07
C HIS A 131 14.46 -7.68 21.53
N THR A 132 13.27 -7.75 22.12
CA THR A 132 13.07 -7.22 23.48
C THR A 132 12.10 -8.11 24.20
N ALA A 133 12.45 -8.53 25.41
CA ALA A 133 11.59 -9.41 26.18
C ALA A 133 10.27 -8.68 26.45
N GLY A 134 9.15 -9.37 26.26
CA GLY A 134 7.84 -8.79 26.52
C GLY A 134 7.21 -7.99 25.40
N VAL A 135 7.90 -7.81 24.27
CA VAL A 135 7.28 -7.03 23.20
C VAL A 135 6.53 -8.01 22.31
N ASP A 136 5.21 -7.83 22.20
CA ASP A 136 4.38 -8.81 21.45
C ASP A 136 4.29 -8.55 19.93
N ALA A 137 4.62 -7.34 19.49
CA ALA A 137 4.50 -7.02 18.06
C ALA A 137 5.37 -5.82 17.72
N THR A 138 5.91 -5.81 16.50
CA THR A 138 6.69 -4.68 16.01
C THR A 138 5.74 -3.62 15.49
N THR A 139 5.91 -2.37 15.94
CA THR A 139 5.02 -1.32 15.52
C THR A 139 5.85 -0.08 15.16
N GLY A 140 5.19 1.02 14.82
CA GLY A 140 5.94 2.15 14.27
C GLY A 140 5.20 2.69 13.06
N PRO A 141 4.96 1.83 12.06
CA PRO A 141 4.09 2.26 10.93
C PRO A 141 2.67 2.34 11.45
N LEU A 142 2.08 3.53 11.40
CA LEU A 142 0.80 3.74 12.10
C LEU A 142 -0.36 2.94 11.52
N GLY A 143 -1.34 2.65 12.38
CA GLY A 143 -2.52 1.93 11.93
C GLY A 143 -2.38 0.42 12.08
N GLN A 144 -1.18 -0.11 11.78
CA GLN A 144 -1.01 -1.56 11.74
C GLN A 144 -1.07 -2.25 13.09
N GLY A 145 -0.62 -1.56 14.13
CA GLY A 145 -0.74 -2.10 15.48
C GLY A 145 -2.17 -2.54 15.81
N ILE A 146 -3.15 -1.67 15.55
CA ILE A 146 -4.55 -2.05 15.79
C ILE A 146 -4.97 -3.26 14.97
N ALA A 147 -4.64 -3.25 13.68
CA ALA A 147 -5.01 -4.33 12.78
C ALA A 147 -4.32 -5.65 13.16
N THR A 148 -3.10 -5.54 13.66
CA THR A 148 -2.38 -6.73 14.14
C THR A 148 -3.07 -7.32 15.37
N ALA A 149 -3.47 -6.44 16.28
CA ALA A 149 -4.20 -6.86 17.48
C ALA A 149 -5.51 -7.54 17.11
N VAL A 150 -6.18 -7.05 16.07
CA VAL A 150 -7.41 -7.74 15.62
C VAL A 150 -7.07 -9.20 15.26
N GLY A 151 -5.99 -9.40 14.51
CA GLY A 151 -5.55 -10.76 14.20
C GLY A 151 -5.27 -11.62 15.44
N MSE A 152 -4.56 -11.06 16.42
CA MSE A 152 -4.32 -11.80 17.65
C MSE A 152 -5.62 -12.20 18.35
O MSE A 152 -5.72 -13.30 18.87
CB MSE A 152 -3.43 -11.00 18.61
CG MSE A 152 -2.07 -10.66 18.01
SE MSE A 152 -1.05 -9.66 19.39
CE MSE A 152 0.56 -9.33 18.42
N ALA A 153 -6.61 -11.29 18.35
CA ALA A 153 -7.90 -11.56 18.97
C ALA A 153 -8.64 -12.66 18.20
N MSE A 154 -8.51 -12.65 16.88
CA MSE A 154 -9.14 -13.69 16.07
C MSE A 154 -8.52 -15.03 16.41
O MSE A 154 -9.25 -16.01 16.62
CB MSE A 154 -8.98 -13.40 14.57
CG MSE A 154 -9.71 -12.14 14.10
SE MSE A 154 -9.18 -11.62 12.30
CE MSE A 154 -9.67 -13.28 11.31
N ALA A 155 -7.21 -15.08 16.51
CA ALA A 155 -6.51 -16.32 16.83
C ALA A 155 -6.94 -16.85 18.20
N GLU A 156 -7.02 -15.96 19.20
CA GLU A 156 -7.44 -16.37 20.55
C GLU A 156 -8.82 -17.04 20.53
N ARG A 157 -9.81 -16.44 19.87
CA ARG A 157 -11.13 -17.06 19.84
C ARG A 157 -11.14 -18.38 19.03
N HIS A 158 -10.41 -18.41 17.93
CA HIS A 158 -10.36 -19.65 17.14
C HIS A 158 -9.78 -20.79 17.98
N LEU A 159 -8.66 -20.52 18.64
CA LEU A 159 -7.98 -21.56 19.43
C LEU A 159 -8.85 -22.00 20.61
N ALA A 160 -9.51 -21.03 21.27
CA ALA A 160 -10.40 -21.34 22.37
C ALA A 160 -11.53 -22.27 21.91
N ALA A 161 -12.15 -21.96 20.77
CA ALA A 161 -13.20 -22.80 20.19
C ALA A 161 -12.70 -24.20 19.84
N LYS A 162 -11.48 -24.30 19.30
CA LYS A 162 -10.94 -25.63 18.97
C LYS A 162 -10.54 -26.45 20.19
N TYR A 163 -9.92 -25.82 21.18
CA TYR A 163 -9.27 -26.60 22.26
C TYR A 163 -9.96 -26.64 23.63
N ASN A 164 -10.77 -25.63 23.95
CA ASN A 164 -11.35 -25.61 25.31
C ASN A 164 -12.36 -26.73 25.43
N ARG A 165 -12.40 -27.35 26.60
CA ARG A 165 -13.39 -28.38 26.88
C ARG A 165 -13.93 -28.14 28.29
N ASP A 166 -15.19 -28.50 28.53
CA ASP A 166 -15.72 -28.51 29.91
C ASP A 166 -15.28 -27.34 30.76
N ALA A 167 -14.57 -27.65 31.83
CA ALA A 167 -14.08 -26.59 32.70
C ALA A 167 -12.66 -26.18 32.34
N TYR A 168 -12.12 -26.72 31.25
CA TYR A 168 -10.76 -26.40 30.85
C TYR A 168 -10.76 -25.24 29.85
N ASN A 169 -10.73 -24.02 30.38
CA ASN A 169 -10.61 -22.81 29.57
C ASN A 169 -9.12 -22.55 29.34
N ILE A 170 -8.52 -23.44 28.55
CA ILE A 170 -7.10 -23.44 28.31
C ILE A 170 -6.65 -22.18 27.55
N VAL A 171 -7.46 -21.77 26.58
CA VAL A 171 -7.21 -20.54 25.83
C VAL A 171 -8.26 -19.57 26.24
N ASP A 172 -7.85 -18.55 26.99
CA ASP A 172 -8.83 -17.63 27.53
C ASP A 172 -8.08 -16.40 27.97
N HIS A 173 -7.95 -15.43 27.07
CA HIS A 173 -7.24 -14.21 27.42
C HIS A 173 -7.72 -13.03 26.58
N TYR A 174 -7.28 -11.84 26.97
CA TYR A 174 -7.66 -10.62 26.28
C TYR A 174 -6.56 -10.15 25.33
N THR A 175 -6.92 -9.18 24.49
CA THR A 175 -5.96 -8.53 23.58
C THR A 175 -6.14 -7.03 23.78
N TYR A 176 -5.09 -6.37 24.27
CA TYR A 176 -5.10 -4.96 24.51
C TYR A 176 -4.19 -4.18 23.55
N ALA A 177 -4.58 -2.96 23.23
CA ALA A 177 -3.70 -2.08 22.49
C ALA A 177 -3.82 -0.65 22.97
N ILE A 178 -2.75 0.09 22.79
CA ILE A 178 -2.81 1.53 22.94
C ILE A 178 -2.50 2.20 21.60
N CYS A 179 -3.39 3.09 21.16
CA CYS A 179 -3.22 3.79 19.90
C CYS A 179 -3.34 5.32 20.14
N GLY A 180 -3.00 6.11 19.12
CA GLY A 180 -3.19 7.56 19.21
C GLY A 180 -4.04 8.03 18.04
N ASP A 181 -4.11 9.34 17.84
CA ASP A 181 -4.85 9.89 16.72
C ASP A 181 -4.38 9.42 15.33
N GLY A 182 -3.07 9.37 15.13
CA GLY A 182 -2.52 8.98 13.84
C GLY A 182 -2.99 7.58 13.44
N ASP A 183 -2.99 6.66 14.39
CA ASP A 183 -3.48 5.31 14.13
C ASP A 183 -4.89 5.32 13.54
N LEU A 184 -5.73 6.21 14.06
CA LEU A 184 -7.15 6.19 13.76
C LEU A 184 -7.44 6.95 12.47
N MSE A 185 -6.45 7.65 11.96
CA MSE A 185 -6.56 8.30 10.67
C MSE A 185 -6.24 7.32 9.52
O MSE A 185 -6.73 7.49 8.40
CB MSE A 185 -5.66 9.55 10.59
CG MSE A 185 -6.38 10.80 11.05
SE MSE A 185 -5.31 12.42 10.85
CE MSE A 185 -4.09 12.14 12.33
N GLU A 186 -5.40 6.32 9.80
CA GLU A 186 -4.98 5.36 8.76
C GLU A 186 -6.10 4.42 8.34
N GLY A 187 -6.21 4.19 7.04
CA GLY A 187 -7.27 3.33 6.53
C GLY A 187 -7.18 1.89 7.04
N VAL A 188 -5.98 1.41 7.35
CA VAL A 188 -5.90 0.00 7.75
C VAL A 188 -6.59 -0.22 9.12
N SER A 189 -6.56 0.79 9.98
CA SER A 189 -7.25 0.63 11.25
C SER A 189 -8.78 0.64 11.08
N ALA A 190 -9.26 1.42 10.12
CA ALA A 190 -10.70 1.48 9.83
C ALA A 190 -11.15 0.11 9.32
N GLU A 191 -10.39 -0.45 8.38
CA GLU A 191 -10.72 -1.79 7.87
C GLU A 191 -10.76 -2.81 9.01
N ALA A 192 -9.71 -2.82 9.82
CA ALA A 192 -9.58 -3.80 10.88
C ALA A 192 -10.71 -3.65 11.90
N SER A 193 -11.13 -2.41 12.11
CA SER A 193 -12.11 -2.14 13.16
C SER A 193 -13.50 -2.55 12.68
N SER A 194 -13.76 -2.34 11.38
CA SER A 194 -14.97 -2.87 10.77
C SER A 194 -15.02 -4.40 10.90
N LEU A 195 -13.93 -5.05 10.53
CA LEU A 195 -13.86 -6.51 10.60
C LEU A 195 -14.02 -7.02 12.04
N ALA A 196 -13.31 -6.40 12.99
CA ALA A 196 -13.38 -6.85 14.39
C ALA A 196 -14.81 -6.76 14.94
N ALA A 197 -15.52 -5.69 14.58
CA ALA A 197 -16.91 -5.55 15.02
C ALA A 197 -17.77 -6.62 14.38
N HIS A 198 -17.55 -6.89 13.09
CA HIS A 198 -18.33 -7.91 12.41
C HIS A 198 -18.16 -9.29 13.05
N LEU A 199 -16.94 -9.56 13.53
CA LEU A 199 -16.63 -10.84 14.17
C LEU A 199 -16.97 -10.84 15.66
N GLN A 200 -17.49 -9.72 16.17
CA GLN A 200 -17.83 -9.58 17.60
C GLN A 200 -16.71 -9.96 18.55
N LEU A 201 -15.55 -9.37 18.35
CA LEU A 201 -14.37 -9.75 19.13
C LEU A 201 -14.34 -8.94 20.44
N GLY A 202 -15.16 -9.36 21.41
CA GLY A 202 -15.29 -8.66 22.66
C GLY A 202 -14.10 -8.73 23.58
N ARG A 203 -13.10 -9.55 23.24
CA ARG A 203 -11.87 -9.60 24.07
C ARG A 203 -10.80 -8.64 23.58
N LEU A 204 -11.15 -7.86 22.56
CA LEU A 204 -10.24 -6.83 22.07
C LEU A 204 -10.62 -5.51 22.70
N VAL A 205 -9.66 -4.89 23.39
CA VAL A 205 -9.89 -3.63 24.08
C VAL A 205 -8.77 -2.66 23.74
N VAL A 206 -9.13 -1.54 23.12
CA VAL A 206 -8.13 -0.57 22.64
C VAL A 206 -8.28 0.70 23.47
N LEU A 207 -7.19 1.13 24.09
CA LEU A 207 -7.14 2.42 24.77
C LEU A 207 -6.57 3.48 23.81
N TYR A 208 -7.35 4.52 23.58
CA TYR A 208 -7.07 5.54 22.59
C TYR A 208 -6.61 6.80 23.32
N ASP A 209 -5.32 7.10 23.17
CA ASP A 209 -4.72 8.28 23.76
C ASP A 209 -5.14 9.47 22.91
N SER A 210 -6.17 10.18 23.35
CA SER A 210 -6.84 11.19 22.54
C SER A 210 -6.44 12.58 23.06
N ASN A 211 -5.47 13.20 22.38
CA ASN A 211 -4.82 14.38 22.93
C ASN A 211 -4.86 15.59 21.98
N ASP A 212 -5.63 15.52 20.89
CA ASP A 212 -5.85 16.69 20.02
C ASP A 212 -4.60 17.23 19.30
N ILE A 213 -3.53 16.42 19.25
CA ILE A 213 -2.26 16.89 18.71
C ILE A 213 -1.69 15.87 17.70
N SER A 214 -1.21 16.37 16.57
N SER A 214 -1.21 16.35 16.56
CA SER A 214 -0.50 15.53 15.61
CA SER A 214 -0.48 15.46 15.67
C SER A 214 0.95 15.97 15.54
C SER A 214 0.93 16.00 15.50
N LEU A 215 1.75 15.30 14.73
CA LEU A 215 3.15 15.67 14.57
C LEU A 215 3.28 17.14 14.12
N ASP A 216 2.44 17.54 13.17
CA ASP A 216 2.59 18.86 12.54
C ASP A 216 1.90 20.01 13.28
N GLY A 217 1.02 19.70 14.23
CA GLY A 217 0.33 20.76 14.95
C GLY A 217 -1.02 20.28 15.52
N ASP A 218 -1.93 21.22 15.72
CA ASP A 218 -3.24 20.87 16.25
C ASP A 218 -3.95 19.87 15.34
N LEU A 219 -4.54 18.84 15.95
CA LEU A 219 -5.25 17.81 15.22
C LEU A 219 -6.37 18.43 14.36
N ASN A 220 -6.97 19.52 14.84
CA ASN A 220 -8.05 20.16 14.08
C ASN A 220 -7.62 20.81 12.75
N ARG A 221 -6.34 20.74 12.42
CA ARG A 221 -5.91 21.18 11.08
C ARG A 221 -6.05 20.08 10.05
N SER A 222 -6.35 18.86 10.50
CA SER A 222 -6.50 17.79 9.51
C SER A 222 -7.63 16.82 9.82
N PHE A 223 -8.24 16.94 11.00
CA PHE A 223 -9.07 15.84 11.48
C PHE A 223 -10.15 16.41 12.39
N SER A 224 -11.40 16.11 12.10
CA SER A 224 -12.48 16.64 12.95
C SER A 224 -13.68 15.70 13.01
N GLU A 225 -13.50 14.45 12.60
CA GLU A 225 -14.60 13.45 12.62
C GLU A 225 -14.91 13.11 14.08
N SER A 226 -16.06 12.49 14.34
CA SER A 226 -16.32 11.95 15.68
C SER A 226 -15.83 10.51 15.71
N VAL A 227 -14.66 10.27 16.31
CA VAL A 227 -14.15 8.91 16.39
C VAL A 227 -15.18 8.05 17.12
N GLU A 228 -15.71 8.57 18.22
CA GLU A 228 -16.69 7.78 18.99
C GLU A 228 -17.85 7.30 18.13
N ASP A 229 -18.45 8.21 17.35
CA ASP A 229 -19.60 7.84 16.53
C ASP A 229 -19.25 6.87 15.41
N ARG A 230 -18.07 7.04 14.84
CA ARG A 230 -17.63 6.10 13.81
C ARG A 230 -17.52 4.69 14.38
N TYR A 231 -16.90 4.58 15.54
CA TYR A 231 -16.70 3.26 16.17
C TYR A 231 -18.05 2.62 16.58
N LYS A 232 -18.98 3.43 17.08
CA LYS A 232 -20.31 2.89 17.39
C LYS A 232 -20.96 2.40 16.10
N ALA A 233 -20.78 3.15 15.01
CA ALA A 233 -21.28 2.74 13.69
C ALA A 233 -20.73 1.38 13.24
N TYR A 234 -19.45 1.11 13.49
CA TYR A 234 -18.92 -0.22 13.18
C TYR A 234 -19.60 -1.29 14.03
N GLY A 235 -19.94 -0.96 15.26
CA GLY A 235 -20.46 -1.96 16.22
C GLY A 235 -19.55 -2.17 17.43
N TRP A 236 -18.67 -1.20 17.68
CA TRP A 236 -17.82 -1.28 18.87
C TRP A 236 -18.53 -0.66 20.06
N GLN A 237 -18.19 -1.11 21.27
CA GLN A 237 -18.52 -0.37 22.47
C GLN A 237 -17.52 0.80 22.60
N VAL A 238 -18.01 2.01 22.89
CA VAL A 238 -17.10 3.14 23.09
C VAL A 238 -17.31 3.71 24.48
N ILE A 239 -16.24 3.85 25.24
CA ILE A 239 -16.30 4.47 26.57
C ILE A 239 -15.38 5.66 26.59
N ARG A 240 -15.85 6.77 27.14
CA ARG A 240 -15.02 7.97 27.21
C ARG A 240 -14.49 8.17 28.62
N VAL A 241 -13.21 8.45 28.74
CA VAL A 241 -12.62 8.89 30.01
C VAL A 241 -12.22 10.35 29.86
N GLU A 242 -12.89 11.24 30.58
CA GLU A 242 -12.68 12.67 30.37
C GLU A 242 -11.36 13.18 30.95
N ASP A 243 -10.90 12.59 32.04
CA ASP A 243 -9.66 13.05 32.68
C ASP A 243 -8.66 11.92 32.65
N GLY A 244 -7.74 11.97 31.69
CA GLY A 244 -6.73 10.95 31.52
C GLY A 244 -5.78 10.74 32.70
N ASN A 245 -5.73 11.68 33.63
CA ASN A 245 -4.93 11.49 34.83
C ASN A 245 -5.73 10.73 35.93
N ASP A 246 -7.01 10.48 35.69
CA ASP A 246 -7.86 9.88 36.73
C ASP A 246 -7.84 8.36 36.55
N ILE A 247 -7.03 7.67 37.34
CA ILE A 247 -6.89 6.24 37.11
C ILE A 247 -8.09 5.46 37.60
N GLU A 248 -8.85 6.04 38.52
CA GLU A 248 -10.10 5.39 38.92
C GLU A 248 -11.10 5.34 37.74
N ALA A 249 -11.22 6.45 37.01
CA ALA A 249 -12.10 6.49 35.84
C ALA A 249 -11.65 5.48 34.77
N ILE A 250 -10.35 5.37 34.59
CA ILE A 250 -9.82 4.45 33.58
C ILE A 250 -10.07 3.02 33.99
N ALA A 251 -9.82 2.71 35.27
CA ALA A 251 -10.11 1.35 35.75
C ALA A 251 -11.60 1.02 35.55
N LYS A 252 -12.50 1.94 35.88
CA LYS A 252 -13.92 1.65 35.66
C LYS A 252 -14.22 1.35 34.20
N ALA A 253 -13.56 2.08 33.30
CA ALA A 253 -13.77 1.89 31.88
C ALA A 253 -13.29 0.50 31.44
N ILE A 254 -12.11 0.12 31.90
CA ILE A 254 -11.58 -1.18 31.51
C ILE A 254 -12.46 -2.30 32.07
N GLU A 255 -12.91 -2.14 33.31
CA GLU A 255 -13.84 -3.13 33.87
C GLU A 255 -15.11 -3.22 33.02
N GLU A 256 -15.64 -2.06 32.65
CA GLU A 256 -16.83 -2.02 31.80
C GLU A 256 -16.58 -2.70 30.44
N ALA A 257 -15.38 -2.50 29.88
CA ALA A 257 -15.03 -3.09 28.60
C ALA A 257 -14.98 -4.62 28.74
N LYS A 258 -14.37 -5.09 29.81
CA LYS A 258 -14.26 -6.52 29.97
C LYS A 258 -15.63 -7.18 30.21
N ALA A 259 -16.59 -6.46 30.76
CA ALA A 259 -17.91 -7.08 31.02
C ALA A 259 -18.77 -7.19 29.74
N ASP A 260 -18.39 -6.46 28.71
CA ASP A 260 -19.16 -6.52 27.47
C ASP A 260 -18.56 -7.63 26.64
N GLU A 261 -19.30 -8.71 26.42
CA GLU A 261 -18.69 -9.85 25.75
C GLU A 261 -18.82 -9.87 24.22
N LYS A 262 -19.71 -9.06 23.68
CA LYS A 262 -20.01 -9.20 22.26
C LYS A 262 -19.42 -8.11 21.37
N ARG A 263 -18.85 -7.06 21.94
CA ARG A 263 -18.33 -5.98 21.10
C ARG A 263 -16.89 -5.67 21.49
N PRO A 264 -16.03 -5.44 20.51
CA PRO A 264 -14.72 -4.87 20.85
C PRO A 264 -14.93 -3.47 21.44
N THR A 265 -14.01 -3.01 22.30
CA THR A 265 -14.22 -1.76 23.02
C THR A 265 -13.12 -0.77 22.68
N LEU A 266 -13.49 0.49 22.42
CA LEU A 266 -12.52 1.56 22.29
C LEU A 266 -12.74 2.43 23.50
N ILE A 267 -11.70 2.63 24.28
CA ILE A 267 -11.77 3.56 25.39
C ILE A 267 -11.05 4.83 24.98
N GLU A 268 -11.79 5.91 24.77
CA GLU A 268 -11.15 7.18 24.38
C GLU A 268 -10.72 7.91 25.66
N VAL A 269 -9.42 8.02 25.87
CA VAL A 269 -8.89 8.63 27.10
C VAL A 269 -8.35 10.00 26.76
N ARG A 270 -9.00 11.04 27.28
CA ARG A 270 -8.65 12.41 26.94
C ARG A 270 -7.44 12.83 27.76
N THR A 271 -6.30 13.00 27.09
CA THR A 271 -5.08 13.38 27.80
C THR A 271 -4.48 14.66 27.27
N THR A 272 -3.51 15.17 28.00
CA THR A 272 -2.71 16.29 27.55
C THR A 272 -1.36 15.78 27.11
N ILE A 273 -1.02 16.00 25.84
CA ILE A 273 0.27 15.51 25.38
C ILE A 273 1.35 16.23 26.17
N GLY A 274 2.42 15.54 26.56
CA GLY A 274 3.49 16.21 27.29
C GLY A 274 2.99 16.77 28.62
N PHE A 275 2.00 16.11 29.21
CA PHE A 275 1.51 16.56 30.52
C PHE A 275 2.66 16.80 31.48
N GLY A 276 2.66 17.96 32.14
CA GLY A 276 3.69 18.31 33.11
C GLY A 276 4.66 19.39 32.63
N SER A 277 4.89 19.42 31.32
CA SER A 277 5.82 20.41 30.73
C SER A 277 5.11 21.75 30.61
N PRO A 278 5.60 22.75 31.34
CA PRO A 278 4.94 24.06 31.32
C PRO A 278 4.89 24.63 29.90
N ASN A 279 5.95 24.44 29.14
CA ASN A 279 6.11 25.13 27.87
C ASN A 279 5.75 24.27 26.66
N LYS A 280 5.73 22.96 26.84
CA LYS A 280 5.43 22.05 25.73
C LYS A 280 4.14 21.24 25.84
N SER A 281 3.51 21.23 27.02
CA SER A 281 2.32 20.41 27.17
C SER A 281 1.23 20.95 26.26
N GLY A 282 0.45 20.03 25.70
CA GLY A 282 -0.64 20.42 24.82
C GLY A 282 -0.17 20.92 23.46
N LYS A 283 1.11 20.76 23.16
CA LYS A 283 1.63 21.24 21.88
C LYS A 283 2.38 20.16 21.12
N SER A 284 2.39 20.28 19.79
CA SER A 284 3.09 19.31 18.98
C SER A 284 4.60 19.35 19.26
N ALA A 285 5.11 20.44 19.83
CA ALA A 285 6.52 20.49 20.23
C ALA A 285 6.92 19.33 21.17
N SER A 286 5.98 18.83 21.95
CA SER A 286 6.30 17.75 22.90
C SER A 286 6.23 16.37 22.21
N HIS A 287 5.71 16.32 20.99
CA HIS A 287 5.54 15.02 20.34
C HIS A 287 6.84 14.28 20.07
N GLY A 288 7.80 14.94 19.43
CA GLY A 288 8.82 14.19 18.70
C GLY A 288 10.30 14.52 18.88
N SER A 289 10.65 15.26 19.91
CA SER A 289 12.07 15.48 20.23
C SER A 289 12.21 15.63 21.74
N PRO A 290 13.45 15.54 22.23
CA PRO A 290 13.69 15.65 23.68
C PRO A 290 13.13 16.95 24.25
N LEU A 291 12.60 16.92 25.48
CA LEU A 291 12.12 18.15 26.12
C LEU A 291 13.22 19.19 26.17
N GLY A 292 14.43 18.72 26.45
CA GLY A 292 15.56 19.62 26.67
C GLY A 292 15.90 19.70 28.16
N VAL A 293 17.12 20.13 28.47
CA VAL A 293 17.61 20.12 29.83
C VAL A 293 16.76 20.96 30.78
N GLU A 294 16.55 22.23 30.43
CA GLU A 294 15.79 23.12 31.31
C GLU A 294 14.32 22.74 31.38
N GLU A 295 13.72 22.39 30.25
CA GLU A 295 12.30 22.01 30.25
C GLU A 295 12.12 20.74 31.11
N THR A 296 13.09 19.82 31.05
CA THR A 296 13.03 18.62 31.89
C THR A 296 13.00 18.98 33.39
N LYS A 297 13.87 19.92 33.81
CA LYS A 297 13.84 20.33 35.20
C LYS A 297 12.48 20.97 35.58
N LEU A 298 11.96 21.82 34.71
CA LEU A 298 10.67 22.45 35.02
C LEU A 298 9.54 21.41 35.10
N THR A 299 9.67 20.37 34.28
CA THR A 299 8.66 19.33 34.25
C THR A 299 8.72 18.52 35.54
N LYS A 300 9.91 18.11 35.96
CA LYS A 300 10.06 17.38 37.22
C LYS A 300 9.50 18.21 38.39
N GLU A 301 9.81 19.48 38.38
CA GLU A 301 9.26 20.41 39.35
C GLU A 301 7.72 20.35 39.35
N ALA A 302 7.13 20.29 38.16
CA ALA A 302 5.66 20.25 38.06
C ALA A 302 5.13 18.96 38.64
N TYR A 303 5.91 17.88 38.50
CA TYR A 303 5.53 16.58 39.09
C TYR A 303 5.77 16.50 40.61
N ALA A 304 6.33 17.55 41.19
CA ALA A 304 6.87 17.49 42.57
C ALA A 304 7.83 16.31 42.66
N TRP A 305 8.63 16.13 41.62
CA TRP A 305 9.60 15.04 41.58
C TRP A 305 10.90 15.64 42.11
N THR A 306 11.37 15.15 43.24
CA THR A 306 12.48 15.80 43.94
C THR A 306 13.86 15.17 43.68
N ALA A 307 13.92 14.00 43.05
CA ALA A 307 15.21 13.35 42.82
C ALA A 307 16.13 14.19 41.94
N GLU A 308 17.38 14.39 42.38
CA GLU A 308 18.34 15.18 41.60
C GLU A 308 19.06 14.37 40.52
N GLN A 309 19.21 13.07 40.70
CA GLN A 309 19.86 12.23 39.70
C GLN A 309 18.89 11.70 38.66
N ASP A 310 19.36 11.60 37.42
CA ASP A 310 18.56 10.99 36.34
C ASP A 310 18.35 9.50 36.51
N PHE A 311 17.28 8.97 35.93
CA PHE A 311 16.97 7.54 35.96
C PHE A 311 16.75 7.05 37.38
N HIS A 312 16.18 7.92 38.21
CA HIS A 312 15.95 7.54 39.61
C HIS A 312 14.67 6.70 39.70
N VAL A 313 14.74 5.55 40.35
CA VAL A 313 13.53 4.79 40.69
C VAL A 313 13.57 4.41 42.18
N ALA A 314 12.51 4.73 42.92
CA ALA A 314 12.44 4.33 44.32
C ALA A 314 12.19 2.83 44.45
N GLU A 315 12.79 2.20 45.45
CA GLU A 315 12.54 0.77 45.65
C GLU A 315 11.06 0.47 45.83
N GLU A 316 10.33 1.35 46.49
CA GLU A 316 8.90 1.12 46.71
C GLU A 316 8.08 1.10 45.41
N VAL A 317 8.58 1.74 44.36
CA VAL A 317 7.97 1.60 43.04
C VAL A 317 8.19 0.21 42.46
N TYR A 318 9.44 -0.28 42.47
CA TYR A 318 9.67 -1.67 42.07
C TYR A 318 8.75 -2.61 42.87
N GLU A 319 8.57 -2.32 44.16
CA GLU A 319 7.78 -3.22 45.00
C GLU A 319 6.31 -3.16 44.61
N ASN A 320 5.84 -1.97 44.30
CA ASN A 320 4.49 -1.80 43.78
C ASN A 320 4.24 -2.70 42.54
N PHE A 321 5.16 -2.67 41.58
CA PHE A 321 5.01 -3.49 40.38
C PHE A 321 5.19 -4.98 40.74
N ARG A 322 6.05 -5.25 41.71
CA ARG A 322 6.29 -6.63 42.13
C ARG A 322 4.99 -7.25 42.66
N LYS A 323 4.25 -6.53 43.50
CA LYS A 323 3.01 -7.05 44.06
C LYS A 323 1.88 -7.10 43.02
N THR A 324 1.77 -6.07 42.19
CA THR A 324 0.62 -5.97 41.29
C THR A 324 0.82 -6.72 39.98
N VAL A 325 2.06 -6.92 39.55
CA VAL A 325 2.31 -7.60 38.27
C VAL A 325 3.01 -8.95 38.47
N GLN A 326 4.20 -8.94 39.07
CA GLN A 326 4.94 -10.21 39.15
C GLN A 326 4.18 -11.24 39.97
N ASP A 327 3.74 -10.89 41.16
CA ASP A 327 3.12 -11.87 42.05
C ASP A 327 1.81 -12.38 41.45
N VAL A 328 1.04 -11.45 40.91
CA VAL A 328 -0.22 -11.80 40.26
C VAL A 328 -0.02 -12.69 39.03
N GLY A 329 0.93 -12.32 38.18
CA GLY A 329 1.19 -13.07 36.98
C GLY A 329 1.76 -14.46 37.26
N GLU A 330 2.64 -14.57 38.24
CA GLU A 330 3.16 -15.89 38.64
C GLU A 330 2.07 -16.83 39.18
N THR A 331 1.20 -16.31 40.02
CA THR A 331 0.03 -17.06 40.48
C THR A 331 -0.86 -17.50 39.31
N ALA A 332 -1.13 -16.57 38.39
CA ALA A 332 -1.99 -16.88 37.26
C ALA A 332 -1.36 -17.98 36.43
N GLN A 333 -0.06 -17.87 36.18
CA GLN A 333 0.60 -18.86 35.34
C GLN A 333 0.65 -20.23 35.99
N ALA A 334 0.87 -20.25 37.31
CA ALA A 334 0.89 -21.50 38.08
C ALA A 334 -0.47 -22.19 38.02
N GLU A 335 -1.54 -21.43 38.22
CA GLU A 335 -2.87 -22.01 38.11
C GLU A 335 -3.15 -22.51 36.71
N TRP A 336 -2.69 -21.77 35.70
CA TRP A 336 -2.89 -22.22 34.32
C TRP A 336 -2.09 -23.51 34.07
N ASN A 337 -0.87 -23.58 34.58
CA ASN A 337 -0.05 -24.78 34.40
C ASN A 337 -0.70 -25.99 35.05
N THR A 338 -1.26 -25.80 36.24
CA THR A 338 -1.96 -26.89 36.92
C THR A 338 -3.17 -27.36 36.11
N MSE A 339 -3.95 -26.42 35.62
CA MSE A 339 -5.10 -26.77 34.79
C MSE A 339 -4.68 -27.52 33.52
O MSE A 339 -5.34 -28.47 33.12
CB MSE A 339 -5.92 -25.53 34.44
CG MSE A 339 -7.04 -25.85 33.43
SE MSE A 339 -8.23 -24.33 33.22
CE MSE A 339 -6.96 -23.09 32.41
N LEU A 340 -3.59 -27.06 32.90
CA LEU A 340 -3.11 -27.69 31.67
C LEU A 340 -2.70 -29.15 31.93
N GLY A 341 -2.12 -29.41 33.09
CA GLY A 341 -1.78 -30.77 33.46
C GLY A 341 -3.02 -31.63 33.52
N GLU A 342 -4.06 -31.11 34.16
CA GLU A 342 -5.31 -31.83 34.30
C GLU A 342 -5.99 -32.03 32.95
N TYR A 343 -5.97 -30.99 32.13
CA TYR A 343 -6.49 -31.06 30.77
C TYR A 343 -5.85 -32.17 30.00
N ALA A 344 -4.53 -32.27 30.11
CA ALA A 344 -3.78 -33.24 29.35
C ALA A 344 -4.12 -34.67 29.78
N GLN A 345 -4.52 -34.84 31.03
CA GLN A 345 -4.94 -36.14 31.54
C GLN A 345 -6.32 -36.49 30.98
N ALA A 346 -7.19 -35.49 30.93
CA ALA A 346 -8.56 -35.69 30.50
C ALA A 346 -8.67 -35.84 28.98
N TYR A 347 -7.82 -35.12 28.24
CA TYR A 347 -7.91 -35.08 26.79
C TYR A 347 -6.51 -35.20 26.21
N PRO A 348 -5.94 -36.40 26.31
CA PRO A 348 -4.52 -36.58 25.98
C PRO A 348 -4.21 -36.23 24.53
N GLU A 349 -5.07 -36.66 23.61
CA GLU A 349 -4.75 -36.45 22.21
C GLU A 349 -4.90 -34.98 21.81
N LEU A 350 -5.96 -34.35 22.30
CA LEU A 350 -6.21 -32.94 22.11
C LEU A 350 -5.06 -32.12 22.69
N ALA A 351 -4.66 -32.43 23.91
CA ALA A 351 -3.57 -31.72 24.58
C ALA A 351 -2.28 -31.88 23.82
N ASN A 352 -2.10 -33.04 23.23
CA ASN A 352 -0.88 -33.29 22.48
C ASN A 352 -0.86 -32.51 21.18
N GLU A 353 -2.00 -32.43 20.53
CA GLU A 353 -2.12 -31.60 19.34
C GLU A 353 -1.85 -30.13 19.67
N LEU A 354 -2.41 -29.66 20.78
CA LEU A 354 -2.17 -28.27 21.21
C LEU A 354 -0.69 -27.98 21.48
N GLN A 355 -0.02 -28.88 22.19
CA GLN A 355 1.40 -28.69 22.47
C GLN A 355 2.21 -28.59 21.18
N ALA A 356 1.89 -29.48 20.24
CA ALA A 356 2.55 -29.47 18.96
C ALA A 356 2.30 -28.14 18.25
N ALA A 357 1.04 -27.72 18.21
CA ALA A 357 0.70 -26.44 17.57
C ALA A 357 1.41 -25.25 18.23
N MSE A 358 1.48 -25.21 19.55
CA MSE A 358 2.14 -24.11 20.25
C MSE A 358 3.61 -24.07 19.89
O MSE A 358 4.27 -23.02 19.97
CB MSE A 358 2.02 -24.23 21.77
CG MSE A 358 0.57 -24.19 22.29
SE MSE A 358 0.38 -24.24 24.26
CE MSE A 358 0.83 -26.10 24.58
N ASN A 359 4.14 -25.23 19.51
CA ASN A 359 5.54 -25.33 19.19
C ASN A 359 5.80 -25.21 17.71
N GLY A 360 4.74 -25.01 16.94
CA GLY A 360 4.87 -24.87 15.50
C GLY A 360 5.30 -26.13 14.77
N LEU A 361 4.96 -27.29 15.31
CA LEU A 361 5.33 -28.55 14.67
C LEU A 361 4.25 -29.12 13.75
N LEU A 362 4.64 -29.46 12.52
CA LEU A 362 3.69 -30.07 11.59
C LEU A 362 3.63 -31.56 11.86
N PRO A 363 2.43 -32.16 11.77
CA PRO A 363 2.31 -33.57 12.15
C PRO A 363 3.18 -34.44 11.25
N GLU A 364 3.80 -35.45 11.85
CA GLU A 364 4.67 -36.36 11.10
C GLU A 364 3.88 -36.93 9.94
N GLY A 365 4.43 -36.85 8.73
CA GLY A 365 3.78 -37.45 7.56
C GLY A 365 2.67 -36.64 6.91
N TRP A 366 2.51 -35.39 7.34
CA TRP A 366 1.41 -34.58 6.82
C TRP A 366 1.50 -34.49 5.30
N GLU A 367 2.72 -34.49 4.79
CA GLU A 367 2.96 -34.23 3.37
C GLU A 367 2.62 -35.42 2.46
N GLN A 368 2.46 -36.60 3.04
CA GLN A 368 2.11 -37.78 2.26
C GLN A 368 0.72 -37.63 1.64
N ASN A 369 -0.03 -36.68 2.16
CA ASN A 369 -1.37 -36.38 1.69
C ASN A 369 -1.42 -35.49 0.44
N LEU A 370 -0.27 -34.98 0.00
CA LEU A 370 -0.28 -33.96 -1.03
C LEU A 370 -0.50 -34.55 -2.43
N PRO A 371 -1.10 -33.76 -3.34
CA PRO A 371 -1.42 -34.22 -4.71
C PRO A 371 -0.20 -34.39 -5.63
N THR A 372 -0.42 -35.10 -6.73
CA THR A 372 0.58 -35.29 -7.78
C THR A 372 -0.10 -35.10 -9.14
N TYR A 373 0.53 -34.34 -10.02
CA TYR A 373 0.01 -34.09 -11.36
C TYR A 373 0.69 -35.00 -12.38
N GLU A 374 -0.12 -35.72 -13.17
CA GLU A 374 0.42 -36.65 -14.14
C GLU A 374 0.83 -35.93 -15.43
N LEU A 375 1.82 -36.48 -16.13
CA LEU A 375 2.11 -36.01 -17.48
C LEU A 375 0.84 -36.11 -18.30
N GLY A 376 0.68 -35.18 -19.23
CA GLY A 376 -0.49 -35.16 -20.06
C GLY A 376 -1.71 -34.65 -19.33
N SER A 377 -1.51 -33.86 -18.27
CA SER A 377 -2.62 -33.19 -17.58
C SER A 377 -2.37 -31.67 -17.57
N LYS A 378 -3.44 -30.90 -17.42
CA LYS A 378 -3.32 -29.44 -17.41
C LYS A 378 -4.04 -28.88 -16.19
N ALA A 379 -3.49 -27.85 -15.57
CA ALA A 379 -4.12 -27.26 -14.38
C ALA A 379 -3.56 -25.87 -14.16
N ALA A 380 -4.43 -24.91 -13.85
CA ALA A 380 -3.98 -23.59 -13.41
C ALA A 380 -3.31 -23.72 -12.06
N THR A 381 -2.26 -22.94 -11.79
CA THR A 381 -1.68 -23.06 -10.46
C THR A 381 -2.56 -22.52 -9.33
N ARG A 382 -3.54 -21.66 -9.61
CA ARG A 382 -4.51 -21.38 -8.54
C ARG A 382 -5.29 -22.64 -8.17
N ASN A 383 -5.54 -23.50 -9.13
CA ASN A 383 -6.31 -24.72 -8.82
C ASN A 383 -5.51 -25.80 -8.14
N SER A 384 -4.24 -25.95 -8.50
CA SER A 384 -3.38 -26.87 -7.77
C SER A 384 -3.15 -26.32 -6.36
N SER A 385 -3.06 -25.00 -6.25
CA SER A 385 -2.97 -24.39 -4.91
C SER A 385 -4.21 -24.73 -4.10
N GLY A 386 -5.38 -24.63 -4.72
CA GLY A 386 -6.62 -24.99 -4.04
C GLY A 386 -6.63 -26.44 -3.59
N ALA A 387 -6.17 -27.33 -4.47
CA ALA A 387 -6.16 -28.75 -4.11
C ALA A 387 -5.21 -28.96 -2.92
N VAL A 388 -4.09 -28.24 -2.93
CA VAL A 388 -3.12 -28.37 -1.85
C VAL A 388 -3.69 -27.84 -0.53
N ILE A 389 -4.36 -26.70 -0.59
CA ILE A 389 -5.01 -26.11 0.59
C ILE A 389 -5.99 -27.13 1.22
N ASN A 390 -6.72 -27.83 0.38
CA ASN A 390 -7.68 -28.81 0.89
C ASN A 390 -7.01 -30.06 1.44
N ALA A 391 -5.88 -30.46 0.86
CA ALA A 391 -5.06 -31.53 1.39
C ALA A 391 -4.45 -31.15 2.76
N ILE A 392 -3.93 -29.93 2.86
CA ILE A 392 -3.37 -29.45 4.12
C ILE A 392 -4.46 -29.38 5.19
N ALA A 393 -5.63 -28.90 4.83
CA ALA A 393 -6.70 -28.75 5.81
C ALA A 393 -6.99 -30.11 6.49
N GLU A 394 -6.88 -31.19 5.71
CA GLU A 394 -7.13 -32.55 6.23
C GLU A 394 -6.01 -33.04 7.12
N SER A 395 -4.77 -32.66 6.83
CA SER A 395 -3.66 -33.26 7.54
C SER A 395 -2.96 -32.36 8.58
N VAL A 396 -3.24 -31.06 8.56
CA VAL A 396 -2.52 -30.12 9.43
C VAL A 396 -3.59 -29.34 10.23
N PRO A 397 -3.80 -29.74 11.49
CA PRO A 397 -4.93 -29.20 12.27
C PRO A 397 -4.82 -27.71 12.58
N SER A 398 -3.61 -27.16 12.49
CA SER A 398 -3.38 -25.76 12.83
C SER A 398 -3.65 -24.76 11.68
N PHE A 399 -4.20 -25.22 10.56
CA PHE A 399 -4.33 -24.38 9.35
C PHE A 399 -5.53 -23.43 9.51
N PHE A 400 -5.38 -22.18 9.12
CA PHE A 400 -6.41 -21.17 9.39
C PHE A 400 -6.16 -20.07 8.36
N GLY A 401 -7.14 -19.72 7.54
CA GLY A 401 -6.89 -18.64 6.58
C GLY A 401 -8.07 -18.33 5.69
N GLY A 402 -7.88 -17.48 4.69
CA GLY A 402 -9.01 -17.09 3.88
C GLY A 402 -8.58 -16.12 2.80
N SER A 403 -9.52 -15.29 2.35
CA SER A 403 -9.30 -14.44 1.20
C SER A 403 -9.96 -13.09 1.41
N ALA A 404 -9.45 -12.06 0.72
CA ALA A 404 -10.07 -10.74 0.72
C ALA A 404 -11.22 -10.64 -0.29
N ASP A 405 -12.33 -11.34 -0.01
CA ASP A 405 -13.56 -11.34 -0.83
C ASP A 405 -13.37 -11.98 -2.19
N LEU A 406 -12.34 -12.80 -2.35
CA LEU A 406 -12.07 -13.44 -3.64
C LEU A 406 -11.87 -14.94 -3.48
N ALA A 407 -12.58 -15.54 -2.51
CA ALA A 407 -12.37 -16.96 -2.20
C ALA A 407 -12.59 -17.83 -3.44
N GLY A 408 -13.69 -17.57 -4.17
CA GLY A 408 -13.99 -18.33 -5.36
C GLY A 408 -12.89 -18.16 -6.39
N SER A 409 -12.37 -16.94 -6.58
CA SER A 409 -11.39 -16.69 -7.64
C SER A 409 -10.00 -17.14 -7.26
N ASN A 410 -9.64 -16.91 -5.99
CA ASN A 410 -8.31 -17.28 -5.50
C ASN A 410 -8.18 -18.77 -5.21
N LYS A 411 -9.32 -19.46 -5.11
CA LYS A 411 -9.38 -20.89 -4.76
C LYS A 411 -8.75 -21.19 -3.40
N THR A 412 -9.07 -20.36 -2.41
CA THR A 412 -8.49 -20.51 -1.10
C THR A 412 -9.38 -21.28 -0.14
N TYR A 413 -10.59 -21.59 -0.57
CA TYR A 413 -11.58 -22.11 0.36
C TYR A 413 -11.30 -23.56 0.78
N MSE A 414 -11.49 -23.86 2.07
CA MSE A 414 -11.35 -25.22 2.59
C MSE A 414 -12.73 -25.88 2.60
O MSE A 414 -13.55 -25.63 3.50
CB MSE A 414 -10.72 -25.20 3.99
CG MSE A 414 -9.25 -24.78 3.99
SE MSE A 414 -8.58 -24.66 5.84
CE MSE A 414 -9.15 -22.82 6.20
N ASN A 415 -13.00 -26.66 1.57
CA ASN A 415 -14.37 -27.11 1.30
C ASN A 415 -15.02 -27.97 2.37
N ASN A 416 -14.22 -28.64 3.18
CA ASN A 416 -14.77 -29.47 4.24
C ASN A 416 -14.70 -28.79 5.60
N GLU A 417 -14.42 -27.49 5.62
CA GLU A 417 -14.35 -26.76 6.88
C GLU A 417 -15.46 -25.71 6.91
N LYS A 418 -15.74 -25.18 8.10
CA LYS A 418 -16.82 -24.23 8.29
C LYS A 418 -16.26 -22.81 8.21
N ASP A 419 -17.14 -21.82 8.18
CA ASP A 419 -16.72 -20.43 8.20
C ASP A 419 -16.48 -19.91 9.61
N PHE A 420 -15.41 -19.12 9.74
CA PHE A 420 -15.08 -18.44 11.00
C PHE A 420 -16.03 -17.26 11.15
N THR A 421 -16.94 -17.32 12.12
CA THR A 421 -17.91 -16.23 12.29
C THR A 421 -18.17 -15.99 13.78
N ARG A 422 -18.87 -14.89 14.06
N ARG A 422 -18.86 -14.90 14.07
CA ARG A 422 -19.24 -14.52 15.42
CA ARG A 422 -19.23 -14.53 15.44
C ARG A 422 -19.99 -15.66 16.11
C ARG A 422 -20.01 -15.65 16.11
N ASP A 423 -20.65 -16.50 15.30
CA ASP A 423 -21.48 -17.59 15.85
C ASP A 423 -20.76 -18.93 15.91
N ASP A 424 -19.60 -19.03 15.26
CA ASP A 424 -18.84 -20.27 15.31
C ASP A 424 -17.37 -19.95 15.13
N TYR A 425 -16.66 -19.73 16.22
CA TYR A 425 -15.27 -19.33 16.12
C TYR A 425 -14.39 -20.53 15.74
N SER A 426 -14.98 -21.72 15.71
CA SER A 426 -14.18 -22.90 15.35
C SER A 426 -14.03 -23.03 13.84
N GLY A 427 -14.82 -22.28 13.07
CA GLY A 427 -14.70 -22.37 11.62
C GLY A 427 -13.31 -21.94 11.16
N LYS A 428 -12.74 -22.60 10.15
CA LYS A 428 -11.36 -22.30 9.71
C LYS A 428 -11.29 -21.34 8.51
N ASN A 429 -12.42 -21.13 7.84
CA ASN A 429 -12.44 -20.29 6.65
C ASN A 429 -12.76 -18.84 7.01
N ILE A 430 -11.82 -17.92 6.74
CA ILE A 430 -11.97 -16.52 7.14
C ILE A 430 -12.41 -15.67 5.95
N TRP A 431 -13.47 -14.88 6.13
CA TRP A 431 -13.96 -13.95 5.11
C TRP A 431 -13.48 -12.55 5.49
N TYR A 432 -12.35 -12.13 4.91
CA TYR A 432 -11.77 -10.83 5.24
C TYR A 432 -12.53 -9.63 4.65
N GLY A 433 -13.34 -9.87 3.63
CA GLY A 433 -14.01 -8.77 2.96
C GLY A 433 -13.00 -8.05 2.06
N VAL A 434 -13.40 -6.92 1.48
CA VAL A 434 -12.50 -6.21 0.57
C VAL A 434 -11.55 -5.32 1.39
N ARG A 435 -10.64 -5.97 2.11
CA ARG A 435 -9.79 -5.30 3.10
C ARG A 435 -8.40 -5.92 3.05
N GLU A 436 -7.68 -5.75 1.94
CA GLU A 436 -6.39 -6.41 1.79
C GLU A 436 -5.37 -6.06 2.88
N PHE A 437 -5.24 -4.77 3.19
CA PHE A 437 -4.26 -4.32 4.18
C PHE A 437 -4.62 -4.90 5.56
N ALA A 438 -5.88 -4.79 5.98
CA ALA A 438 -6.26 -5.35 7.28
C ALA A 438 -6.00 -6.86 7.29
N MSE A 439 -6.25 -7.53 6.18
CA MSE A 439 -5.95 -8.96 6.10
C MSE A 439 -4.46 -9.22 6.37
O MSE A 439 -4.10 -10.05 7.19
CB MSE A 439 -6.33 -9.57 4.74
CG MSE A 439 -5.95 -11.04 4.65
SE MSE A 439 -6.45 -11.80 2.92
CE MSE A 439 -5.19 -10.86 1.75
N GLY A 440 -3.61 -8.51 5.64
CA GLY A 440 -2.18 -8.69 5.82
C GLY A 440 -1.73 -8.46 7.26
N ALA A 441 -2.23 -7.41 7.88
CA ALA A 441 -1.88 -7.15 9.28
C ALA A 441 -2.49 -8.19 10.24
N ALA A 442 -3.75 -8.59 10.02
CA ALA A 442 -4.37 -9.61 10.86
C ALA A 442 -3.57 -10.92 10.80
N MSE A 443 -3.09 -11.26 9.60
CA MSE A 443 -2.29 -12.48 9.42
C MSE A 443 -1.04 -12.42 10.30
O MSE A 443 -0.67 -13.41 10.93
CB MSE A 443 -1.91 -12.63 7.94
CG MSE A 443 -3.10 -13.06 7.03
SE MSE A 443 -2.54 -12.88 5.17
CE MSE A 443 -1.01 -14.15 5.17
N ASN A 444 -0.39 -11.27 10.35
CA ASN A 444 0.73 -11.09 11.28
C ASN A 444 0.31 -11.34 12.75
N GLY A 445 -0.82 -10.78 13.18
CA GLY A 445 -1.33 -11.00 14.54
C GLY A 445 -1.61 -12.48 14.80
N ILE A 446 -2.21 -13.15 13.82
CA ILE A 446 -2.49 -14.57 13.95
C ILE A 446 -1.17 -15.35 14.11
N ALA A 447 -0.18 -15.06 13.27
CA ALA A 447 1.10 -15.75 13.41
C ALA A 447 1.82 -15.41 14.72
N LEU A 448 1.75 -14.15 15.14
CA LEU A 448 2.36 -13.74 16.42
C LEU A 448 1.73 -14.48 17.60
N HIS A 449 0.42 -14.72 17.55
CA HIS A 449 -0.23 -15.34 18.70
C HIS A 449 0.41 -16.72 18.97
N GLY A 450 0.65 -17.47 17.90
CA GLY A 450 1.16 -18.82 18.07
C GLY A 450 0.02 -19.82 18.09
N GLY A 451 0.29 -21.03 17.63
CA GLY A 451 -0.72 -22.07 17.61
C GLY A 451 -1.31 -22.37 16.22
N LEU A 452 -1.09 -21.47 15.27
CA LEU A 452 -1.75 -21.56 13.96
C LEU A 452 -0.79 -21.32 12.80
N LYS A 453 -1.06 -22.02 11.68
CA LYS A 453 -0.38 -21.79 10.41
C LYS A 453 -1.37 -21.05 9.53
N THR A 454 -0.99 -19.88 9.03
CA THR A 454 -1.99 -19.03 8.39
C THR A 454 -1.67 -18.58 6.98
N TYR A 455 -2.72 -18.29 6.21
CA TYR A 455 -2.54 -17.82 4.84
C TYR A 455 -3.66 -16.84 4.46
N GLY A 456 -3.44 -16.07 3.41
CA GLY A 456 -4.47 -15.14 2.94
C GLY A 456 -4.32 -14.95 1.44
N GLY A 457 -5.45 -14.83 0.74
CA GLY A 457 -5.42 -14.71 -0.71
C GLY A 457 -5.98 -13.40 -1.22
N THR A 458 -5.40 -12.91 -2.31
CA THR A 458 -6.05 -11.88 -3.13
C THR A 458 -5.40 -11.96 -4.51
N PHE A 459 -5.89 -11.15 -5.45
CA PHE A 459 -5.23 -11.05 -6.75
C PHE A 459 -3.84 -10.45 -6.53
N PHE A 460 -2.84 -10.98 -7.23
CA PHE A 460 -1.46 -10.53 -7.16
C PHE A 460 -1.37 -9.03 -7.39
N VAL A 461 -2.17 -8.51 -8.30
CA VAL A 461 -2.09 -7.07 -8.60
C VAL A 461 -2.40 -6.21 -7.38
N PHE A 462 -3.25 -6.72 -6.49
CA PHE A 462 -3.59 -6.00 -5.26
C PHE A 462 -2.70 -6.36 -4.09
N SER A 463 -1.64 -7.13 -4.33
CA SER A 463 -0.63 -7.29 -3.28
C SER A 463 -0.14 -5.91 -2.80
N ASP A 464 -0.21 -4.90 -3.68
CA ASP A 464 0.29 -3.56 -3.35
C ASP A 464 -0.51 -2.98 -2.18
N TYR A 465 -1.78 -3.38 -2.06
CA TYR A 465 -2.66 -2.86 -1.01
C TYR A 465 -2.22 -3.31 0.39
N LEU A 466 -1.55 -4.46 0.49
CA LEU A 466 -1.10 -4.92 1.81
C LEU A 466 0.41 -4.87 1.97
N ARG A 467 1.08 -4.21 1.04
CA ARG A 467 2.54 -4.16 1.08
C ARG A 467 3.19 -3.77 2.43
N PRO A 468 2.65 -2.75 3.14
CA PRO A 468 3.34 -2.42 4.41
C PRO A 468 3.26 -3.53 5.46
N ALA A 469 2.22 -4.36 5.39
CA ALA A 469 2.08 -5.49 6.31
C ALA A 469 2.98 -6.66 5.92
N ILE A 470 3.16 -6.90 4.63
CA ILE A 470 4.17 -7.86 4.20
C ILE A 470 5.54 -7.43 4.72
N ARG A 471 5.82 -6.13 4.65
CA ARG A 471 7.12 -5.62 5.12
C ARG A 471 7.31 -5.91 6.62
N LEU A 472 6.26 -5.69 7.42
CA LEU A 472 6.31 -6.08 8.83
C LEU A 472 6.43 -7.60 9.07
N ALA A 473 5.82 -8.43 8.21
CA ALA A 473 5.98 -9.87 8.36
C ALA A 473 7.45 -10.24 8.14
N ALA A 474 8.05 -9.61 7.13
CA ALA A 474 9.43 -9.90 6.77
C ALA A 474 10.36 -9.47 7.91
N LEU A 475 10.08 -8.30 8.49
CA LEU A 475 10.92 -7.77 9.56
C LEU A 475 10.73 -8.59 10.82
N MSE A 476 9.49 -9.00 11.09
CA MSE A 476 9.23 -9.78 12.30
C MSE A 476 9.55 -11.26 12.14
O MSE A 476 9.49 -12.03 13.12
CB MSE A 476 7.77 -9.62 12.72
CG MSE A 476 7.49 -8.28 13.34
SE MSE A 476 5.67 -8.37 14.16
CE MSE A 476 4.60 -7.45 12.78
N GLN A 477 9.89 -11.65 10.92
CA GLN A 477 10.23 -13.04 10.56
C GLN A 477 9.06 -14.00 10.75
N LEU A 478 7.90 -13.60 10.23
CA LEU A 478 6.70 -14.40 10.44
C LEU A 478 6.41 -15.28 9.24
N PRO A 479 6.25 -16.60 9.46
CA PRO A 479 6.05 -17.55 8.37
C PRO A 479 4.61 -17.59 7.87
N VAL A 480 4.09 -16.43 7.46
CA VAL A 480 2.75 -16.38 6.88
C VAL A 480 2.86 -16.73 5.39
N THR A 481 1.74 -17.13 4.78
CA THR A 481 1.76 -17.49 3.36
C THR A 481 0.74 -16.65 2.59
N TYR A 482 1.16 -15.95 1.53
CA TYR A 482 0.23 -15.21 0.67
C TYR A 482 -0.11 -16.02 -0.56
N VAL A 483 -1.40 -16.10 -0.86
CA VAL A 483 -1.87 -16.79 -2.04
C VAL A 483 -2.28 -15.74 -3.09
N PHE A 484 -1.35 -15.44 -4.01
CA PHE A 484 -1.56 -14.33 -4.93
C PHE A 484 -1.85 -14.94 -6.30
N THR A 485 -3.10 -14.90 -6.75
CA THR A 485 -3.45 -15.52 -8.03
C THR A 485 -3.60 -14.47 -9.14
N HIS A 486 -3.93 -14.91 -10.35
CA HIS A 486 -4.11 -13.98 -11.49
C HIS A 486 -2.81 -13.18 -11.66
N ASP A 487 -1.70 -13.89 -11.85
CA ASP A 487 -0.38 -13.31 -11.76
C ASP A 487 0.15 -12.51 -12.95
N SER A 488 -0.59 -12.40 -14.05
CA SER A 488 -0.01 -11.74 -15.24
C SER A 488 -1.04 -11.14 -16.18
N ILE A 489 -0.54 -10.62 -17.32
CA ILE A 489 -1.41 -10.16 -18.38
C ILE A 489 -2.35 -11.26 -18.88
N ALA A 490 -2.05 -12.53 -18.60
CA ALA A 490 -2.99 -13.61 -18.99
C ALA A 490 -4.39 -13.38 -18.43
N VAL A 491 -4.50 -12.55 -17.39
CA VAL A 491 -5.82 -12.22 -16.83
C VAL A 491 -6.80 -11.74 -17.91
N GLY A 492 -6.29 -10.94 -18.85
CA GLY A 492 -7.05 -10.61 -20.05
C GLY A 492 -8.03 -9.43 -19.97
N GLU A 493 -9.32 -9.76 -19.92
CA GLU A 493 -10.36 -8.74 -20.15
C GLU A 493 -10.44 -7.64 -19.07
N ASP A 494 -10.17 -7.99 -17.83
CA ASP A 494 -10.24 -7.02 -16.74
C ASP A 494 -9.26 -5.84 -16.93
N GLY A 495 -8.25 -6.03 -17.75
CA GLY A 495 -7.42 -4.91 -18.21
C GLY A 495 -6.24 -4.54 -17.32
N PRO A 496 -5.57 -3.41 -17.64
CA PRO A 496 -4.27 -3.09 -17.04
C PRO A 496 -4.33 -2.83 -15.52
N THR A 497 -5.44 -2.29 -15.00
CA THR A 497 -5.55 -2.12 -13.54
C THR A 497 -5.54 -3.44 -12.80
N HIS A 498 -5.79 -4.53 -13.52
CA HIS A 498 -5.91 -5.84 -12.92
C HIS A 498 -4.80 -6.80 -13.33
N GLU A 499 -3.82 -6.28 -14.06
CA GLU A 499 -2.74 -7.14 -14.57
C GLU A 499 -1.39 -6.77 -13.95
N PRO A 500 -0.83 -7.66 -13.13
CA PRO A 500 0.48 -7.42 -12.51
C PRO A 500 1.56 -7.24 -13.56
N ILE A 501 2.53 -6.34 -13.32
CA ILE A 501 3.70 -6.23 -14.17
C ILE A 501 4.93 -6.20 -13.24
N GLU A 502 4.94 -5.23 -12.34
CA GLU A 502 6.10 -4.96 -11.50
C GLU A 502 6.01 -5.67 -10.13
N GLN A 503 4.89 -6.31 -9.84
CA GLN A 503 4.68 -6.92 -8.52
C GLN A 503 5.74 -7.96 -8.12
N LEU A 504 6.24 -8.75 -9.06
CA LEU A 504 7.27 -9.74 -8.72
C LEU A 504 8.54 -9.03 -8.27
N ALA A 505 9.02 -8.08 -9.06
CA ALA A 505 10.24 -7.37 -8.72
C ALA A 505 10.11 -6.67 -7.37
N ALA A 506 8.93 -6.09 -7.14
CA ALA A 506 8.71 -5.30 -5.93
C ALA A 506 8.83 -6.18 -4.69
N LEU A 507 8.41 -7.44 -4.80
CA LEU A 507 8.58 -8.38 -3.68
C LEU A 507 9.96 -9.03 -3.61
N ARG A 508 10.55 -9.32 -4.76
CA ARG A 508 11.85 -9.97 -4.82
C ARG A 508 12.93 -9.08 -4.23
N ALA A 509 12.72 -7.76 -4.29
CA ALA A 509 13.71 -6.83 -3.76
C ALA A 509 13.67 -6.70 -2.23
N MSE A 510 12.57 -7.13 -1.62
CA MSE A 510 12.38 -6.92 -0.18
C MSE A 510 13.13 -7.96 0.65
O MSE A 510 13.04 -9.15 0.37
CB MSE A 510 10.87 -7.00 0.18
CG MSE A 510 10.58 -6.64 1.66
SE MSE A 510 8.67 -6.85 1.98
CE MSE A 510 7.96 -5.26 1.10
N PRO A 511 13.88 -7.52 1.68
CA PRO A 511 14.62 -8.48 2.50
C PRO A 511 13.67 -9.48 3.15
N ASN A 512 14.11 -10.72 3.23
CA ASN A 512 13.41 -11.74 4.01
C ASN A 512 11.97 -12.03 3.59
N VAL A 513 11.74 -12.07 2.28
N VAL A 513 11.75 -12.07 2.28
CA VAL A 513 10.46 -12.54 1.75
CA VAL A 513 10.48 -12.53 1.72
C VAL A 513 10.74 -13.55 0.67
C VAL A 513 10.82 -13.58 0.70
N SER A 514 10.20 -14.75 0.80
CA SER A 514 10.40 -15.74 -0.25
C SER A 514 9.30 -15.61 -1.30
N VAL A 515 9.70 -15.57 -2.56
CA VAL A 515 8.75 -15.42 -3.65
C VAL A 515 8.86 -16.64 -4.56
N ILE A 516 7.79 -17.42 -4.64
CA ILE A 516 7.82 -18.64 -5.43
C ILE A 516 6.72 -18.59 -6.48
N ARG A 517 7.12 -18.76 -7.74
CA ARG A 517 6.22 -18.68 -8.88
C ARG A 517 6.23 -20.01 -9.63
N PRO A 518 5.43 -20.98 -9.16
CA PRO A 518 5.55 -22.35 -9.68
C PRO A 518 5.19 -22.49 -11.17
N ALA A 519 5.90 -23.37 -11.87
CA ALA A 519 5.74 -23.50 -13.33
C ALA A 519 4.60 -24.43 -13.74
N ASP A 520 4.15 -25.28 -12.82
CA ASP A 520 3.06 -26.21 -13.11
C ASP A 520 2.49 -26.76 -11.81
N GLY A 521 1.60 -27.74 -11.93
CA GLY A 521 0.92 -28.27 -10.75
C GLY A 521 1.89 -28.82 -9.73
N ASN A 522 2.87 -29.58 -10.20
CA ASN A 522 3.81 -30.20 -9.26
C ASN A 522 4.71 -29.17 -8.57
N GLU A 523 5.17 -28.17 -9.32
CA GLU A 523 6.01 -27.15 -8.71
C GLU A 523 5.19 -26.43 -7.65
N SER A 524 3.90 -26.28 -7.88
CA SER A 524 3.06 -25.55 -6.91
C SER A 524 2.87 -26.35 -5.62
N VAL A 525 2.86 -27.67 -5.72
CA VAL A 525 2.72 -28.50 -4.52
C VAL A 525 3.98 -28.34 -3.67
N ALA A 526 5.13 -28.40 -4.33
CA ALA A 526 6.43 -28.19 -3.68
C ALA A 526 6.52 -26.78 -3.07
N ALA A 527 6.01 -25.79 -3.79
CA ALA A 527 6.06 -24.40 -3.29
C ALA A 527 5.23 -24.26 -2.01
N TRP A 528 4.05 -24.89 -1.98
CA TRP A 528 3.20 -24.83 -0.79
C TRP A 528 3.89 -25.54 0.35
N ARG A 529 4.52 -26.67 0.04
CA ARG A 529 5.21 -27.39 1.07
C ARG A 529 6.29 -26.49 1.71
N LEU A 530 7.01 -25.75 0.87
CA LEU A 530 8.08 -24.88 1.37
C LEU A 530 7.51 -23.69 2.16
N ALA A 531 6.35 -23.20 1.72
CA ALA A 531 5.65 -22.13 2.44
C ALA A 531 5.22 -22.61 3.83
N LEU A 532 4.62 -23.80 3.89
CA LEU A 532 4.13 -24.31 5.17
C LEU A 532 5.26 -24.64 6.16
N GLU A 533 6.42 -25.05 5.64
CA GLU A 533 7.54 -25.46 6.49
C GLU A 533 8.35 -24.25 6.98
N SER A 534 8.09 -23.09 6.39
CA SER A 534 8.83 -21.88 6.78
C SER A 534 8.70 -21.64 8.29
N THR A 535 9.76 -21.14 8.92
CA THR A 535 9.67 -20.77 10.33
C THR A 535 10.02 -19.31 10.57
N ASN A 536 10.70 -18.68 9.61
CA ASN A 536 11.24 -17.35 9.86
C ASN A 536 11.06 -16.34 8.72
N LYS A 537 10.20 -16.62 7.75
CA LYS A 537 9.99 -15.63 6.71
C LYS A 537 8.66 -15.85 6.00
N PRO A 538 8.01 -14.75 5.59
CA PRO A 538 6.74 -14.91 4.88
C PRO A 538 7.05 -15.43 3.48
N THR A 539 6.08 -16.13 2.89
CA THR A 539 6.25 -16.72 1.55
C THR A 539 5.09 -16.27 0.67
N ALA A 540 5.41 -15.67 -0.48
CA ALA A 540 4.40 -15.25 -1.44
C ALA A 540 4.33 -16.27 -2.58
N LEU A 541 3.17 -16.91 -2.73
CA LEU A 541 2.96 -17.89 -3.80
C LEU A 541 2.29 -17.18 -4.98
N VAL A 542 2.93 -17.20 -6.14
CA VAL A 542 2.43 -16.43 -7.27
C VAL A 542 1.86 -17.38 -8.33
N LEU A 543 0.56 -17.26 -8.58
CA LEU A 543 -0.23 -18.34 -9.19
C LEU A 543 -1.05 -17.85 -10.36
N THR A 544 -1.32 -18.77 -11.31
CA THR A 544 -2.02 -18.41 -12.55
C THR A 544 -3.52 -18.58 -12.48
N ARG A 545 -4.19 -17.76 -13.29
CA ARG A 545 -5.59 -17.95 -13.59
C ARG A 545 -5.72 -19.05 -14.63
N GLN A 546 -4.79 -19.09 -15.57
CA GLN A 546 -4.94 -20.00 -16.72
C GLN A 546 -4.25 -21.35 -16.56
N ASP A 547 -4.77 -22.37 -17.25
CA ASP A 547 -4.25 -23.74 -17.15
C ASP A 547 -2.82 -23.84 -17.67
N LEU A 548 -1.98 -24.60 -16.99
CA LEU A 548 -0.61 -24.83 -17.43
C LEU A 548 -0.41 -26.32 -17.64
N PRO A 549 0.43 -26.69 -18.62
CA PRO A 549 0.66 -28.13 -18.82
C PRO A 549 1.66 -28.67 -17.79
N THR A 550 1.52 -29.94 -17.44
CA THR A 550 2.46 -30.57 -16.53
C THR A 550 3.81 -30.79 -17.23
N LEU A 551 4.90 -30.33 -16.62
CA LEU A 551 6.23 -30.43 -17.23
C LEU A 551 6.96 -31.74 -16.94
N GLU A 552 7.49 -32.40 -17.97
CA GLU A 552 8.26 -33.62 -17.77
C GLU A 552 9.44 -33.40 -16.84
N GLY A 553 10.13 -32.27 -17.00
CA GLY A 553 11.34 -31.97 -16.26
C GLY A 553 11.07 -31.61 -14.80
N ALA A 554 9.81 -31.31 -14.49
CA ALA A 554 9.46 -30.93 -13.11
C ALA A 554 8.87 -32.09 -12.33
N LYS A 555 8.59 -33.20 -13.01
CA LYS A 555 7.74 -34.27 -12.44
C LYS A 555 8.42 -35.07 -11.33
N ASP A 556 9.68 -35.45 -11.54
CA ASP A 556 10.42 -36.25 -10.57
C ASP A 556 11.21 -35.37 -9.61
N ASP A 557 11.19 -35.69 -8.32
N ASP A 557 11.19 -35.71 -8.32
CA ASP A 557 12.02 -35.03 -7.32
CA ASP A 557 12.01 -35.04 -7.31
C ASP A 557 11.68 -33.53 -7.24
C ASP A 557 11.69 -33.54 -7.26
N THR A 558 10.40 -33.21 -7.43
CA THR A 558 9.98 -31.81 -7.54
C THR A 558 10.33 -30.96 -6.32
N TYR A 559 10.10 -31.51 -5.14
CA TYR A 559 10.37 -30.80 -3.91
C TYR A 559 11.83 -30.38 -3.82
N GLU A 560 12.73 -31.31 -4.10
CA GLU A 560 14.15 -30.97 -4.04
C GLU A 560 14.54 -29.99 -5.13
N LYS A 561 13.91 -30.06 -6.29
CA LYS A 561 14.21 -29.11 -7.38
C LYS A 561 13.78 -27.69 -7.00
N VAL A 562 12.53 -27.55 -6.59
CA VAL A 562 12.00 -26.24 -6.24
C VAL A 562 12.73 -25.66 -5.01
N ALA A 563 13.07 -26.51 -4.05
CA ALA A 563 13.85 -26.07 -2.90
C ALA A 563 15.16 -25.41 -3.29
N LYS A 564 15.76 -25.81 -4.40
CA LYS A 564 17.01 -25.21 -4.89
C LYS A 564 16.77 -23.84 -5.52
N GLY A 565 15.51 -23.51 -5.79
CA GLY A 565 15.18 -22.19 -6.35
C GLY A 565 15.25 -22.07 -7.85
N ALA A 566 16.30 -22.63 -8.45
CA ALA A 566 16.38 -22.79 -9.90
C ALA A 566 17.05 -24.13 -10.15
N TYR A 567 16.67 -24.79 -11.23
CA TYR A 567 17.23 -26.08 -11.58
C TYR A 567 17.06 -26.28 -13.08
N VAL A 568 17.79 -27.24 -13.64
CA VAL A 568 17.69 -27.49 -15.08
C VAL A 568 16.46 -28.34 -15.32
N VAL A 569 15.45 -27.72 -15.93
CA VAL A 569 14.19 -28.39 -16.16
C VAL A 569 14.27 -29.18 -17.47
N SER A 570 15.14 -28.74 -18.39
CA SER A 570 15.29 -29.42 -19.67
C SER A 570 16.72 -29.28 -20.17
N ALA A 571 17.49 -30.36 -20.04
CA ALA A 571 18.93 -30.27 -20.30
C ALA A 571 19.24 -30.05 -21.77
N SER A 572 20.39 -29.43 -22.06
CA SER A 572 20.90 -29.38 -23.43
C SER A 572 21.48 -30.74 -23.79
N LYS A 573 21.69 -30.98 -25.07
CA LYS A 573 22.30 -32.24 -25.50
C LYS A 573 23.80 -32.28 -25.17
N LYS A 574 24.49 -31.19 -25.46
CA LYS A 574 25.92 -31.08 -25.19
C LYS A 574 26.16 -30.78 -23.73
N GLU A 575 27.36 -31.07 -23.25
CA GLU A 575 27.71 -30.74 -21.88
C GLU A 575 27.65 -29.23 -21.71
N THR A 576 28.15 -28.51 -22.72
CA THR A 576 28.12 -27.04 -22.68
C THR A 576 27.12 -26.53 -23.68
N ALA A 577 26.03 -25.95 -23.17
CA ALA A 577 24.95 -25.43 -23.98
C ALA A 577 25.42 -24.28 -24.88
N ASP A 578 24.73 -24.09 -26.01
CA ASP A 578 24.92 -22.91 -26.84
C ASP A 578 24.30 -21.69 -26.18
N VAL A 579 23.18 -21.93 -25.49
CA VAL A 579 22.42 -20.84 -24.84
C VAL A 579 21.68 -21.42 -23.64
N ILE A 580 21.47 -20.61 -22.60
CA ILE A 580 20.61 -21.01 -21.50
C ILE A 580 19.35 -20.18 -21.55
N LEU A 581 18.18 -20.83 -21.56
CA LEU A 581 16.91 -20.13 -21.42
C LEU A 581 16.47 -20.20 -19.96
N LEU A 582 16.19 -19.05 -19.35
CA LEU A 582 15.71 -19.00 -17.98
C LEU A 582 14.26 -18.58 -17.99
N ALA A 583 13.43 -19.23 -17.17
CA ALA A 583 12.04 -18.83 -17.14
C ALA A 583 11.43 -19.20 -15.81
N THR A 584 10.26 -18.62 -15.53
CA THR A 584 9.56 -18.89 -14.28
C THR A 584 8.08 -19.08 -14.58
N GLY A 585 7.37 -19.74 -13.66
CA GLY A 585 5.93 -19.84 -13.76
C GLY A 585 5.43 -20.27 -15.13
N SER A 586 4.43 -19.57 -15.63
CA SER A 586 3.76 -19.91 -16.88
C SER A 586 4.68 -19.80 -18.11
N GLU A 587 5.86 -19.22 -17.94
CA GLU A 587 6.79 -19.10 -19.08
C GLU A 587 7.73 -20.30 -19.27
N VAL A 588 7.76 -21.23 -18.31
CA VAL A 588 8.69 -22.36 -18.44
C VAL A 588 8.27 -23.25 -19.59
N SER A 589 6.96 -23.50 -19.73
CA SER A 589 6.48 -24.31 -20.85
C SER A 589 6.84 -23.63 -22.18
N LEU A 590 6.73 -22.31 -22.24
CA LEU A 590 7.10 -21.57 -23.45
C LEU A 590 8.59 -21.76 -23.75
N ALA A 591 9.43 -21.65 -22.72
CA ALA A 591 10.85 -21.82 -22.91
C ALA A 591 11.20 -23.23 -23.41
N VAL A 592 10.50 -24.24 -22.89
CA VAL A 592 10.73 -25.61 -23.32
C VAL A 592 10.35 -25.79 -24.82
N GLU A 593 9.22 -25.24 -25.23
CA GLU A 593 8.83 -25.24 -26.64
C GLU A 593 9.85 -24.52 -27.49
N ALA A 594 10.36 -23.41 -26.99
CA ALA A 594 11.41 -22.68 -27.70
C ALA A 594 12.71 -23.49 -27.80
N GLN A 595 13.06 -24.24 -26.76
CA GLN A 595 14.24 -25.10 -26.83
C GLN A 595 14.12 -26.12 -27.97
N LYS A 596 12.93 -26.71 -28.10
CA LYS A 596 12.68 -27.65 -29.21
C LYS A 596 12.85 -27.00 -30.57
N ALA A 597 12.26 -25.83 -30.74
CA ALA A 597 12.36 -25.13 -32.00
C ALA A 597 13.79 -24.64 -32.29
N LEU A 598 14.53 -24.29 -31.24
CA LEU A 598 15.92 -23.89 -31.43
C LEU A 598 16.79 -25.09 -31.89
N ALA A 599 16.51 -26.27 -31.35
CA ALA A 599 17.33 -27.44 -31.64
C ALA A 599 17.20 -27.84 -33.12
N VAL A 600 16.03 -27.58 -33.69
CA VAL A 600 15.81 -27.85 -35.11
C VAL A 600 16.77 -27.00 -35.93
N ASP A 601 17.05 -25.79 -35.45
CA ASP A 601 17.94 -24.89 -36.16
C ASP A 601 19.38 -24.99 -35.66
N GLY A 602 19.73 -26.10 -35.05
CA GLY A 602 21.11 -26.33 -34.61
C GLY A 602 21.59 -25.54 -33.41
N VAL A 603 20.67 -24.96 -32.65
CA VAL A 603 21.03 -24.24 -31.41
C VAL A 603 20.65 -25.10 -30.21
N ASP A 604 21.64 -25.47 -29.41
CA ASP A 604 21.44 -26.42 -28.33
C ASP A 604 21.26 -25.64 -27.04
N ALA A 605 20.00 -25.53 -26.60
CA ALA A 605 19.67 -24.71 -25.44
C ALA A 605 19.43 -25.58 -24.21
N SER A 606 19.86 -25.09 -23.06
CA SER A 606 19.43 -25.60 -21.77
C SER A 606 18.22 -24.76 -21.30
N VAL A 607 17.29 -25.38 -20.56
CA VAL A 607 16.20 -24.62 -19.94
C VAL A 607 16.23 -24.72 -18.42
N VAL A 608 16.22 -23.55 -17.78
CA VAL A 608 16.28 -23.50 -16.32
C VAL A 608 14.96 -22.94 -15.81
N SER A 609 14.31 -23.68 -14.94
CA SER A 609 13.12 -23.17 -14.27
C SER A 609 13.61 -22.55 -12.98
N MSE A 610 13.21 -21.29 -12.73
CA MSE A 610 13.61 -20.58 -11.53
C MSE A 610 12.38 -20.17 -10.71
O MSE A 610 12.01 -19.00 -10.67
CB MSE A 610 14.42 -19.32 -11.91
CG MSE A 610 14.91 -18.50 -10.73
SE MSE A 610 16.33 -17.21 -11.25
CE MSE A 610 17.91 -18.35 -11.44
N PRO A 611 11.73 -21.13 -10.06
CA PRO A 611 10.55 -20.76 -9.28
C PRO A 611 10.89 -19.79 -8.14
N SER A 612 12.13 -19.74 -7.64
CA SER A 612 12.44 -18.76 -6.58
C SER A 612 13.85 -18.20 -6.65
N MSE A 613 13.98 -16.92 -6.99
CA MSE A 613 15.31 -16.30 -7.02
C MSE A 613 15.93 -16.34 -5.62
O MSE A 613 17.11 -16.64 -5.46
CB MSE A 613 15.27 -14.84 -7.49
CG MSE A 613 14.77 -14.63 -8.92
SE MSE A 613 15.01 -12.74 -9.43
CE MSE A 613 14.46 -12.93 -11.29
N ASP A 614 15.14 -16.03 -4.61
CA ASP A 614 15.71 -15.96 -3.26
C ASP A 614 16.24 -17.32 -2.80
N ARG A 615 15.54 -18.40 -3.09
CA ARG A 615 16.06 -19.72 -2.70
C ARG A 615 17.31 -20.09 -3.51
N PHE A 616 17.34 -19.66 -4.77
CA PHE A 616 18.51 -19.95 -5.60
C PHE A 616 19.75 -19.25 -5.06
N GLU A 617 19.59 -17.98 -4.72
CA GLU A 617 20.69 -17.18 -4.19
C GLU A 617 21.31 -17.77 -2.94
N ALA A 618 20.52 -18.54 -2.18
CA ALA A 618 20.99 -19.18 -0.95
C ALA A 618 21.80 -20.45 -1.22
N GLN A 619 21.88 -20.88 -2.47
CA GLN A 619 22.54 -22.17 -2.74
C GLN A 619 24.07 -21.99 -2.78
N THR A 620 24.82 -23.09 -2.80
CA THR A 620 26.28 -22.97 -2.82
C THR A 620 26.75 -22.53 -4.20
N ALA A 621 27.96 -22.00 -4.25
CA ALA A 621 28.55 -21.57 -5.52
C ALA A 621 28.64 -22.74 -6.48
N GLU A 622 28.99 -23.91 -5.96
CA GLU A 622 29.03 -25.12 -6.77
C GLU A 622 27.66 -25.42 -7.38
N TYR A 623 26.60 -25.33 -6.59
CA TYR A 623 25.27 -25.63 -7.15
C TYR A 623 24.90 -24.62 -8.25
N LYS A 624 25.10 -23.33 -7.98
CA LYS A 624 24.76 -22.28 -8.93
C LYS A 624 25.52 -22.46 -10.23
N GLU A 625 26.80 -22.79 -10.12
CA GLU A 625 27.62 -23.04 -11.31
C GLU A 625 27.08 -24.20 -12.15
N SER A 626 26.46 -25.17 -11.50
CA SER A 626 25.95 -26.33 -12.22
C SER A 626 24.69 -26.00 -13.02
N VAL A 627 23.96 -24.97 -12.58
CA VAL A 627 22.74 -24.54 -13.26
C VAL A 627 23.02 -23.45 -14.30
N LEU A 628 23.83 -22.47 -13.91
CA LEU A 628 24.19 -21.34 -14.75
C LEU A 628 25.72 -21.27 -14.87
N PRO A 629 26.32 -22.13 -15.71
CA PRO A 629 27.79 -22.20 -15.84
C PRO A 629 28.37 -20.85 -16.27
N LYS A 630 29.41 -20.38 -15.59
CA LYS A 630 29.99 -19.07 -15.89
C LYS A 630 30.52 -18.97 -17.33
N ALA A 631 30.88 -20.10 -17.90
CA ALA A 631 31.39 -20.15 -19.26
C ALA A 631 30.32 -19.89 -20.31
N VAL A 632 29.06 -20.13 -19.96
CA VAL A 632 27.98 -19.89 -20.92
C VAL A 632 27.43 -18.49 -20.67
N THR A 633 27.77 -17.55 -21.54
CA THR A 633 27.32 -16.17 -21.35
C THR A 633 26.15 -15.79 -22.24
N LYS A 634 25.76 -16.68 -23.13
CA LYS A 634 24.52 -16.46 -23.89
C LYS A 634 23.33 -16.98 -23.05
N ARG A 635 22.60 -16.04 -22.48
CA ARG A 635 21.54 -16.32 -21.52
C ARG A 635 20.32 -15.48 -21.86
N PHE A 636 19.16 -16.11 -21.92
CA PHE A 636 17.93 -15.43 -22.32
C PHE A 636 16.82 -15.74 -21.30
N ALA A 637 16.32 -14.71 -20.61
CA ALA A 637 15.27 -14.91 -19.62
C ALA A 637 13.90 -14.56 -20.18
N ILE A 638 12.89 -15.29 -19.73
CA ILE A 638 11.54 -15.12 -20.23
C ILE A 638 10.58 -15.10 -19.05
N GLU A 639 9.83 -14.00 -18.88
CA GLU A 639 8.88 -13.86 -17.77
C GLU A 639 7.90 -12.75 -18.09
N MSE A 640 6.60 -13.01 -17.90
CA MSE A 640 5.60 -11.96 -18.13
C MSE A 640 5.51 -11.06 -16.91
O MSE A 640 4.55 -11.12 -16.14
CB MSE A 640 4.25 -12.59 -18.47
CG MSE A 640 4.38 -13.41 -19.78
SE MSE A 640 2.66 -13.82 -20.61
CE MSE A 640 1.79 -14.73 -19.17
N GLY A 641 6.53 -10.23 -16.75
CA GLY A 641 6.62 -9.26 -15.67
C GLY A 641 7.78 -8.34 -16.03
N ALA A 642 7.99 -7.31 -15.21
CA ALA A 642 9.05 -6.35 -15.48
C ALA A 642 10.41 -7.04 -15.69
N THR A 643 11.27 -6.43 -16.51
CA THR A 643 12.61 -7.00 -16.73
C THR A 643 13.54 -6.73 -15.55
N PHE A 644 13.15 -5.78 -14.70
CA PHE A 644 13.96 -5.37 -13.54
C PHE A 644 14.43 -6.58 -12.72
N GLY A 645 15.75 -6.67 -12.50
CA GLY A 645 16.29 -7.73 -11.67
C GLY A 645 16.86 -8.94 -12.41
N TRP A 646 16.49 -9.08 -13.67
CA TRP A 646 16.90 -10.26 -14.41
C TRP A 646 18.36 -10.27 -14.83
N HIS A 647 18.98 -9.10 -14.90
N HIS A 647 18.98 -9.10 -14.90
CA HIS A 647 20.36 -9.03 -15.37
CA HIS A 647 20.36 -9.02 -15.36
C HIS A 647 21.37 -9.59 -14.38
C HIS A 647 21.37 -9.59 -14.38
N ARG A 648 20.90 -9.88 -13.17
CA ARG A 648 21.69 -10.60 -12.20
C ARG A 648 22.03 -11.98 -12.80
N TYR A 649 21.13 -12.52 -13.61
CA TYR A 649 21.32 -13.84 -14.21
C TYR A 649 21.73 -13.78 -15.68
N VAL A 650 21.22 -12.81 -16.44
CA VAL A 650 21.57 -12.83 -17.85
C VAL A 650 22.79 -12.00 -18.20
N GLY A 651 23.14 -11.02 -17.37
CA GLY A 651 24.38 -10.28 -17.57
C GLY A 651 24.31 -9.28 -18.71
N LEU A 652 25.43 -8.62 -19.00
CA LEU A 652 25.52 -7.64 -20.08
C LEU A 652 25.33 -8.25 -21.47
N GLU A 653 25.78 -9.49 -21.64
CA GLU A 653 25.70 -10.11 -22.95
C GLU A 653 24.43 -10.90 -23.18
N GLY A 654 23.60 -11.07 -22.15
CA GLY A 654 22.37 -11.83 -22.31
C GLY A 654 21.22 -10.90 -22.64
N ASP A 655 20.00 -11.39 -22.56
CA ASP A 655 18.83 -10.55 -22.85
C ASP A 655 17.63 -11.11 -22.10
N VAL A 656 16.54 -10.33 -22.06
CA VAL A 656 15.34 -10.67 -21.29
C VAL A 656 14.12 -10.29 -22.13
N LEU A 657 13.20 -11.23 -22.25
CA LEU A 657 11.89 -10.94 -22.81
C LEU A 657 10.92 -10.77 -21.62
N GLY A 658 10.60 -9.52 -21.32
CA GLY A 658 9.73 -9.20 -20.20
C GLY A 658 8.65 -8.26 -20.68
N ILE A 659 8.04 -7.54 -19.74
CA ILE A 659 7.03 -6.54 -20.04
C ILE A 659 7.31 -5.31 -19.19
N ASP A 660 7.64 -4.20 -19.84
CA ASP A 660 7.95 -2.98 -19.12
C ASP A 660 6.97 -1.86 -19.42
N THR A 661 5.75 -2.27 -19.79
CA THR A 661 4.65 -1.32 -19.94
C THR A 661 3.49 -1.93 -19.17
N PHE A 662 2.40 -1.18 -19.02
CA PHE A 662 1.21 -1.80 -18.46
C PHE A 662 0.49 -2.71 -19.48
N GLY A 663 -0.53 -3.42 -19.03
CA GLY A 663 -1.20 -4.43 -19.86
C GLY A 663 -2.32 -3.86 -20.70
N ALA A 664 -3.36 -4.66 -20.95
CA ALA A 664 -4.41 -4.26 -21.87
C ALA A 664 -5.69 -5.00 -21.53
N SER A 665 -6.82 -4.52 -22.06
CA SER A 665 -8.09 -5.22 -21.93
C SER A 665 -8.40 -5.99 -23.21
N ALA A 666 -8.33 -7.32 -23.12
CA ALA A 666 -8.52 -8.21 -24.26
C ALA A 666 -8.43 -9.66 -23.74
N PRO A 667 -8.92 -10.63 -24.52
CA PRO A 667 -8.68 -12.04 -24.13
C PRO A 667 -7.18 -12.23 -23.82
N GLY A 668 -6.85 -12.99 -22.78
CA GLY A 668 -5.47 -13.10 -22.33
C GLY A 668 -4.52 -13.63 -23.38
N GLU A 669 -4.95 -14.63 -24.16
CA GLU A 669 -4.10 -15.18 -25.23
C GLU A 669 -3.73 -14.15 -26.27
N LYS A 670 -4.66 -13.26 -26.57
CA LYS A 670 -4.35 -12.18 -27.50
C LYS A 670 -3.24 -11.25 -26.96
N ILE A 671 -3.37 -10.85 -25.69
CA ILE A 671 -2.37 -9.94 -25.12
C ILE A 671 -1.00 -10.62 -25.12
N MSE A 672 -0.99 -11.89 -24.75
CA MSE A 672 0.25 -12.63 -24.63
C MSE A 672 0.94 -12.69 -25.98
O MSE A 672 2.15 -12.46 -26.10
CB MSE A 672 -0.04 -14.04 -24.13
CG MSE A 672 -0.42 -14.05 -22.67
SE MSE A 672 -0.82 -15.86 -22.07
CE MSE A 672 0.89 -16.67 -22.44
N GLU A 673 0.14 -12.96 -27.00
CA GLU A 673 0.62 -12.92 -28.39
C GLU A 673 1.21 -11.56 -28.75
N GLU A 674 0.43 -10.49 -28.56
CA GLU A 674 0.88 -9.16 -28.94
C GLU A 674 2.10 -8.69 -28.15
N TYR A 675 2.21 -9.11 -26.90
CA TYR A 675 3.35 -8.71 -26.07
C TYR A 675 4.59 -9.58 -26.32
N GLY A 676 4.52 -10.49 -27.28
CA GLY A 676 5.70 -11.22 -27.73
C GLY A 676 5.99 -12.56 -27.08
N PHE A 677 5.05 -13.09 -26.30
CA PHE A 677 5.23 -14.38 -25.63
C PHE A 677 4.75 -15.54 -26.50
N THR A 678 5.50 -15.74 -27.57
CA THR A 678 5.25 -16.83 -28.50
C THR A 678 6.57 -17.50 -28.80
N VAL A 679 6.49 -18.74 -29.25
CA VAL A 679 7.72 -19.46 -29.61
C VAL A 679 8.48 -18.73 -30.70
N GLU A 680 7.76 -18.29 -31.72
CA GLU A 680 8.41 -17.60 -32.83
C GLU A 680 9.22 -16.41 -32.34
N ASN A 681 8.63 -15.59 -31.48
CA ASN A 681 9.32 -14.40 -31.00
C ASN A 681 10.52 -14.74 -30.10
N VAL A 682 10.35 -15.74 -29.23
CA VAL A 682 11.46 -16.13 -28.37
C VAL A 682 12.64 -16.57 -29.25
N VAL A 683 12.37 -17.43 -30.22
CA VAL A 683 13.39 -17.94 -31.12
C VAL A 683 14.14 -16.83 -31.86
N ARG A 684 13.38 -15.88 -32.40
CA ARG A 684 13.96 -14.74 -33.08
C ARG A 684 14.90 -13.97 -32.17
N LYS A 685 14.45 -13.69 -30.95
CA LYS A 685 15.23 -12.80 -30.10
C LYS A 685 16.49 -13.51 -29.62
N VAL A 686 16.40 -14.83 -29.48
CA VAL A 686 17.54 -15.63 -29.02
C VAL A 686 18.62 -15.62 -30.10
N LYS A 687 18.20 -15.78 -31.35
CA LYS A 687 19.14 -15.76 -32.48
C LYS A 687 19.80 -14.40 -32.67
N GLU A 688 19.05 -13.31 -32.55
CA GLU A 688 19.64 -11.97 -32.64
C GLU A 688 20.76 -11.82 -31.61
N MSE A 689 20.60 -12.50 -30.49
CA MSE A 689 21.53 -12.36 -29.40
C MSE A 689 22.78 -13.23 -29.55
O MSE A 689 23.82 -12.96 -28.95
CB MSE A 689 20.81 -12.68 -28.09
CG MSE A 689 21.65 -12.56 -26.86
SE MSE A 689 21.14 -13.97 -25.64
CE MSE A 689 20.53 -15.20 -26.96
N LEU A 690 22.70 -14.27 -30.38
CA LEU A 690 23.83 -15.18 -30.57
C LEU A 690 24.95 -14.53 -31.37
N HIS B 27 -45.29 3.11 -21.34
CA HIS B 27 -44.58 3.71 -20.21
C HIS B 27 -43.78 4.96 -20.61
N SER B 28 -43.12 5.56 -19.62
CA SER B 28 -42.44 6.84 -19.81
C SER B 28 -41.20 6.72 -20.68
N ILE B 29 -40.79 7.82 -21.30
CA ILE B 29 -39.53 7.85 -22.02
C ILE B 29 -38.36 7.62 -21.05
N GLU B 30 -38.49 8.09 -19.80
CA GLU B 30 -37.47 7.85 -18.78
C GLU B 30 -37.24 6.36 -18.57
N GLN B 31 -38.32 5.62 -18.39
CA GLN B 31 -38.22 4.18 -18.16
C GLN B 31 -37.66 3.47 -19.39
N LEU B 32 -38.04 3.93 -20.57
CA LEU B 32 -37.52 3.32 -21.79
C LEU B 32 -36.02 3.54 -21.90
N SER B 33 -35.57 4.75 -21.60
CA SER B 33 -34.14 5.10 -21.68
C SER B 33 -33.36 4.24 -20.70
N ILE B 34 -33.91 4.11 -19.51
CA ILE B 34 -33.33 3.29 -18.47
C ILE B 34 -33.22 1.82 -18.87
N ASN B 35 -34.29 1.27 -19.41
CA ASN B 35 -34.22 -0.12 -19.84
C ASN B 35 -33.31 -0.31 -21.05
N THR B 36 -33.15 0.74 -21.86
CA THR B 36 -32.15 0.72 -22.92
C THR B 36 -30.74 0.63 -22.35
N ILE B 37 -30.45 1.42 -21.31
CA ILE B 37 -29.15 1.32 -20.66
C ILE B 37 -28.95 -0.13 -20.22
N ARG B 38 -30.00 -0.72 -19.64
CA ARG B 38 -29.89 -2.06 -19.09
C ARG B 38 -29.65 -3.12 -20.17
N THR B 39 -30.41 -3.05 -21.26
CA THR B 39 -30.28 -4.06 -22.33
C THR B 39 -28.98 -3.92 -23.15
N LEU B 40 -28.54 -2.68 -23.38
CA LEU B 40 -27.25 -2.47 -24.04
C LEU B 40 -26.12 -3.07 -23.20
N SER B 41 -26.18 -2.85 -21.89
CA SER B 41 -25.15 -3.38 -21.02
C SER B 41 -25.13 -4.90 -21.10
N ILE B 42 -26.30 -5.50 -20.95
CA ILE B 42 -26.44 -6.96 -20.99
C ILE B 42 -25.97 -7.53 -22.33
N ASP B 43 -26.43 -6.95 -23.44
CA ASP B 43 -26.02 -7.43 -24.76
C ASP B 43 -24.51 -7.30 -25.00
N ALA B 44 -23.91 -6.19 -24.57
CA ALA B 44 -22.47 -6.01 -24.75
C ALA B 44 -21.68 -7.03 -23.93
N ILE B 45 -22.16 -7.34 -22.73
CA ILE B 45 -21.48 -8.31 -21.89
C ILE B 45 -21.67 -9.74 -22.46
N GLU B 46 -22.88 -10.04 -22.95
CA GLU B 46 -23.13 -11.29 -23.66
C GLU B 46 -22.16 -11.48 -24.83
N LYS B 47 -22.05 -10.47 -25.67
CA LYS B 47 -21.20 -10.55 -26.85
C LYS B 47 -19.73 -10.77 -26.48
N ALA B 48 -19.25 -10.03 -25.46
CA ALA B 48 -17.86 -10.19 -25.00
C ALA B 48 -17.65 -11.50 -24.24
N ASN B 49 -18.75 -12.10 -23.80
CA ASN B 49 -18.70 -13.23 -22.91
C ASN B 49 -17.78 -12.91 -21.71
N SER B 50 -17.82 -11.67 -21.26
CA SER B 50 -17.00 -11.24 -20.13
C SER B 50 -17.60 -9.95 -19.57
N GLY B 51 -17.49 -9.76 -18.25
CA GLY B 51 -17.97 -8.54 -17.65
C GLY B 51 -19.06 -8.74 -16.61
N HIS B 52 -19.49 -7.63 -16.04
CA HIS B 52 -20.32 -7.57 -14.83
C HIS B 52 -21.65 -6.88 -15.10
N PRO B 53 -22.75 -7.66 -15.18
CA PRO B 53 -24.03 -7.05 -15.58
C PRO B 53 -24.91 -6.56 -14.42
N GLY B 54 -24.65 -7.08 -13.23
CA GLY B 54 -25.55 -6.85 -12.11
C GLY B 54 -25.66 -5.40 -11.71
N MSE B 55 -24.52 -4.73 -11.65
N MSE B 55 -24.50 -4.74 -11.61
CA MSE B 55 -24.55 -3.36 -11.20
CA MSE B 55 -24.45 -3.33 -11.21
C MSE B 55 -25.16 -2.37 -12.21
C MSE B 55 -25.17 -2.41 -12.20
O MSE B 55 -25.94 -1.50 -11.82
O MSE B 55 -26.03 -1.63 -11.80
CB MSE B 55 -23.19 -2.93 -10.69
CB MSE B 55 -23.01 -2.87 -10.97
CG MSE B 55 -23.26 -1.56 -10.09
CG MSE B 55 -22.84 -1.35 -11.07
SE MSE B 55 -22.88 -0.32 -11.51
SE MSE B 55 -21.59 -0.48 -9.84
CE MSE B 55 -21.10 0.06 -10.83
CE MSE B 55 -21.98 1.36 -10.40
N PRO B 56 -24.81 -2.50 -13.49
CA PRO B 56 -25.55 -1.72 -14.50
C PRO B 56 -27.07 -1.90 -14.36
N MSE B 57 -27.51 -3.12 -14.12
CA MSE B 57 -28.94 -3.40 -14.01
C MSE B 57 -29.57 -2.72 -12.80
O MSE B 57 -30.67 -2.16 -12.88
CB MSE B 57 -29.21 -4.90 -13.99
CG MSE B 57 -28.94 -5.59 -15.33
SE MSE B 57 -28.48 -7.48 -15.09
CE MSE B 57 -30.28 -8.23 -15.08
N GLY B 58 -28.88 -2.77 -11.67
CA GLY B 58 -29.42 -2.19 -10.44
C GLY B 58 -29.28 -0.67 -10.42
N ALA B 59 -28.18 -0.17 -10.98
CA ALA B 59 -27.85 1.25 -10.88
C ALA B 59 -28.33 2.10 -12.05
N ALA B 60 -28.84 1.47 -13.11
CA ALA B 60 -29.27 2.23 -14.27
C ALA B 60 -30.18 3.42 -13.91
N PRO B 61 -31.21 3.21 -13.07
CA PRO B 61 -32.10 4.35 -12.80
C PRO B 61 -31.43 5.52 -12.08
N MSE B 62 -30.67 5.24 -11.04
CA MSE B 62 -30.00 6.33 -10.33
C MSE B 62 -29.03 7.04 -11.27
O MSE B 62 -28.96 8.27 -11.25
CB MSE B 62 -29.28 5.83 -9.07
CG MSE B 62 -27.84 5.35 -9.29
SE MSE B 62 -27.11 4.62 -7.61
CE MSE B 62 -28.02 2.92 -7.50
N ALA B 63 -28.31 6.29 -12.09
CA ALA B 63 -27.28 6.87 -12.95
C ALA B 63 -27.91 7.71 -14.07
N TYR B 64 -28.99 7.19 -14.64
CA TYR B 64 -29.75 7.93 -15.63
C TYR B 64 -30.21 9.29 -15.07
N THR B 65 -30.73 9.27 -13.85
CA THR B 65 -31.24 10.48 -13.21
C THR B 65 -30.14 11.51 -13.02
N LEU B 66 -29.04 11.08 -12.41
CA LEU B 66 -27.88 11.94 -12.27
C LEU B 66 -27.45 12.51 -13.62
N TRP B 67 -27.26 11.63 -14.59
CA TRP B 67 -26.68 12.01 -15.87
C TRP B 67 -27.51 13.01 -16.67
N THR B 68 -28.82 12.84 -16.66
CA THR B 68 -29.71 13.59 -17.54
C THR B 68 -30.44 14.71 -16.81
N GLN B 69 -30.51 14.64 -15.49
CA GLN B 69 -31.28 15.63 -14.74
C GLN B 69 -30.48 16.59 -13.90
N PHE B 70 -29.23 16.26 -13.60
CA PHE B 70 -28.45 17.08 -12.67
C PHE B 70 -27.07 17.47 -13.19
N MSE B 71 -26.35 16.51 -13.76
CA MSE B 71 -25.00 16.76 -14.28
C MSE B 71 -24.94 17.76 -15.43
O MSE B 71 -25.72 17.69 -16.37
CB MSE B 71 -24.38 15.45 -14.75
CG MSE B 71 -23.63 14.74 -13.65
SE MSE B 71 -22.82 13.10 -14.29
CE MSE B 71 -21.62 13.77 -15.61
N LYS B 72 -24.00 18.70 -15.36
CA LYS B 72 -23.82 19.62 -16.47
C LYS B 72 -22.57 19.22 -17.27
N HIS B 73 -22.79 18.81 -18.51
CA HIS B 73 -21.69 18.26 -19.31
C HIS B 73 -22.03 18.33 -20.78
N ASN B 74 -20.99 18.47 -21.59
CA ASN B 74 -21.15 18.61 -23.03
C ASN B 74 -20.49 17.44 -23.76
N PRO B 75 -21.28 16.48 -24.23
CA PRO B 75 -20.77 15.31 -24.97
C PRO B 75 -19.88 15.72 -26.16
N ASN B 76 -20.17 16.87 -26.76
N ASN B 76 -20.17 16.86 -26.77
CA ASN B 76 -19.39 17.34 -27.91
CA ASN B 76 -19.39 17.34 -27.91
C ASN B 76 -18.02 17.88 -27.49
C ASN B 76 -18.05 17.95 -27.49
N ASN B 77 -17.90 18.22 -26.21
N ASN B 77 -17.93 18.30 -26.21
CA ASN B 77 -16.68 18.81 -25.66
CA ASN B 77 -16.67 18.79 -25.66
C ASN B 77 -16.38 18.19 -24.29
C ASN B 77 -16.43 18.17 -24.28
N PRO B 78 -16.03 16.89 -24.26
CA PRO B 78 -15.86 16.16 -23.00
C PRO B 78 -14.71 16.67 -22.12
N THR B 79 -13.85 17.56 -22.60
CA THR B 79 -12.83 18.15 -21.74
C THR B 79 -13.17 19.57 -21.28
N TRP B 80 -14.40 20.03 -21.50
CA TRP B 80 -14.83 21.34 -21.00
C TRP B 80 -14.38 21.53 -19.54
N PHE B 81 -13.60 22.58 -19.29
CA PHE B 81 -12.94 22.73 -18.00
C PHE B 81 -13.92 22.84 -16.81
N ASN B 82 -15.09 23.43 -17.04
CA ASN B 82 -16.04 23.62 -15.96
C ASN B 82 -17.21 22.64 -15.94
N ARG B 83 -17.08 21.52 -16.64
CA ARG B 83 -18.09 20.47 -16.56
C ARG B 83 -18.14 19.84 -15.16
N ASP B 84 -19.30 19.31 -14.76
CA ASP B 84 -19.34 18.48 -13.58
C ASP B 84 -18.51 17.23 -13.88
N ARG B 85 -17.70 16.80 -12.91
CA ARG B 85 -16.85 15.63 -13.11
C ARG B 85 -17.57 14.40 -12.59
N PHE B 86 -17.23 13.26 -13.15
CA PHE B 86 -17.89 12.02 -12.76
C PHE B 86 -16.88 10.88 -12.66
N VAL B 87 -16.92 10.17 -11.53
CA VAL B 87 -16.04 9.01 -11.34
C VAL B 87 -16.83 7.74 -11.05
N LEU B 88 -16.69 6.73 -11.89
CA LEU B 88 -17.36 5.46 -11.63
C LEU B 88 -16.43 4.64 -10.76
N SER B 89 -16.55 4.80 -9.44
CA SER B 89 -15.61 4.20 -8.49
C SER B 89 -15.77 2.68 -8.51
N ALA B 90 -17.02 2.26 -8.67
CA ALA B 90 -17.30 0.85 -8.87
C ALA B 90 -17.00 0.52 -10.34
N GLY B 91 -15.72 0.48 -10.69
CA GLY B 91 -15.26 0.41 -12.08
C GLY B 91 -15.72 -0.80 -12.88
N HIS B 92 -16.02 -1.90 -12.18
CA HIS B 92 -16.54 -3.10 -12.84
C HIS B 92 -17.90 -2.86 -13.55
N GLY B 93 -18.69 -1.89 -13.08
CA GLY B 93 -19.92 -1.54 -13.76
C GLY B 93 -19.71 -0.72 -15.05
N SER B 94 -18.59 -0.95 -15.71
CA SER B 94 -18.18 -0.09 -16.82
C SER B 94 -19.20 0.01 -17.98
N MSE B 95 -19.98 -1.03 -18.25
CA MSE B 95 -20.97 -0.92 -19.35
C MSE B 95 -22.04 0.13 -19.03
O MSE B 95 -22.63 0.75 -19.93
CB MSE B 95 -21.64 -2.25 -19.70
CG MSE B 95 -20.88 -3.06 -20.75
SE MSE B 95 -20.50 -2.06 -22.39
CE MSE B 95 -22.29 -1.40 -22.85
N LEU B 96 -22.28 0.32 -17.75
CA LEU B 96 -23.21 1.36 -17.34
C LEU B 96 -22.70 2.69 -17.87
N LEU B 97 -21.42 2.97 -17.65
CA LEU B 97 -20.84 4.21 -18.14
C LEU B 97 -20.79 4.28 -19.68
N TYR B 98 -20.34 3.20 -20.33
CA TYR B 98 -20.22 3.22 -21.79
C TYR B 98 -21.58 3.41 -22.46
N SER B 99 -22.61 2.79 -21.87
CA SER B 99 -23.98 2.98 -22.34
C SER B 99 -24.41 4.43 -22.28
N LEU B 100 -24.23 5.05 -21.11
CA LEU B 100 -24.57 6.45 -20.94
C LEU B 100 -23.79 7.35 -21.92
N LEU B 101 -22.49 7.09 -22.06
CA LEU B 101 -21.68 7.90 -22.98
C LEU B 101 -22.18 7.78 -24.42
N HIS B 102 -22.40 6.54 -24.85
CA HIS B 102 -22.91 6.32 -26.19
C HIS B 102 -24.27 6.98 -26.42
N LEU B 103 -25.20 6.75 -25.51
CA LEU B 103 -26.56 7.23 -25.69
C LEU B 103 -26.62 8.76 -25.69
N SER B 104 -25.67 9.38 -24.99
CA SER B 104 -25.63 10.82 -24.79
C SER B 104 -24.97 11.54 -25.93
N GLY B 105 -24.32 10.82 -26.83
CA GLY B 105 -23.68 11.47 -27.95
C GLY B 105 -22.20 11.74 -27.80
N TYR B 106 -21.59 11.17 -26.76
CA TYR B 106 -20.13 11.21 -26.68
C TYR B 106 -19.54 10.32 -27.78
N ASP B 107 -18.26 10.50 -28.06
CA ASP B 107 -17.55 9.74 -29.09
C ASP B 107 -17.29 8.29 -28.67
N VAL B 108 -18.37 7.58 -28.33
CA VAL B 108 -18.34 6.15 -28.09
C VAL B 108 -19.44 5.53 -28.97
N THR B 109 -19.05 4.78 -29.99
CA THR B 109 -20.03 4.34 -30.98
C THR B 109 -20.67 3.01 -30.63
N MSE B 110 -21.70 2.65 -31.38
CA MSE B 110 -22.32 1.32 -31.23
C MSE B 110 -21.31 0.21 -31.50
O MSE B 110 -21.30 -0.79 -30.80
CB MSE B 110 -23.53 1.17 -32.16
CG MSE B 110 -24.30 -0.11 -31.90
SE MSE B 110 -24.96 -0.33 -30.07
CE MSE B 110 -26.40 0.95 -30.01
N ASP B 111 -20.48 0.36 -32.53
N ASP B 111 -20.46 0.38 -32.51
CA ASP B 111 -19.44 -0.62 -32.81
CA ASP B 111 -19.41 -0.60 -32.81
C ASP B 111 -18.47 -0.71 -31.61
C ASP B 111 -18.45 -0.71 -31.62
N ASP B 112 -18.16 0.42 -30.99
CA ASP B 112 -17.34 0.42 -29.76
C ASP B 112 -18.01 -0.47 -28.69
N LEU B 113 -19.30 -0.27 -28.46
CA LEU B 113 -20.01 -1.10 -27.50
C LEU B 113 -19.90 -2.59 -27.86
N LYS B 114 -19.97 -2.88 -29.16
CA LYS B 114 -19.89 -4.26 -29.65
C LYS B 114 -18.47 -4.83 -29.54
N ASN B 115 -17.53 -3.97 -29.17
CA ASN B 115 -16.16 -4.39 -28.95
C ASN B 115 -15.69 -4.25 -27.50
N PHE B 116 -16.65 -4.29 -26.58
CA PHE B 116 -16.40 -4.26 -25.14
C PHE B 116 -15.37 -5.33 -24.80
N ARG B 117 -14.32 -4.94 -24.09
CA ARG B 117 -13.29 -5.86 -23.58
C ARG B 117 -12.43 -6.52 -24.66
N GLN B 118 -12.45 -5.98 -25.88
CA GLN B 118 -11.66 -6.55 -26.98
C GLN B 118 -10.38 -5.74 -27.26
N TRP B 119 -9.39 -6.43 -27.83
CA TRP B 119 -8.09 -5.84 -28.12
C TRP B 119 -8.24 -4.52 -28.85
N GLY B 120 -7.63 -3.48 -28.31
CA GLY B 120 -7.64 -2.17 -28.93
C GLY B 120 -8.94 -1.39 -28.93
N SER B 121 -9.99 -1.89 -28.27
CA SER B 121 -11.29 -1.19 -28.32
C SER B 121 -11.31 0.06 -27.43
N LYS B 122 -12.28 0.94 -27.67
CA LYS B 122 -12.42 2.11 -26.81
C LYS B 122 -13.25 1.79 -25.58
N THR B 123 -13.56 0.51 -25.40
CA THR B 123 -14.42 0.09 -24.29
C THR B 123 -13.75 -1.02 -23.48
N PRO B 124 -12.63 -0.71 -22.81
CA PRO B 124 -11.91 -1.71 -22.01
C PRO B 124 -12.73 -2.14 -20.79
N GLY B 125 -12.41 -3.31 -20.23
CA GLY B 125 -13.14 -3.88 -19.10
C GLY B 125 -13.38 -2.96 -17.91
N HIS B 126 -12.40 -2.12 -17.59
CA HIS B 126 -12.58 -1.05 -16.58
C HIS B 126 -12.30 0.30 -17.25
N PRO B 127 -12.94 1.37 -16.78
CA PRO B 127 -12.80 2.70 -17.39
C PRO B 127 -11.36 3.17 -17.40
N GLU B 128 -10.91 3.70 -18.53
CA GLU B 128 -9.54 4.16 -18.67
C GLU B 128 -9.51 5.59 -19.15
N TYR B 129 -9.12 6.50 -18.25
CA TYR B 129 -8.96 7.90 -18.60
C TYR B 129 -7.95 8.00 -19.72
N GLY B 130 -8.22 8.87 -20.70
CA GLY B 130 -7.31 9.05 -21.81
C GLY B 130 -7.55 8.10 -22.99
N HIS B 131 -8.28 7.02 -22.74
N HIS B 131 -8.29 7.02 -22.75
CA HIS B 131 -8.54 6.01 -23.75
CA HIS B 131 -8.54 6.01 -23.78
C HIS B 131 -9.92 6.20 -24.39
C HIS B 131 -9.98 6.02 -24.30
N THR B 132 -10.87 6.73 -23.61
CA THR B 132 -12.28 6.76 -24.01
C THR B 132 -12.83 8.15 -23.77
N ALA B 133 -13.47 8.72 -24.79
CA ALA B 133 -14.04 10.05 -24.65
C ALA B 133 -15.00 10.09 -23.48
N GLY B 134 -14.89 11.12 -22.63
CA GLY B 134 -15.83 11.32 -21.54
C GLY B 134 -15.50 10.58 -20.25
N VAL B 135 -14.49 9.72 -20.25
CA VAL B 135 -14.08 9.06 -19.00
C VAL B 135 -13.14 9.95 -18.18
N ASP B 136 -13.54 10.30 -16.97
CA ASP B 136 -12.81 11.31 -16.19
C ASP B 136 -11.67 10.71 -15.35
N ALA B 137 -11.73 9.42 -15.07
CA ALA B 137 -10.73 8.80 -14.21
C ALA B 137 -10.68 7.31 -14.50
N THR B 138 -9.50 6.73 -14.38
CA THR B 138 -9.35 5.29 -14.47
C THR B 138 -9.72 4.68 -13.13
N THR B 139 -10.57 3.66 -13.14
CA THR B 139 -10.92 3.03 -11.87
C THR B 139 -10.83 1.51 -12.03
N GLY B 140 -11.20 0.76 -11.00
CA GLY B 140 -11.05 -0.69 -11.01
C GLY B 140 -10.47 -1.17 -9.69
N PRO B 141 -9.37 -0.55 -9.26
CA PRO B 141 -8.87 -0.87 -7.91
C PRO B 141 -9.80 -0.19 -6.91
N LEU B 142 -10.51 -1.00 -6.14
CA LEU B 142 -11.61 -0.48 -5.31
C LEU B 142 -11.11 0.50 -4.24
N GLY B 143 -12.00 1.39 -3.84
CA GLY B 143 -11.67 2.42 -2.86
C GLY B 143 -11.14 3.70 -3.52
N GLN B 144 -10.32 3.54 -4.55
CA GLN B 144 -9.61 4.70 -5.10
C GLN B 144 -10.45 5.68 -5.87
N GLY B 145 -11.52 5.20 -6.49
CA GLY B 145 -12.41 6.10 -7.20
C GLY B 145 -12.95 7.22 -6.30
N ILE B 146 -13.49 6.83 -5.16
CA ILE B 146 -13.94 7.83 -4.20
C ILE B 146 -12.80 8.78 -3.80
N ALA B 147 -11.64 8.23 -3.47
CA ALA B 147 -10.56 9.06 -3.00
C ALA B 147 -10.03 10.00 -4.10
N THR B 148 -10.04 9.52 -5.34
CA THR B 148 -9.71 10.36 -6.50
C THR B 148 -10.70 11.53 -6.68
N ALA B 149 -11.98 11.22 -6.54
CA ALA B 149 -13.03 12.22 -6.60
C ALA B 149 -12.83 13.28 -5.52
N VAL B 150 -12.41 12.87 -4.34
CA VAL B 150 -12.15 13.86 -3.29
C VAL B 150 -11.10 14.87 -3.80
N GLY B 151 -10.06 14.35 -4.43
CA GLY B 151 -9.00 15.20 -4.97
C GLY B 151 -9.51 16.16 -6.04
N MSE B 152 -10.40 15.68 -6.90
CA MSE B 152 -11.00 16.54 -7.90
C MSE B 152 -11.80 17.64 -7.25
O MSE B 152 -11.77 18.77 -7.73
CB MSE B 152 -11.88 15.75 -8.85
CG MSE B 152 -11.12 14.66 -9.56
SE MSE B 152 -12.26 13.73 -10.90
CE MSE B 152 -11.56 14.70 -12.48
N ALA B 153 -12.56 17.30 -6.19
CA ALA B 153 -13.32 18.30 -5.46
C ALA B 153 -12.40 19.34 -4.80
N MSE B 154 -11.31 18.90 -4.21
CA MSE B 154 -10.35 19.86 -3.64
C MSE B 154 -9.84 20.85 -4.70
O MSE B 154 -9.79 22.05 -4.46
CB MSE B 154 -9.14 19.13 -3.01
CG MSE B 154 -9.57 18.22 -1.86
SE MSE B 154 -8.16 16.99 -1.29
CE MSE B 154 -6.68 18.26 -0.92
N ALA B 155 -9.44 20.34 -5.86
CA ALA B 155 -8.94 21.17 -6.95
C ALA B 155 -9.97 22.20 -7.39
N GLU B 156 -11.21 21.74 -7.59
CA GLU B 156 -12.31 22.65 -7.95
C GLU B 156 -12.49 23.83 -6.98
N ARG B 157 -12.47 23.55 -5.66
CA ARG B 157 -12.60 24.65 -4.69
C ARG B 157 -11.36 25.53 -4.62
N HIS B 158 -10.18 24.92 -4.74
CA HIS B 158 -8.96 25.70 -4.73
C HIS B 158 -8.97 26.66 -5.92
N LEU B 159 -9.31 26.12 -7.08
CA LEU B 159 -9.30 26.93 -8.29
C LEU B 159 -10.36 28.01 -8.25
N ALA B 160 -11.53 27.66 -7.76
CA ALA B 160 -12.59 28.67 -7.58
C ALA B 160 -12.12 29.82 -6.69
N ALA B 161 -11.48 29.49 -5.57
CA ALA B 161 -11.03 30.52 -4.64
C ALA B 161 -9.98 31.40 -5.31
N LYS B 162 -9.09 30.78 -6.09
CA LYS B 162 -8.01 31.54 -6.72
C LYS B 162 -8.50 32.45 -7.86
N TYR B 163 -9.46 31.98 -8.65
CA TYR B 163 -9.83 32.67 -9.90
C TYR B 163 -11.16 33.41 -9.92
N ASN B 164 -12.16 32.91 -9.20
CA ASN B 164 -13.46 33.58 -9.21
C ASN B 164 -13.37 34.98 -8.62
N ARG B 165 -14.06 35.94 -9.25
CA ARG B 165 -14.10 37.30 -8.73
C ARG B 165 -15.50 37.81 -8.87
N ASP B 166 -16.04 38.37 -7.80
CA ASP B 166 -17.37 38.99 -7.87
C ASP B 166 -18.38 37.96 -8.38
N ALA B 167 -19.13 38.33 -9.40
CA ALA B 167 -20.14 37.45 -9.96
C ALA B 167 -19.57 36.55 -11.07
N TYR B 168 -18.26 36.60 -11.27
CA TYR B 168 -17.61 35.74 -12.28
C TYR B 168 -17.23 34.42 -11.60
N ASN B 169 -18.19 33.53 -11.55
CA ASN B 169 -17.97 32.21 -10.98
C ASN B 169 -17.39 31.29 -12.08
N ILE B 170 -16.15 31.56 -12.47
CA ILE B 170 -15.52 30.85 -13.59
C ILE B 170 -15.30 29.35 -13.33
N VAL B 171 -14.90 29.00 -12.12
CA VAL B 171 -14.76 27.61 -11.72
C VAL B 171 -15.88 27.35 -10.74
N ASP B 172 -16.84 26.53 -11.17
CA ASP B 172 -18.05 26.35 -10.35
C ASP B 172 -18.75 25.11 -10.84
N HIS B 173 -18.39 23.97 -10.29
CA HIS B 173 -19.00 22.74 -10.70
C HIS B 173 -18.94 21.69 -9.61
N TYR B 174 -19.58 20.58 -9.89
CA TYR B 174 -19.77 19.51 -8.94
C TYR B 174 -18.85 18.33 -9.26
N THR B 175 -18.70 17.43 -8.30
CA THR B 175 -17.95 16.21 -8.51
C THR B 175 -18.83 15.07 -8.05
N TYR B 176 -19.17 14.17 -8.98
CA TYR B 176 -20.05 13.08 -8.62
C TYR B 176 -19.33 11.78 -8.75
N ALA B 177 -19.76 10.78 -7.98
CA ALA B 177 -19.21 9.43 -8.13
C ALA B 177 -20.27 8.38 -7.86
N ILE B 178 -20.11 7.20 -8.43
CA ILE B 178 -20.95 6.08 -8.02
C ILE B 178 -20.05 5.02 -7.47
N CYS B 179 -20.41 4.47 -6.32
CA CYS B 179 -19.58 3.49 -5.65
C CYS B 179 -20.44 2.35 -5.16
N GLY B 180 -19.80 1.22 -4.80
CA GLY B 180 -20.53 0.09 -4.25
C GLY B 180 -19.99 -0.28 -2.89
N ASP B 181 -20.43 -1.42 -2.36
CA ASP B 181 -20.00 -1.88 -1.06
C ASP B 181 -18.50 -2.10 -0.96
N GLY B 182 -17.91 -2.73 -1.97
CA GLY B 182 -16.47 -2.95 -1.98
C GLY B 182 -15.64 -1.69 -1.79
N ASP B 183 -16.01 -0.62 -2.48
CA ASP B 183 -15.36 0.68 -2.30
C ASP B 183 -15.34 1.10 -0.84
N LEU B 184 -16.43 0.83 -0.14
CA LEU B 184 -16.58 1.41 1.20
C LEU B 184 -15.98 0.53 2.28
N MSE B 185 -15.60 -0.69 1.93
CA MSE B 185 -14.80 -1.51 2.83
C MSE B 185 -13.31 -1.19 2.81
O MSE B 185 -12.62 -1.49 3.78
CB MSE B 185 -14.97 -3.01 2.52
CG MSE B 185 -16.21 -3.60 3.11
SE MSE B 185 -16.33 -5.53 2.79
CE MSE B 185 -17.47 -5.45 1.24
N GLU B 186 -12.81 -0.60 1.71
CA GLU B 186 -11.39 -0.30 1.57
C GLU B 186 -10.99 0.88 2.45
N GLY B 187 -9.86 0.76 3.11
CA GLY B 187 -9.38 1.83 3.96
C GLY B 187 -9.16 3.15 3.24
N VAL B 188 -8.77 3.13 1.97
CA VAL B 188 -8.47 4.40 1.29
C VAL B 188 -9.72 5.26 1.18
N SER B 189 -10.89 4.64 1.07
CA SER B 189 -12.10 5.45 0.94
C SER B 189 -12.45 6.05 2.30
N ALA B 190 -12.14 5.33 3.37
CA ALA B 190 -12.35 5.84 4.73
C ALA B 190 -11.47 7.07 4.99
N GLU B 191 -10.19 6.97 4.66
CA GLU B 191 -9.28 8.11 4.79
C GLU B 191 -9.79 9.32 4.00
N ALA B 192 -10.12 9.08 2.73
CA ALA B 192 -10.55 10.17 1.87
C ALA B 192 -11.85 10.84 2.34
N SER B 193 -12.76 10.06 2.90
CA SER B 193 -14.05 10.59 3.38
C SER B 193 -13.88 11.40 4.65
N SER B 194 -12.99 10.95 5.53
CA SER B 194 -12.63 11.73 6.72
C SER B 194 -12.06 13.08 6.26
N LEU B 195 -11.15 13.05 5.29
CA LEU B 195 -10.51 14.28 4.79
C LEU B 195 -11.54 15.21 4.10
N ALA B 196 -12.41 14.62 3.29
CA ALA B 196 -13.41 15.41 2.56
C ALA B 196 -14.37 16.13 3.49
N ALA B 197 -14.76 15.48 4.59
CA ALA B 197 -15.65 16.11 5.57
C ALA B 197 -14.90 17.21 6.29
N HIS B 198 -13.64 16.97 6.62
CA HIS B 198 -12.86 17.98 7.33
C HIS B 198 -12.73 19.27 6.50
N LEU B 199 -12.55 19.10 5.20
CA LEU B 199 -12.45 20.24 4.26
C LEU B 199 -13.81 20.79 3.82
N GLN B 200 -14.89 20.17 4.29
CA GLN B 200 -16.26 20.62 3.97
C GLN B 200 -16.49 20.74 2.47
N LEU B 201 -16.20 19.66 1.75
CA LEU B 201 -16.33 19.66 0.31
C LEU B 201 -17.78 19.36 -0.09
N GLY B 202 -18.64 20.36 0.03
CA GLY B 202 -20.05 20.21 -0.26
C GLY B 202 -20.43 20.01 -1.73
N ARG B 203 -19.47 20.14 -2.63
CA ARG B 203 -19.74 19.92 -4.04
C ARG B 203 -19.44 18.48 -4.46
N LEU B 204 -19.00 17.67 -3.49
CA LEU B 204 -18.78 16.24 -3.76
C LEU B 204 -20.05 15.46 -3.34
N VAL B 205 -20.62 14.72 -4.28
CA VAL B 205 -21.86 13.98 -4.05
C VAL B 205 -21.62 12.55 -4.54
N VAL B 206 -21.71 11.58 -3.63
CA VAL B 206 -21.43 10.19 -3.99
C VAL B 206 -22.72 9.38 -3.92
N LEU B 207 -23.05 8.69 -5.01
CA LEU B 207 -24.20 7.77 -5.01
C LEU B 207 -23.69 6.37 -4.73
N TYR B 208 -24.22 5.80 -3.67
CA TYR B 208 -23.81 4.52 -3.15
C TYR B 208 -24.85 3.49 -3.54
N ASP B 209 -24.46 2.65 -4.49
CA ASP B 209 -25.28 1.53 -4.94
C ASP B 209 -25.23 0.45 -3.86
N SER B 210 -26.24 0.44 -3.01
CA SER B 210 -26.27 -0.39 -1.82
C SER B 210 -27.18 -1.59 -2.06
N ASN B 211 -26.59 -2.72 -2.38
CA ASN B 211 -27.39 -3.83 -2.87
C ASN B 211 -27.21 -5.11 -2.04
N ASP B 212 -26.46 -5.00 -0.95
CA ASP B 212 -26.31 -6.12 0.00
C ASP B 212 -25.47 -7.32 -0.49
N ILE B 213 -24.79 -7.15 -1.62
CA ILE B 213 -24.05 -8.25 -2.24
C ILE B 213 -22.59 -7.86 -2.55
N SER B 214 -21.65 -8.74 -2.19
CA SER B 214 -20.29 -8.59 -2.70
C SER B 214 -19.94 -9.78 -3.61
N LEU B 215 -18.71 -9.77 -4.12
CA LEU B 215 -18.29 -10.77 -5.10
C LEU B 215 -18.49 -12.22 -4.62
N ASP B 216 -18.20 -12.48 -3.34
CA ASP B 216 -18.28 -13.84 -2.76
C ASP B 216 -19.65 -14.26 -2.18
N GLY B 217 -20.64 -13.37 -2.22
CA GLY B 217 -21.97 -13.68 -1.72
C GLY B 217 -22.60 -12.57 -0.87
N ASP B 218 -23.40 -12.96 0.11
CA ASP B 218 -24.05 -11.99 1.00
C ASP B 218 -23.02 -11.11 1.71
N LEU B 219 -23.22 -9.80 1.60
CA LEU B 219 -22.37 -8.82 2.24
C LEU B 219 -22.18 -9.15 3.73
N ASN B 220 -23.24 -9.65 4.36
CA ASN B 220 -23.20 -10.01 5.78
C ASN B 220 -22.25 -11.17 6.16
N ARG B 221 -21.56 -11.75 5.19
CA ARG B 221 -20.49 -12.70 5.52
C ARG B 221 -19.23 -11.93 5.97
N SER B 222 -19.13 -10.64 5.68
CA SER B 222 -17.93 -9.88 6.07
C SER B 222 -18.18 -8.41 6.45
N PHE B 223 -19.41 -7.93 6.31
CA PHE B 223 -19.66 -6.51 6.39
C PHE B 223 -21.00 -6.25 7.07
N SER B 224 -21.00 -5.68 8.26
CA SER B 224 -22.28 -5.41 8.93
C SER B 224 -22.37 -4.03 9.58
N GLU B 225 -21.39 -3.17 9.32
CA GLU B 225 -21.37 -1.87 9.94
C GLU B 225 -22.53 -1.01 9.40
N SER B 226 -22.86 0.07 10.12
CA SER B 226 -23.75 1.09 9.56
C SER B 226 -22.95 2.11 8.77
N VAL B 227 -22.99 2.01 7.45
CA VAL B 227 -22.27 2.97 6.62
C VAL B 227 -22.85 4.37 6.80
N GLU B 228 -24.17 4.48 6.84
CA GLU B 228 -24.78 5.77 7.06
C GLU B 228 -24.26 6.40 8.38
N ASP B 229 -24.18 5.63 9.46
CA ASP B 229 -23.76 6.25 10.72
C ASP B 229 -22.27 6.61 10.70
N ARG B 230 -21.48 5.81 10.00
CA ARG B 230 -20.06 6.12 9.87
C ARG B 230 -19.88 7.44 9.10
N TYR B 231 -20.58 7.57 7.98
CA TYR B 231 -20.47 8.78 7.20
C TYR B 231 -20.98 10.02 7.95
N LYS B 232 -22.07 9.88 8.71
CA LYS B 232 -22.50 10.99 9.55
C LYS B 232 -21.42 11.35 10.59
N ALA B 233 -20.74 10.34 11.10
CA ALA B 233 -19.66 10.58 12.08
C ALA B 233 -18.51 11.37 11.46
N TYR B 234 -18.21 11.13 10.19
CA TYR B 234 -17.14 11.90 9.55
C TYR B 234 -17.57 13.37 9.44
N GLY B 235 -18.85 13.56 9.16
CA GLY B 235 -19.43 14.90 8.97
C GLY B 235 -20.04 15.05 7.59
N TRP B 236 -20.39 13.93 6.97
CA TRP B 236 -21.08 13.94 5.68
C TRP B 236 -22.58 14.09 5.92
N GLN B 237 -23.27 14.69 4.95
CA GLN B 237 -24.73 14.60 4.86
C GLN B 237 -25.05 13.22 4.27
N VAL B 238 -25.98 12.51 4.88
CA VAL B 238 -26.36 11.21 4.33
C VAL B 238 -27.85 11.15 4.03
N ILE B 239 -28.17 10.74 2.81
CA ILE B 239 -29.55 10.67 2.37
C ILE B 239 -29.82 9.27 1.87
N ARG B 240 -30.90 8.68 2.36
CA ARG B 240 -31.29 7.33 1.95
C ARG B 240 -32.37 7.35 0.89
N VAL B 241 -32.19 6.57 -0.16
CA VAL B 241 -33.25 6.31 -1.13
C VAL B 241 -33.68 4.85 -1.01
N GLU B 242 -34.88 4.60 -0.50
CA GLU B 242 -35.32 3.25 -0.21
C GLU B 242 -35.54 2.38 -1.46
N ASP B 243 -35.96 3.00 -2.55
CA ASP B 243 -36.25 2.25 -3.77
C ASP B 243 -35.43 2.78 -4.94
N GLY B 244 -34.38 2.04 -5.27
CA GLY B 244 -33.45 2.42 -6.33
C GLY B 244 -34.08 2.59 -7.70
N ASN B 245 -35.31 2.08 -7.89
CA ASN B 245 -35.99 2.23 -9.17
C ASN B 245 -36.84 3.51 -9.24
N ASP B 246 -36.97 4.20 -8.12
CA ASP B 246 -37.81 5.39 -8.03
C ASP B 246 -36.96 6.62 -8.38
N ILE B 247 -37.00 7.05 -9.64
CA ILE B 247 -36.13 8.15 -10.05
C ILE B 247 -36.55 9.49 -9.49
N GLU B 248 -37.82 9.63 -9.14
N GLU B 248 -37.81 9.62 -9.14
CA GLU B 248 -38.31 10.86 -8.52
CA GLU B 248 -38.28 10.86 -8.54
C GLU B 248 -37.71 11.03 -7.14
C GLU B 248 -37.69 11.03 -7.14
N ALA B 249 -37.58 9.93 -6.40
CA ALA B 249 -36.94 9.98 -5.08
C ALA B 249 -35.44 10.23 -5.25
N ILE B 250 -34.84 9.60 -6.26
CA ILE B 250 -33.41 9.84 -6.48
C ILE B 250 -33.17 11.31 -6.85
N ALA B 251 -34.04 11.87 -7.70
CA ALA B 251 -33.87 13.29 -8.03
C ALA B 251 -34.03 14.17 -6.80
N LYS B 252 -34.99 13.86 -5.93
CA LYS B 252 -35.12 14.68 -4.71
C LYS B 252 -33.87 14.62 -3.85
N ALA B 253 -33.24 13.45 -3.76
CA ALA B 253 -32.03 13.31 -2.95
C ALA B 253 -30.88 14.14 -3.51
N ILE B 254 -30.69 14.09 -4.83
CA ILE B 254 -29.63 14.89 -5.44
C ILE B 254 -29.87 16.39 -5.28
N GLU B 255 -31.13 16.82 -5.39
N GLU B 255 -31.12 16.82 -5.39
CA GLU B 255 -31.45 18.24 -5.19
CA GLU B 255 -31.45 18.22 -5.22
C GLU B 255 -31.08 18.64 -3.76
C GLU B 255 -31.13 18.64 -3.79
N GLU B 256 -31.52 17.84 -2.80
N GLU B 256 -31.54 17.80 -2.83
CA GLU B 256 -31.16 18.07 -1.40
CA GLU B 256 -31.21 18.04 -1.43
C GLU B 256 -29.65 18.05 -1.17
C GLU B 256 -29.68 18.04 -1.19
N ALA B 257 -28.96 17.17 -1.89
CA ALA B 257 -27.50 17.14 -1.78
C ALA B 257 -26.87 18.46 -2.23
N LYS B 258 -27.30 18.93 -3.39
CA LYS B 258 -26.76 20.18 -3.94
C LYS B 258 -27.11 21.37 -3.04
N ALA B 259 -28.27 21.34 -2.41
CA ALA B 259 -28.67 22.44 -1.52
C ALA B 259 -27.78 22.58 -0.29
N ASP B 260 -27.16 21.49 0.15
CA ASP B 260 -26.29 21.51 1.35
C ASP B 260 -24.87 21.85 0.90
N GLU B 261 -24.40 23.05 1.25
N GLU B 261 -24.41 23.05 1.24
CA GLU B 261 -23.13 23.55 0.73
CA GLU B 261 -23.14 23.54 0.74
C GLU B 261 -21.95 23.25 1.64
C GLU B 261 -21.95 23.27 1.65
N LYS B 262 -22.19 22.82 2.87
CA LYS B 262 -21.07 22.62 3.81
C LYS B 262 -20.58 21.18 3.98
N ARG B 263 -21.35 20.20 3.53
CA ARG B 263 -20.96 18.80 3.74
C ARG B 263 -20.98 18.03 2.45
N PRO B 264 -19.96 17.19 2.24
CA PRO B 264 -20.04 16.21 1.17
C PRO B 264 -21.22 15.27 1.43
N THR B 265 -21.83 14.77 0.36
CA THR B 265 -23.04 13.98 0.52
C THR B 265 -22.85 12.55 0.04
N LEU B 266 -23.37 11.62 0.85
CA LEU B 266 -23.52 10.22 0.44
C LEU B 266 -25.01 9.92 0.30
N ILE B 267 -25.40 9.48 -0.89
CA ILE B 267 -26.77 9.08 -1.12
C ILE B 267 -26.76 7.57 -1.21
N GLU B 268 -27.26 6.93 -0.17
CA GLU B 268 -27.36 5.48 -0.19
C GLU B 268 -28.63 5.08 -0.92
N VAL B 269 -28.44 4.48 -2.09
CA VAL B 269 -29.53 4.05 -2.94
C VAL B 269 -29.70 2.54 -2.84
N ARG B 270 -30.81 2.12 -2.24
CA ARG B 270 -31.05 0.68 -2.06
C ARG B 270 -31.58 0.08 -3.36
N THR B 271 -30.74 -0.72 -4.00
CA THR B 271 -31.12 -1.35 -5.26
C THR B 271 -31.12 -2.87 -5.11
N THR B 272 -31.64 -3.53 -6.13
CA THR B 272 -31.44 -4.97 -6.27
C THR B 272 -30.40 -5.21 -7.37
N ILE B 273 -29.28 -5.84 -7.01
CA ILE B 273 -28.25 -6.19 -8.00
C ILE B 273 -28.87 -7.12 -9.06
N GLY B 274 -28.55 -6.88 -10.33
CA GLY B 274 -29.12 -7.68 -11.41
C GLY B 274 -30.65 -7.63 -11.45
N PHE B 275 -31.21 -6.52 -10.98
CA PHE B 275 -32.66 -6.29 -11.03
C PHE B 275 -33.20 -6.62 -12.42
N GLY B 276 -34.28 -7.38 -12.46
CA GLY B 276 -34.91 -7.77 -13.72
C GLY B 276 -34.66 -9.22 -14.08
N SER B 277 -33.54 -9.76 -13.61
CA SER B 277 -33.16 -11.15 -13.85
C SER B 277 -33.89 -12.08 -12.87
N PRO B 278 -34.82 -12.91 -13.38
CA PRO B 278 -35.59 -13.79 -12.48
C PRO B 278 -34.71 -14.64 -11.55
N ASN B 279 -33.60 -15.17 -12.07
CA ASN B 279 -32.79 -16.17 -11.34
C ASN B 279 -31.48 -15.67 -10.72
N LYS B 280 -31.01 -14.49 -11.13
CA LYS B 280 -29.73 -13.97 -10.66
C LYS B 280 -29.84 -12.70 -9.82
N SER B 281 -30.96 -11.98 -9.95
CA SER B 281 -31.18 -10.76 -9.15
C SER B 281 -30.99 -11.04 -7.65
N GLY B 282 -30.33 -10.10 -6.96
CA GLY B 282 -30.10 -10.22 -5.53
C GLY B 282 -29.09 -11.28 -5.13
N LYS B 283 -28.34 -11.79 -6.10
CA LYS B 283 -27.34 -12.82 -5.86
C LYS B 283 -25.97 -12.40 -6.41
N SER B 284 -24.89 -12.85 -5.78
CA SER B 284 -23.54 -12.55 -6.27
C SER B 284 -23.31 -13.15 -7.68
N ALA B 285 -24.16 -14.11 -8.05
CA ALA B 285 -24.14 -14.71 -9.39
C ALA B 285 -24.27 -13.67 -10.51
N SER B 286 -24.97 -12.56 -10.24
CA SER B 286 -25.13 -11.51 -11.25
C SER B 286 -24.01 -10.44 -11.22
N HIS B 287 -23.10 -10.53 -10.23
CA HIS B 287 -22.03 -9.54 -10.12
C HIS B 287 -21.04 -9.55 -11.30
N GLY B 288 -20.42 -10.70 -11.58
CA GLY B 288 -19.23 -10.71 -12.42
C GLY B 288 -19.13 -11.67 -13.59
N SER B 289 -20.27 -12.17 -14.06
CA SER B 289 -20.31 -13.02 -15.25
C SER B 289 -21.46 -12.58 -16.13
N PRO B 290 -21.38 -12.85 -17.45
CA PRO B 290 -22.56 -12.60 -18.28
C PRO B 290 -23.78 -13.35 -17.73
N LEU B 291 -24.97 -12.76 -17.92
CA LEU B 291 -26.23 -13.41 -17.55
C LEU B 291 -26.35 -14.79 -18.21
N GLY B 292 -25.98 -14.87 -19.48
CA GLY B 292 -26.16 -16.07 -20.28
C GLY B 292 -27.32 -15.88 -21.25
N VAL B 293 -27.37 -16.68 -22.31
CA VAL B 293 -28.39 -16.52 -23.33
C VAL B 293 -29.85 -16.62 -22.83
N GLU B 294 -30.16 -17.72 -22.14
CA GLU B 294 -31.52 -17.94 -21.61
C GLU B 294 -31.95 -16.91 -20.56
N GLU B 295 -31.05 -16.58 -19.63
CA GLU B 295 -31.36 -15.61 -18.58
C GLU B 295 -31.58 -14.21 -19.15
N THR B 296 -30.84 -13.85 -20.20
CA THR B 296 -30.99 -12.56 -20.88
C THR B 296 -32.40 -12.41 -21.47
N LYS B 297 -32.93 -13.48 -22.05
CA LYS B 297 -34.31 -13.49 -22.55
C LYS B 297 -35.32 -13.27 -21.42
N LEU B 298 -35.17 -14.03 -20.34
CA LEU B 298 -36.08 -13.89 -19.19
C LEU B 298 -36.03 -12.45 -18.62
N THR B 299 -34.83 -11.87 -18.58
CA THR B 299 -34.65 -10.50 -18.10
C THR B 299 -35.33 -9.49 -19.02
N LYS B 300 -35.08 -9.61 -20.33
CA LYS B 300 -35.71 -8.70 -21.30
C LYS B 300 -37.23 -8.82 -21.27
N GLU B 301 -37.73 -10.04 -21.03
CA GLU B 301 -39.16 -10.26 -20.82
C GLU B 301 -39.64 -9.50 -19.58
N ALA B 302 -38.81 -9.49 -18.54
CA ALA B 302 -39.10 -8.77 -17.30
C ALA B 302 -39.21 -7.25 -17.48
N TYR B 303 -38.37 -6.70 -18.36
CA TYR B 303 -38.37 -5.26 -18.66
C TYR B 303 -39.50 -4.87 -19.62
N ALA B 304 -40.27 -5.86 -20.08
CA ALA B 304 -41.23 -5.68 -21.17
C ALA B 304 -40.50 -5.14 -22.40
N TRP B 305 -39.26 -5.59 -22.56
CA TRP B 305 -38.39 -5.18 -23.66
C TRP B 305 -38.62 -6.14 -24.83
N THR B 306 -39.22 -5.62 -25.90
CA THR B 306 -39.65 -6.49 -27.00
C THR B 306 -38.81 -6.37 -28.28
N ALA B 307 -37.76 -5.57 -28.24
CA ALA B 307 -36.84 -5.46 -29.38
C ALA B 307 -36.25 -6.82 -29.73
N GLU B 308 -36.42 -7.22 -30.97
CA GLU B 308 -36.02 -8.54 -31.44
C GLU B 308 -34.52 -8.60 -31.78
N GLN B 309 -33.90 -7.44 -31.94
CA GLN B 309 -32.49 -7.38 -32.29
C GLN B 309 -31.64 -6.92 -31.11
N ASP B 310 -30.45 -7.52 -30.99
CA ASP B 310 -29.52 -7.13 -29.94
C ASP B 310 -29.01 -5.72 -30.23
N PHE B 311 -28.59 -5.03 -29.17
CA PHE B 311 -28.01 -3.70 -29.31
C PHE B 311 -29.02 -2.74 -29.94
N HIS B 312 -30.26 -2.82 -29.51
CA HIS B 312 -31.27 -1.97 -30.11
C HIS B 312 -31.48 -0.69 -29.31
N VAL B 313 -31.55 0.42 -30.04
CA VAL B 313 -31.89 1.70 -29.42
C VAL B 313 -32.92 2.45 -30.28
N ALA B 314 -34.06 2.78 -29.68
CA ALA B 314 -35.08 3.55 -30.36
C ALA B 314 -34.62 4.99 -30.56
N GLU B 315 -35.03 5.59 -31.67
CA GLU B 315 -34.66 6.96 -31.99
C GLU B 315 -35.16 7.90 -30.89
N GLU B 316 -36.29 7.58 -30.28
CA GLU B 316 -36.82 8.42 -29.21
C GLU B 316 -35.94 8.40 -27.95
N VAL B 317 -35.19 7.32 -27.74
CA VAL B 317 -34.23 7.30 -26.63
C VAL B 317 -33.06 8.24 -26.96
N TYR B 318 -32.48 8.12 -28.15
CA TYR B 318 -31.43 9.07 -28.53
C TYR B 318 -31.90 10.53 -28.39
N GLU B 319 -33.14 10.80 -28.81
CA GLU B 319 -33.68 12.15 -28.72
C GLU B 319 -33.82 12.63 -27.26
N ASN B 320 -34.18 11.72 -26.37
CA ASN B 320 -34.31 12.02 -24.95
C ASN B 320 -32.98 12.54 -24.39
N PHE B 321 -31.90 11.83 -24.70
CA PHE B 321 -30.55 12.24 -24.33
C PHE B 321 -30.09 13.51 -25.04
N ARG B 322 -30.43 13.65 -26.32
CA ARG B 322 -30.09 14.87 -27.06
C ARG B 322 -30.68 16.09 -26.34
N LYS B 323 -31.95 16.03 -25.98
CA LYS B 323 -32.57 17.16 -25.31
C LYS B 323 -32.05 17.38 -23.88
N THR B 324 -31.89 16.32 -23.10
CA THR B 324 -31.60 16.48 -21.69
C THR B 324 -30.10 16.60 -21.39
N VAL B 325 -29.27 16.16 -22.33
CA VAL B 325 -27.82 16.19 -22.13
C VAL B 325 -27.11 17.08 -23.15
N GLN B 326 -27.23 16.76 -24.43
CA GLN B 326 -26.48 17.48 -25.46
C GLN B 326 -26.84 18.95 -25.54
N ASP B 327 -28.15 19.24 -25.59
CA ASP B 327 -28.60 20.61 -25.76
C ASP B 327 -28.32 21.43 -24.49
N VAL B 328 -28.70 20.88 -23.34
CA VAL B 328 -28.38 21.46 -22.05
C VAL B 328 -26.87 21.75 -21.90
N GLY B 329 -26.02 20.82 -22.30
CA GLY B 329 -24.60 20.96 -22.09
C GLY B 329 -24.01 21.98 -23.05
N GLU B 330 -24.48 21.96 -24.29
CA GLU B 330 -24.10 22.96 -25.28
C GLU B 330 -24.41 24.37 -24.79
N THR B 331 -25.63 24.56 -24.31
CA THR B 331 -26.06 25.84 -23.76
C THR B 331 -25.21 26.29 -22.56
N ALA B 332 -24.97 25.37 -21.64
CA ALA B 332 -24.19 25.71 -20.46
C ALA B 332 -22.76 26.09 -20.86
N GLN B 333 -22.16 25.36 -21.78
CA GLN B 333 -20.78 25.69 -22.18
C GLN B 333 -20.69 27.03 -22.91
N ALA B 334 -21.71 27.34 -23.70
CA ALA B 334 -21.73 28.60 -24.43
C ALA B 334 -21.87 29.80 -23.48
N GLU B 335 -22.75 29.67 -22.49
CA GLU B 335 -22.92 30.72 -21.48
C GLU B 335 -21.60 30.90 -20.70
N TRP B 336 -20.97 29.79 -20.37
CA TRP B 336 -19.68 29.81 -19.68
C TRP B 336 -18.62 30.53 -20.51
N ASN B 337 -18.57 30.22 -21.82
CA ASN B 337 -17.64 30.89 -22.74
C ASN B 337 -17.83 32.40 -22.77
N THR B 338 -19.10 32.82 -22.82
CA THR B 338 -19.43 34.23 -22.81
C THR B 338 -18.96 34.90 -21.53
N MSE B 339 -19.25 34.29 -20.38
CA MSE B 339 -18.80 34.86 -19.13
C MSE B 339 -17.27 34.90 -19.07
O MSE B 339 -16.70 35.91 -18.65
CB MSE B 339 -19.38 34.11 -17.93
CG MSE B 339 -18.86 34.62 -16.60
SE MSE B 339 -19.69 33.65 -15.12
CE MSE B 339 -18.87 31.90 -15.37
N LEU B 340 -16.61 33.83 -19.50
CA LEU B 340 -15.14 33.83 -19.49
C LEU B 340 -14.56 35.03 -20.25
N GLY B 341 -15.14 35.32 -21.41
CA GLY B 341 -14.71 36.46 -22.23
C GLY B 341 -14.86 37.78 -21.48
N GLU B 342 -16.00 37.95 -20.83
CA GLU B 342 -16.29 39.15 -20.03
C GLU B 342 -15.32 39.27 -18.84
N TYR B 343 -15.17 38.17 -18.11
CA TYR B 343 -14.17 38.07 -17.04
C TYR B 343 -12.77 38.48 -17.47
N ALA B 344 -12.35 38.01 -18.64
CA ALA B 344 -11.03 38.33 -19.17
C ALA B 344 -10.83 39.83 -19.43
N GLN B 345 -11.90 40.54 -19.76
CA GLN B 345 -11.79 41.99 -19.95
C GLN B 345 -11.54 42.68 -18.58
N ALA B 346 -12.16 42.15 -17.54
CA ALA B 346 -12.03 42.74 -16.19
C ALA B 346 -10.75 42.29 -15.50
N TYR B 347 -10.34 41.04 -15.77
CA TYR B 347 -9.18 40.46 -15.11
C TYR B 347 -8.26 39.75 -16.13
N PRO B 348 -7.59 40.51 -17.00
CA PRO B 348 -6.82 39.87 -18.08
C PRO B 348 -5.64 39.04 -17.56
N GLU B 349 -4.93 39.55 -16.55
CA GLU B 349 -3.83 38.79 -15.97
C GLU B 349 -4.29 37.44 -15.43
N LEU B 350 -5.29 37.46 -14.54
CA LEU B 350 -5.86 36.22 -14.02
C LEU B 350 -6.35 35.28 -15.13
N ALA B 351 -7.09 35.81 -16.07
CA ALA B 351 -7.60 34.96 -17.14
C ALA B 351 -6.47 34.36 -18.00
N ASN B 352 -5.44 35.14 -18.27
CA ASN B 352 -4.29 34.62 -19.01
C ASN B 352 -3.60 33.51 -18.21
N GLU B 353 -3.49 33.70 -16.90
CA GLU B 353 -2.90 32.73 -16.00
C GLU B 353 -3.70 31.43 -15.98
N LEU B 354 -5.02 31.57 -15.89
CA LEU B 354 -5.88 30.39 -15.91
C LEU B 354 -5.75 29.62 -17.22
N GLN B 355 -5.77 30.35 -18.33
CA GLN B 355 -5.66 29.68 -19.63
C GLN B 355 -4.35 28.90 -19.71
N ALA B 356 -3.25 29.51 -19.27
CA ALA B 356 -1.97 28.80 -19.29
C ALA B 356 -2.00 27.58 -18.36
N ALA B 357 -2.56 27.75 -17.17
CA ALA B 357 -2.65 26.63 -16.22
C ALA B 357 -3.54 25.48 -16.73
N MSE B 358 -4.69 25.81 -17.34
CA MSE B 358 -5.55 24.76 -17.89
C MSE B 358 -4.79 23.98 -18.97
O MSE B 358 -5.10 22.83 -19.25
CB MSE B 358 -6.83 25.35 -18.50
CG MSE B 358 -7.75 26.07 -17.47
SE MSE B 358 -9.27 26.87 -18.38
CE MSE B 358 -9.23 25.68 -19.92
N ASN B 359 -3.79 24.63 -19.56
CA ASN B 359 -2.99 24.01 -20.63
C ASN B 359 -1.68 23.40 -20.15
N GLY B 360 -1.46 23.46 -18.85
CA GLY B 360 -0.27 22.86 -18.26
C GLY B 360 1.01 23.59 -18.60
N LEU B 361 0.89 24.86 -18.97
CA LEU B 361 2.08 25.62 -19.32
C LEU B 361 2.70 26.26 -18.08
N LEU B 362 4.01 26.18 -17.98
CA LEU B 362 4.73 26.86 -16.90
C LEU B 362 5.13 28.25 -17.40
N PRO B 363 5.11 29.26 -16.50
CA PRO B 363 5.43 30.64 -16.91
C PRO B 363 6.85 30.78 -17.48
N GLU B 364 6.97 31.59 -18.54
CA GLU B 364 8.26 31.86 -19.16
C GLU B 364 9.25 32.38 -18.12
N GLY B 365 10.41 31.75 -18.03
CA GLY B 365 11.44 32.18 -17.10
C GLY B 365 11.26 31.76 -15.65
N TRP B 366 10.26 30.90 -15.37
CA TRP B 366 9.99 30.50 -13.98
C TRP B 366 11.25 29.90 -13.33
N GLU B 367 12.08 29.24 -14.13
CA GLU B 367 13.27 28.56 -13.58
C GLU B 367 14.43 29.48 -13.17
N GLN B 368 14.41 30.72 -13.63
CA GLN B 368 15.41 31.71 -13.23
C GLN B 368 15.44 31.88 -11.72
N ASN B 369 14.30 31.58 -11.10
CA ASN B 369 14.11 31.74 -9.67
C ASN B 369 14.78 30.66 -8.77
N LEU B 370 15.28 29.59 -9.37
CA LEU B 370 15.71 28.44 -8.60
C LEU B 370 17.04 28.69 -7.91
N PRO B 371 17.28 28.03 -6.77
CA PRO B 371 18.54 28.19 -6.06
C PRO B 371 19.75 27.50 -6.73
N THR B 372 20.95 27.89 -6.30
CA THR B 372 22.20 27.32 -6.74
C THR B 372 23.06 27.11 -5.49
N TYR B 373 23.68 25.94 -5.37
CA TYR B 373 24.52 25.63 -4.21
C TYR B 373 25.98 25.79 -4.61
N GLU B 374 26.72 26.58 -3.83
CA GLU B 374 28.13 26.86 -4.14
C GLU B 374 29.02 25.72 -3.64
N LEU B 375 30.17 25.54 -4.29
CA LEU B 375 31.16 24.62 -3.76
C LEU B 375 31.47 24.99 -2.32
N GLY B 376 31.69 23.98 -1.50
CA GLY B 376 32.01 24.18 -0.10
C GLY B 376 30.78 24.24 0.79
N SER B 377 29.60 24.17 0.20
CA SER B 377 28.42 24.24 1.05
C SER B 377 27.83 22.84 1.29
N LYS B 378 27.07 22.72 2.36
CA LYS B 378 26.42 21.46 2.71
C LYS B 378 24.93 21.67 2.88
N ALA B 379 24.13 20.73 2.35
CA ALA B 379 22.68 20.76 2.50
C ALA B 379 22.11 19.35 2.37
N ALA B 380 21.13 19.02 3.21
CA ALA B 380 20.35 17.80 3.05
C ALA B 380 19.48 17.99 1.84
N THR B 381 19.22 16.94 1.06
CA THR B 381 18.37 17.17 -0.11
C THR B 381 16.91 17.42 0.23
N ARG B 382 16.45 17.06 1.43
CA ARG B 382 15.12 17.52 1.86
C ARG B 382 15.09 19.04 2.01
N ASN B 383 16.23 19.63 2.41
CA ASN B 383 16.26 21.07 2.62
C ASN B 383 16.40 21.85 1.32
N SER B 384 17.20 21.30 0.40
CA SER B 384 17.29 21.89 -0.92
C SER B 384 15.92 21.73 -1.63
N SER B 385 15.28 20.59 -1.42
CA SER B 385 13.92 20.44 -1.93
C SER B 385 12.96 21.52 -1.35
N GLY B 386 13.03 21.76 -0.05
CA GLY B 386 12.20 22.80 0.55
C GLY B 386 12.52 24.20 0.02
N ALA B 387 13.81 24.49 -0.20
CA ALA B 387 14.15 25.77 -0.82
C ALA B 387 13.55 25.90 -2.22
N VAL B 388 13.58 24.81 -2.99
CA VAL B 388 13.02 24.82 -4.33
C VAL B 388 11.49 24.97 -4.31
N ILE B 389 10.85 24.18 -3.44
CA ILE B 389 9.40 24.33 -3.23
C ILE B 389 8.98 25.78 -2.99
N ASN B 390 9.73 26.49 -2.15
CA ASN B 390 9.42 27.89 -1.89
C ASN B 390 9.74 28.80 -3.07
N ALA B 391 10.78 28.48 -3.83
CA ALA B 391 11.05 29.21 -5.07
C ALA B 391 9.96 29.00 -6.15
N ILE B 392 9.48 27.76 -6.29
CA ILE B 392 8.40 27.46 -7.21
C ILE B 392 7.09 28.14 -6.82
N ALA B 393 6.79 28.17 -5.52
CA ALA B 393 5.59 28.83 -5.02
C ALA B 393 5.55 30.29 -5.45
N GLU B 394 6.73 30.92 -5.49
N GLU B 394 6.74 30.91 -5.49
CA GLU B 394 6.83 32.32 -5.92
CA GLU B 394 6.88 32.31 -5.88
C GLU B 394 6.62 32.50 -7.42
C GLU B 394 6.67 32.52 -7.39
N SER B 395 7.12 31.55 -8.19
CA SER B 395 7.15 31.74 -9.65
C SER B 395 6.15 30.93 -10.46
N VAL B 396 5.50 29.94 -9.86
CA VAL B 396 4.54 29.09 -10.60
C VAL B 396 3.23 29.09 -9.84
N PRO B 397 2.27 29.90 -10.32
CA PRO B 397 1.03 30.15 -9.60
C PRO B 397 0.16 28.89 -9.48
N SER B 398 0.35 27.90 -10.33
CA SER B 398 -0.48 26.69 -10.27
C SER B 398 -0.04 25.64 -9.20
N PHE B 399 0.98 25.94 -8.41
CA PHE B 399 1.56 24.97 -7.48
C PHE B 399 0.62 24.74 -6.28
N PHE B 400 0.45 23.49 -5.86
CA PHE B 400 -0.55 23.13 -4.85
C PHE B 400 -0.11 21.79 -4.25
N GLY B 401 0.11 21.71 -2.93
CA GLY B 401 0.54 20.45 -2.37
C GLY B 401 0.72 20.46 -0.86
N GLY B 402 1.18 19.34 -0.32
CA GLY B 402 1.33 19.25 1.12
C GLY B 402 1.96 17.93 1.54
N SER B 403 1.73 17.55 2.78
CA SER B 403 2.36 16.38 3.35
C SER B 403 1.35 15.59 4.18
N ALA B 404 1.62 14.30 4.36
CA ALA B 404 0.76 13.48 5.22
C ALA B 404 1.24 13.63 6.68
N ASP B 405 0.94 14.78 7.27
CA ASP B 405 1.31 15.12 8.67
C ASP B 405 2.80 15.10 8.93
N LEU B 406 3.60 15.31 7.88
CA LEU B 406 5.05 15.35 8.03
C LEU B 406 5.66 16.60 7.36
N ALA B 407 4.91 17.70 7.35
CA ALA B 407 5.40 18.89 6.66
C ALA B 407 6.75 19.37 7.26
N GLY B 408 6.84 19.32 8.58
CA GLY B 408 8.03 19.79 9.29
C GLY B 408 9.23 18.93 8.91
N SER B 409 9.04 17.62 8.82
CA SER B 409 10.14 16.72 8.53
C SER B 409 10.45 16.60 7.06
N ASN B 410 9.42 16.63 6.21
CA ASN B 410 9.60 16.52 4.76
C ASN B 410 10.09 17.81 4.13
N LYS B 411 9.95 18.92 4.86
CA LYS B 411 10.25 20.27 4.34
C LYS B 411 9.40 20.64 3.11
N THR B 412 8.12 20.29 3.12
CA THR B 412 7.23 20.56 1.99
C THR B 412 6.47 21.87 2.10
N TYR B 413 6.56 22.55 3.24
CA TYR B 413 5.67 23.69 3.49
C TYR B 413 6.05 24.96 2.70
N MSE B 414 5.05 25.59 2.09
CA MSE B 414 5.27 26.89 1.43
C MSE B 414 5.11 27.98 2.48
O MSE B 414 3.98 28.34 2.87
CB MSE B 414 4.36 27.08 0.22
CG MSE B 414 4.63 26.12 -0.91
SE MSE B 414 3.22 26.12 -2.28
CE MSE B 414 2.10 24.71 -1.47
N ASN B 415 6.25 28.47 2.95
CA ASN B 415 6.27 29.39 4.09
C ASN B 415 5.54 30.71 3.86
N ASN B 416 5.42 31.14 2.62
CA ASN B 416 4.75 32.41 2.35
C ASN B 416 3.31 32.24 1.86
N GLU B 417 2.75 31.05 2.07
CA GLU B 417 1.41 30.77 1.58
C GLU B 417 0.51 30.35 2.75
N LYS B 418 -0.80 30.42 2.56
CA LYS B 418 -1.74 30.05 3.61
C LYS B 418 -2.11 28.57 3.52
N ASP B 419 -2.88 28.10 4.50
CA ASP B 419 -3.31 26.72 4.52
C ASP B 419 -4.62 26.56 3.76
N PHE B 420 -4.74 25.45 3.04
CA PHE B 420 -5.96 25.09 2.35
C PHE B 420 -6.94 24.57 3.40
N THR B 421 -7.97 25.34 3.73
CA THR B 421 -8.95 24.91 4.75
C THR B 421 -10.39 25.24 4.34
N ARG B 422 -11.34 24.71 5.12
CA ARG B 422 -12.76 24.97 4.91
C ARG B 422 -13.06 26.48 4.93
N ASP B 423 -12.22 27.24 5.61
CA ASP B 423 -12.45 28.69 5.73
C ASP B 423 -11.69 29.51 4.69
N ASP B 424 -10.76 28.89 3.98
CA ASP B 424 -10.00 29.60 2.94
C ASP B 424 -9.45 28.61 1.94
N TYR B 425 -10.21 28.37 0.86
CA TYR B 425 -9.82 27.43 -0.15
C TYR B 425 -8.69 27.96 -1.04
N SER B 426 -8.33 29.22 -0.86
CA SER B 426 -7.24 29.79 -1.66
C SER B 426 -5.88 29.36 -1.12
N GLY B 427 -5.84 28.88 0.11
CA GLY B 427 -4.58 28.44 0.69
C GLY B 427 -3.95 27.32 -0.13
N LYS B 428 -2.63 27.35 -0.29
CA LYS B 428 -1.94 26.37 -1.11
C LYS B 428 -1.38 25.19 -0.31
N ASN B 429 -1.23 25.34 1.01
CA ASN B 429 -0.62 24.27 1.84
C ASN B 429 -1.69 23.30 2.32
N ILE B 430 -1.61 22.05 1.85
CA ILE B 430 -2.59 21.04 2.21
C ILE B 430 -2.14 20.20 3.37
N TRP B 431 -3.00 20.04 4.36
CA TRP B 431 -2.67 19.20 5.50
C TRP B 431 -3.42 17.90 5.30
N TYR B 432 -2.74 16.88 4.75
CA TYR B 432 -3.41 15.63 4.44
C TYR B 432 -3.71 14.78 5.68
N GLY B 433 -3.04 15.06 6.79
CA GLY B 433 -3.17 14.19 7.96
C GLY B 433 -2.44 12.87 7.72
N VAL B 434 -2.63 11.90 8.61
CA VAL B 434 -1.88 10.64 8.53
C VAL B 434 -2.67 9.70 7.61
N ARG B 435 -2.63 10.01 6.31
CA ARG B 435 -3.51 9.40 5.32
C ARG B 435 -2.74 9.30 4.02
N GLU B 436 -1.67 8.52 3.98
CA GLU B 436 -0.81 8.49 2.78
C GLU B 436 -1.56 8.03 1.53
N PHE B 437 -2.30 6.94 1.64
CA PHE B 437 -2.99 6.40 0.46
C PHE B 437 -4.00 7.44 -0.09
N ALA B 438 -4.83 8.02 0.77
CA ALA B 438 -5.79 9.02 0.30
C ALA B 438 -5.05 10.23 -0.29
N MSE B 439 -3.90 10.56 0.27
CA MSE B 439 -3.13 11.65 -0.31
C MSE B 439 -2.72 11.29 -1.76
O MSE B 439 -2.90 12.09 -2.69
CB MSE B 439 -1.88 11.98 0.54
CG MSE B 439 -0.95 12.98 -0.18
SE MSE B 439 0.65 13.38 0.90
CE MSE B 439 1.64 11.71 0.60
N GLY B 440 -2.20 10.09 -1.94
CA GLY B 440 -1.84 9.65 -3.28
C GLY B 440 -3.01 9.71 -4.26
N ALA B 441 -4.15 9.22 -3.83
CA ALA B 441 -5.31 9.20 -4.72
C ALA B 441 -5.86 10.61 -4.94
N ALA B 442 -5.83 11.45 -3.90
CA ALA B 442 -6.28 12.83 -4.04
C ALA B 442 -5.39 13.58 -5.03
N MSE B 443 -4.09 13.35 -4.94
CA MSE B 443 -3.16 13.98 -5.87
C MSE B 443 -3.53 13.60 -7.31
O MSE B 443 -3.42 14.42 -8.23
CB MSE B 443 -1.73 13.54 -5.55
CG MSE B 443 -1.12 14.18 -4.30
SE MSE B 443 0.49 13.17 -3.81
CE MSE B 443 1.58 13.56 -5.40
N ASN B 444 -3.92 12.34 -7.52
CA ASN B 444 -4.35 11.95 -8.87
C ASN B 444 -5.57 12.76 -9.31
N GLY B 445 -6.55 12.91 -8.41
CA GLY B 445 -7.74 13.69 -8.72
C GLY B 445 -7.44 15.16 -9.02
N ILE B 446 -6.53 15.74 -8.24
CA ILE B 446 -6.08 17.11 -8.48
C ILE B 446 -5.47 17.23 -9.87
N ALA B 447 -4.59 16.30 -10.22
CA ALA B 447 -3.95 16.33 -11.54
C ALA B 447 -4.98 16.08 -12.65
N LEU B 448 -5.95 15.20 -12.41
CA LEU B 448 -6.98 14.94 -13.42
C LEU B 448 -7.83 16.16 -13.71
N HIS B 449 -8.19 16.88 -12.65
CA HIS B 449 -9.03 18.05 -12.82
C HIS B 449 -8.42 19.02 -13.83
N GLY B 450 -7.11 19.27 -13.73
CA GLY B 450 -6.44 20.23 -14.59
C GLY B 450 -6.36 21.61 -13.93
N GLY B 451 -5.33 22.37 -14.28
CA GLY B 451 -5.17 23.71 -13.74
C GLY B 451 -4.13 23.85 -12.64
N LEU B 452 -3.61 22.73 -12.15
CA LEU B 452 -2.75 22.73 -10.96
C LEU B 452 -1.57 21.77 -11.11
N LYS B 453 -0.42 22.17 -10.61
CA LYS B 453 0.75 21.29 -10.54
C LYS B 453 0.82 20.86 -9.09
N THR B 454 0.81 19.55 -8.83
CA THR B 454 0.64 19.14 -7.45
C THR B 454 1.74 18.18 -6.92
N TYR B 455 1.95 18.18 -5.61
CA TYR B 455 2.96 17.31 -5.00
C TYR B 455 2.48 16.86 -3.62
N GLY B 456 3.05 15.78 -3.10
CA GLY B 456 2.70 15.34 -1.76
C GLY B 456 3.91 14.70 -1.13
N GLY B 457 4.12 14.91 0.18
CA GLY B 457 5.30 14.37 0.83
C GLY B 457 4.97 13.34 1.90
N THR B 458 5.87 12.38 2.08
CA THR B 458 5.89 11.55 3.27
C THR B 458 7.27 10.94 3.39
N PHE B 459 7.55 10.22 4.47
CA PHE B 459 8.80 9.47 4.53
C PHE B 459 8.80 8.44 3.41
N PHE B 460 9.96 8.23 2.80
CA PHE B 460 10.08 7.29 1.68
C PHE B 460 9.64 5.89 2.10
N VAL B 461 9.94 5.52 3.34
CA VAL B 461 9.55 4.19 3.82
C VAL B 461 8.02 3.96 3.71
N PHE B 462 7.24 5.03 3.84
CA PHE B 462 5.77 4.92 3.76
C PHE B 462 5.23 5.16 2.35
N SER B 463 6.11 5.27 1.36
CA SER B 463 5.65 5.21 -0.02
C SER B 463 4.81 3.93 -0.21
N ASP B 464 5.13 2.88 0.56
CA ASP B 464 4.39 1.61 0.47
C ASP B 464 2.89 1.79 0.73
N TYR B 465 2.54 2.74 1.58
CA TYR B 465 1.13 2.95 1.93
C TYR B 465 0.32 3.57 0.79
N LEU B 466 0.94 4.30 -0.13
CA LEU B 466 0.18 4.82 -1.24
C LEU B 466 0.54 4.16 -2.59
N ARG B 467 1.18 3.01 -2.53
CA ARG B 467 1.66 2.38 -3.75
C ARG B 467 0.57 2.17 -4.82
N PRO B 468 -0.66 1.73 -4.44
CA PRO B 468 -1.62 1.46 -5.52
C PRO B 468 -2.03 2.74 -6.23
N ALA B 469 -1.93 3.89 -5.56
CA ALA B 469 -2.24 5.17 -6.19
C ALA B 469 -1.10 5.65 -7.07
N ILE B 470 0.16 5.37 -6.68
CA ILE B 470 1.27 5.67 -7.57
C ILE B 470 1.06 4.89 -8.87
N ARG B 471 0.60 3.66 -8.72
CA ARG B 471 0.40 2.80 -9.89
C ARG B 471 -0.67 3.37 -10.81
N LEU B 472 -1.75 3.93 -10.25
CA LEU B 472 -2.76 4.56 -11.10
C LEU B 472 -2.26 5.87 -11.72
N ALA B 473 -1.40 6.60 -11.01
CA ALA B 473 -0.78 7.81 -11.61
C ALA B 473 0.07 7.43 -12.84
N ALA B 474 0.82 6.35 -12.73
CA ALA B 474 1.65 5.87 -13.82
C ALA B 474 0.77 5.39 -14.99
N LEU B 475 -0.30 4.67 -14.68
CA LEU B 475 -1.18 4.15 -15.72
C LEU B 475 -1.93 5.28 -16.43
N MSE B 476 -2.38 6.26 -15.65
CA MSE B 476 -3.09 7.41 -16.20
C MSE B 476 -2.15 8.48 -16.78
O MSE B 476 -2.62 9.44 -17.36
CB MSE B 476 -3.95 8.06 -15.09
CG MSE B 476 -5.20 7.28 -14.79
SE MSE B 476 -6.42 8.33 -13.69
CE MSE B 476 -5.92 7.68 -11.93
N GLN B 477 -0.85 8.31 -16.59
CA GLN B 477 0.14 9.26 -17.10
C GLN B 477 0.00 10.66 -16.48
N LEU B 478 -0.12 10.71 -15.16
CA LEU B 478 -0.32 11.98 -14.48
C LEU B 478 1.00 12.51 -13.92
N PRO B 479 1.33 13.76 -14.24
CA PRO B 479 2.62 14.31 -13.81
C PRO B 479 2.55 14.87 -12.37
N VAL B 480 2.26 13.98 -11.43
CA VAL B 480 2.30 14.35 -10.01
C VAL B 480 3.72 14.18 -9.48
N THR B 481 4.05 14.81 -8.35
CA THR B 481 5.40 14.74 -7.79
C THR B 481 5.31 14.29 -6.34
N TYR B 482 6.03 13.20 -6.02
CA TYR B 482 6.15 12.74 -4.64
C TYR B 482 7.43 13.24 -4.02
N VAL B 483 7.31 13.81 -2.82
CA VAL B 483 8.48 14.27 -2.07
C VAL B 483 8.74 13.23 -0.96
N PHE B 484 9.66 12.32 -1.24
CA PHE B 484 9.90 11.20 -0.34
C PHE B 484 11.22 11.45 0.39
N THR B 485 11.17 11.87 1.65
CA THR B 485 12.41 12.21 2.36
C THR B 485 12.84 11.05 3.27
N HIS B 486 13.95 11.22 3.99
CA HIS B 486 14.43 10.18 4.94
C HIS B 486 14.67 8.87 4.18
N ASP B 487 15.47 8.94 3.12
CA ASP B 487 15.55 7.89 2.13
C ASP B 487 16.34 6.62 2.49
N SER B 488 17.00 6.56 3.63
CA SER B 488 17.87 5.39 3.86
C SER B 488 18.11 5.07 5.33
N ILE B 489 18.98 4.08 5.58
CA ILE B 489 19.39 3.76 6.95
C ILE B 489 20.00 4.97 7.68
N ALA B 490 20.44 5.98 6.95
CA ALA B 490 20.93 7.21 7.58
C ALA B 490 19.89 7.87 8.53
N VAL B 491 18.62 7.58 8.35
CA VAL B 491 17.59 8.05 9.28
C VAL B 491 17.97 7.71 10.71
N GLY B 492 18.51 6.51 10.94
CA GLY B 492 19.12 6.26 12.26
C GLY B 492 18.26 5.76 13.40
N GLU B 493 18.01 6.61 14.40
CA GLU B 493 17.40 6.12 15.63
C GLU B 493 15.98 5.56 15.50
N ASP B 494 15.20 6.06 14.56
CA ASP B 494 13.83 5.56 14.41
C ASP B 494 13.80 4.07 14.03
N GLY B 495 14.91 3.57 13.48
CA GLY B 495 15.06 2.12 13.34
C GLY B 495 14.50 1.51 12.05
N PRO B 496 14.48 0.16 11.97
CA PRO B 496 14.23 -0.51 10.69
C PRO B 496 12.82 -0.29 10.12
N THR B 497 11.81 -0.03 10.95
CA THR B 497 10.48 0.22 10.39
C THR B 497 10.40 1.55 9.67
N HIS B 498 11.43 2.37 9.86
CA HIS B 498 11.47 3.71 9.30
C HIS B 498 12.62 3.91 8.32
N GLU B 499 13.31 2.83 7.99
CA GLU B 499 14.46 2.93 7.09
C GLU B 499 14.19 2.16 5.81
N PRO B 500 14.06 2.89 4.70
CA PRO B 500 13.84 2.26 3.38
C PRO B 500 14.99 1.34 3.01
N ILE B 501 14.69 0.22 2.37
CA ILE B 501 15.73 -0.63 1.82
C ILE B 501 15.36 -0.94 0.37
N GLU B 502 14.18 -1.52 0.21
CA GLU B 502 13.73 -2.02 -1.07
C GLU B 502 12.86 -1.00 -1.83
N GLN B 503 12.59 0.16 -1.23
CA GLN B 503 11.63 1.10 -1.84
C GLN B 503 12.07 1.65 -3.21
N LEU B 504 13.37 1.91 -3.39
CA LEU B 504 13.87 2.34 -4.70
C LEU B 504 13.56 1.30 -5.78
N ALA B 505 13.96 0.06 -5.53
CA ALA B 505 13.75 -0.98 -6.54
C ALA B 505 12.27 -1.12 -6.88
N ALA B 506 11.43 -1.08 -5.85
CA ALA B 506 10.01 -1.30 -6.02
C ALA B 506 9.38 -0.24 -6.93
N LEU B 507 9.85 1.00 -6.85
CA LEU B 507 9.38 2.01 -7.81
C LEU B 507 10.12 1.93 -9.14
N ARG B 508 11.43 1.64 -9.12
CA ARG B 508 12.17 1.59 -10.38
C ARG B 508 11.59 0.52 -11.33
N ALA B 509 10.97 -0.50 -10.75
CA ALA B 509 10.49 -1.60 -11.57
C ALA B 509 9.13 -1.27 -12.22
N MSE B 510 8.48 -0.23 -11.71
CA MSE B 510 7.13 0.12 -12.15
C MSE B 510 7.12 0.87 -13.46
O MSE B 510 7.81 1.88 -13.59
CB MSE B 510 6.43 0.96 -11.08
CG MSE B 510 4.97 1.15 -11.39
SE MSE B 510 4.07 2.24 -10.03
CE MSE B 510 3.97 0.99 -8.55
N PRO B 511 6.32 0.40 -14.44
CA PRO B 511 6.29 1.13 -15.72
C PRO B 511 5.87 2.60 -15.53
N ASN B 512 6.49 3.50 -16.30
CA ASN B 512 6.06 4.90 -16.36
C ASN B 512 6.09 5.64 -15.02
N VAL B 513 7.11 5.36 -14.23
CA VAL B 513 7.35 6.18 -13.04
C VAL B 513 8.79 6.68 -13.12
N SER B 514 8.99 7.99 -13.00
CA SER B 514 10.38 8.46 -12.90
C SER B 514 10.84 8.53 -11.45
N VAL B 515 11.97 7.91 -11.16
CA VAL B 515 12.56 7.90 -9.82
C VAL B 515 13.89 8.67 -9.86
N ILE B 516 13.96 9.79 -9.15
CA ILE B 516 15.17 10.60 -9.13
C ILE B 516 15.68 10.74 -7.70
N ARG B 517 16.93 10.36 -7.50
CA ARG B 517 17.60 10.39 -6.22
C ARG B 517 18.82 11.33 -6.30
N PRO B 518 18.61 12.62 -6.08
CA PRO B 518 19.69 13.58 -6.34
C PRO B 518 20.85 13.46 -5.37
N ALA B 519 22.04 13.69 -5.88
CA ALA B 519 23.28 13.46 -5.13
C ALA B 519 23.68 14.64 -4.25
N ASP B 520 23.11 15.82 -4.49
CA ASP B 520 23.45 17.00 -3.72
C ASP B 520 22.42 18.09 -3.99
N GLY B 521 22.60 19.28 -3.42
CA GLY B 521 21.62 20.34 -3.58
C GLY B 521 21.36 20.71 -5.04
N ASN B 522 22.40 20.85 -5.85
CA ASN B 522 22.19 21.21 -7.26
C ASN B 522 21.47 20.12 -8.05
N GLU B 523 21.82 18.85 -7.83
CA GLU B 523 21.10 17.77 -8.51
C GLU B 523 19.64 17.83 -8.12
N SER B 524 19.35 18.19 -6.86
CA SER B 524 17.97 18.19 -6.40
C SER B 524 17.18 19.31 -7.06
N VAL B 525 17.85 20.42 -7.34
CA VAL B 525 17.18 21.50 -8.06
C VAL B 525 16.83 21.03 -9.45
N ALA B 526 17.79 20.41 -10.13
CA ALA B 526 17.50 19.88 -11.46
C ALA B 526 16.37 18.84 -11.41
N ALA B 527 16.38 17.99 -10.39
CA ALA B 527 15.40 16.91 -10.30
C ALA B 527 14.00 17.52 -10.17
N TRP B 528 13.87 18.57 -9.35
CA TRP B 528 12.58 19.25 -9.18
C TRP B 528 12.12 19.88 -10.48
N ARG B 529 13.05 20.46 -11.23
N ARG B 529 13.06 20.44 -11.23
CA ARG B 529 12.69 21.02 -12.52
CA ARG B 529 12.73 21.01 -12.53
C ARG B 529 12.15 19.95 -13.47
C ARG B 529 12.15 19.95 -13.46
N LEU B 530 12.83 18.81 -13.54
CA LEU B 530 12.35 17.68 -14.34
C LEU B 530 10.98 17.20 -13.84
N ALA B 531 10.77 17.17 -12.53
CA ALA B 531 9.48 16.75 -11.99
C ALA B 531 8.37 17.73 -12.37
N LEU B 532 8.64 19.03 -12.22
CA LEU B 532 7.63 20.02 -12.56
C LEU B 532 7.32 20.08 -14.04
N GLU B 533 8.31 19.81 -14.88
CA GLU B 533 8.14 19.91 -16.33
C GLU B 533 7.44 18.67 -16.87
N SER B 534 7.29 17.64 -16.05
CA SER B 534 6.70 16.38 -16.55
C SER B 534 5.30 16.63 -17.09
N THR B 535 4.91 15.90 -18.13
CA THR B 535 3.55 16.01 -18.66
C THR B 535 2.83 14.67 -18.64
N ASN B 536 3.57 13.58 -18.54
CA ASN B 536 2.95 12.26 -18.77
C ASN B 536 3.41 11.12 -17.86
N LYS B 537 4.11 11.44 -16.77
CA LYS B 537 4.45 10.42 -15.80
C LYS B 537 4.71 11.02 -14.43
N PRO B 538 4.36 10.28 -13.38
CA PRO B 538 4.62 10.79 -12.03
C PRO B 538 6.14 10.74 -11.79
N THR B 539 6.64 11.61 -10.92
CA THR B 539 8.04 11.64 -10.54
C THR B 539 8.20 11.49 -9.02
N ALA B 540 9.00 10.51 -8.61
CA ALA B 540 9.30 10.32 -7.19
C ALA B 540 10.66 10.95 -6.89
N LEU B 541 10.67 11.97 -6.05
CA LEU B 541 11.94 12.55 -5.62
C LEU B 541 12.36 11.90 -4.33
N VAL B 542 13.57 11.35 -4.30
CA VAL B 542 14.03 10.59 -3.14
C VAL B 542 15.12 11.38 -2.44
N LEU B 543 14.87 11.80 -1.20
CA LEU B 543 15.65 12.86 -0.58
C LEU B 543 16.17 12.49 0.81
N THR B 544 17.26 13.14 1.22
CA THR B 544 17.94 12.75 2.46
C THR B 544 17.50 13.55 3.66
N ARG B 545 17.56 12.91 4.82
CA ARG B 545 17.47 13.63 6.08
C ARG B 545 18.77 14.39 6.37
N GLN B 546 19.91 13.76 6.08
CA GLN B 546 21.21 14.25 6.51
C GLN B 546 21.92 15.13 5.46
N ASP B 547 22.82 16.01 5.92
CA ASP B 547 23.48 16.98 5.03
C ASP B 547 24.39 16.25 4.07
N LEU B 548 24.42 16.73 2.83
CA LEU B 548 25.36 16.23 1.83
C LEU B 548 26.26 17.39 1.34
N PRO B 549 27.49 17.08 0.94
CA PRO B 549 28.38 18.10 0.37
C PRO B 549 28.03 18.45 -1.08
N THR B 550 28.32 19.67 -1.49
CA THR B 550 28.10 20.06 -2.88
C THR B 550 29.22 19.45 -3.74
N LEU B 551 28.86 18.77 -4.79
CA LEU B 551 29.83 18.03 -5.61
C LEU B 551 30.36 18.89 -6.74
N GLU B 552 31.69 18.93 -6.92
CA GLU B 552 32.28 19.71 -8.00
C GLU B 552 31.79 19.27 -9.36
N GLY B 553 31.62 17.95 -9.53
CA GLY B 553 31.25 17.44 -10.83
C GLY B 553 29.78 17.62 -11.17
N ALA B 554 28.97 18.04 -10.20
CA ALA B 554 27.54 18.27 -10.49
C ALA B 554 27.20 19.74 -10.63
N LYS B 555 28.18 20.60 -10.36
CA LYS B 555 27.94 22.03 -10.26
C LYS B 555 27.60 22.72 -11.60
N ASP B 556 28.33 22.40 -12.66
CA ASP B 556 28.06 23.06 -13.94
C ASP B 556 27.12 22.22 -14.81
N ASP B 557 26.19 22.90 -15.50
N ASP B 557 26.20 22.88 -15.52
CA ASP B 557 25.30 22.23 -16.45
CA ASP B 557 25.32 22.20 -16.46
C ASP B 557 24.50 21.13 -15.77
C ASP B 557 24.47 21.13 -15.78
N THR B 558 24.12 21.38 -14.52
CA THR B 558 23.47 20.35 -13.69
C THR B 558 22.17 19.84 -14.30
N TYR B 559 21.35 20.76 -14.82
CA TYR B 559 20.09 20.33 -15.40
C TYR B 559 20.29 19.32 -16.54
N GLU B 560 21.22 19.61 -17.44
CA GLU B 560 21.45 18.74 -18.59
C GLU B 560 22.06 17.41 -18.15
N LYS B 561 22.90 17.43 -17.13
CA LYS B 561 23.47 16.19 -16.62
C LYS B 561 22.40 15.29 -15.99
N VAL B 562 21.59 15.87 -15.11
CA VAL B 562 20.58 15.07 -14.42
C VAL B 562 19.52 14.61 -15.43
N ALA B 563 19.20 15.48 -16.39
CA ALA B 563 18.26 15.12 -17.45
C ALA B 563 18.67 13.81 -18.17
N LYS B 564 19.97 13.54 -18.21
CA LYS B 564 20.48 12.32 -18.89
C LYS B 564 20.31 11.07 -18.03
N GLY B 565 19.98 11.23 -16.75
CA GLY B 565 19.76 10.10 -15.87
C GLY B 565 21.04 9.58 -15.22
N ALA B 566 22.10 9.48 -16.02
CA ALA B 566 23.42 9.18 -15.47
C ALA B 566 24.45 9.94 -16.29
N TYR B 567 25.54 10.35 -15.63
CA TYR B 567 26.59 11.13 -16.24
C TYR B 567 27.86 10.89 -15.42
N VAL B 568 29.00 11.15 -16.05
CA VAL B 568 30.29 11.06 -15.37
C VAL B 568 30.47 12.29 -14.48
N VAL B 569 30.37 12.08 -13.18
CA VAL B 569 30.49 13.17 -12.23
C VAL B 569 31.97 13.43 -11.90
N SER B 570 32.81 12.41 -12.03
CA SER B 570 34.25 12.58 -11.80
C SER B 570 35.08 11.64 -12.72
N ALA B 571 35.68 12.23 -13.75
CA ALA B 571 36.28 11.47 -14.83
C ALA B 571 37.48 10.72 -14.32
N SER B 572 37.81 9.61 -14.98
CA SER B 572 39.07 8.94 -14.72
C SER B 572 40.22 9.80 -15.29
N LYS B 573 41.44 9.52 -14.88
CA LYS B 573 42.59 10.22 -15.47
C LYS B 573 42.88 9.74 -16.90
N LYS B 574 42.84 8.42 -17.10
CA LYS B 574 43.03 7.83 -18.42
C LYS B 574 41.74 7.84 -19.25
N GLU B 575 41.91 7.82 -20.58
CA GLU B 575 40.77 7.75 -21.50
C GLU B 575 39.98 6.47 -21.28
N THR B 576 40.67 5.40 -20.90
CA THR B 576 39.99 4.16 -20.53
C THR B 576 40.25 3.86 -19.04
N ALA B 577 39.21 3.97 -18.21
CA ALA B 577 39.35 3.76 -16.79
C ALA B 577 39.69 2.32 -16.42
N ASP B 578 40.33 2.13 -15.27
CA ASP B 578 40.54 0.79 -14.72
C ASP B 578 39.23 0.23 -14.15
N VAL B 579 38.41 1.10 -13.60
CA VAL B 579 37.15 0.66 -12.99
C VAL B 579 36.13 1.80 -13.08
N ILE B 580 34.85 1.47 -13.14
CA ILE B 580 33.81 2.50 -13.04
C ILE B 580 33.09 2.33 -11.71
N LEU B 581 33.00 3.41 -10.94
CA LEU B 581 32.19 3.44 -9.72
C LEU B 581 30.87 4.12 -10.07
N LEU B 582 29.76 3.42 -9.83
CA LEU B 582 28.44 3.95 -10.05
C LEU B 582 27.77 4.20 -8.69
N ALA B 583 27.11 5.33 -8.53
CA ALA B 583 26.46 5.63 -7.26
C ALA B 583 25.30 6.54 -7.49
N THR B 584 24.44 6.66 -6.48
CA THR B 584 23.32 7.56 -6.56
C THR B 584 23.19 8.28 -5.24
N GLY B 585 22.47 9.40 -5.28
CA GLY B 585 22.13 10.17 -4.09
C GLY B 585 23.30 10.34 -3.12
N SER B 586 23.05 10.06 -1.85
CA SER B 586 24.05 10.24 -0.80
C SER B 586 25.36 9.43 -0.99
N GLU B 587 25.37 8.48 -1.90
CA GLU B 587 26.55 7.61 -2.05
C GLU B 587 27.51 8.13 -3.10
N VAL B 588 27.10 9.16 -3.84
CA VAL B 588 28.01 9.75 -4.85
C VAL B 588 29.24 10.39 -4.18
N SER B 589 29.02 11.15 -3.12
CA SER B 589 30.17 11.73 -2.42
C SER B 589 31.11 10.63 -1.91
N LEU B 590 30.55 9.54 -1.41
CA LEU B 590 31.36 8.42 -0.96
C LEU B 590 32.18 7.85 -2.15
N ALA B 591 31.53 7.68 -3.30
CA ALA B 591 32.20 7.18 -4.47
C ALA B 591 33.37 8.08 -4.91
N VAL B 592 33.17 9.40 -4.86
CA VAL B 592 34.24 10.34 -5.25
C VAL B 592 35.42 10.26 -4.26
N GLU B 593 35.11 10.16 -2.98
CA GLU B 593 36.13 9.91 -1.98
C GLU B 593 36.91 8.63 -2.26
N ALA B 594 36.18 7.58 -2.61
CA ALA B 594 36.80 6.30 -2.88
C ALA B 594 37.69 6.38 -4.12
N GLN B 595 37.27 7.18 -5.10
CA GLN B 595 38.06 7.37 -6.32
C GLN B 595 39.43 7.97 -5.96
N LYS B 596 39.40 9.00 -5.14
CA LYS B 596 40.60 9.66 -4.66
C LYS B 596 41.53 8.67 -3.98
N ALA B 597 40.96 7.83 -3.12
CA ALA B 597 41.73 6.83 -2.39
C ALA B 597 42.32 5.78 -3.32
N LEU B 598 41.51 5.32 -4.26
CA LEU B 598 41.97 4.35 -5.24
C LEU B 598 43.13 4.88 -6.08
N ALA B 599 43.10 6.17 -6.42
CA ALA B 599 44.15 6.76 -7.26
C ALA B 599 45.49 6.66 -6.56
N VAL B 600 45.48 6.89 -5.25
CA VAL B 600 46.67 6.79 -4.44
C VAL B 600 47.28 5.39 -4.50
N ASP B 601 46.43 4.38 -4.69
CA ASP B 601 46.94 3.02 -4.78
C ASP B 601 47.10 2.56 -6.24
N GLY B 602 47.07 3.51 -7.17
CA GLY B 602 47.34 3.21 -8.55
C GLY B 602 46.15 2.63 -9.30
N VAL B 603 44.95 2.84 -8.76
CA VAL B 603 43.76 2.42 -9.50
C VAL B 603 43.00 3.65 -9.99
N ASP B 604 42.76 3.69 -11.29
CA ASP B 604 42.19 4.87 -11.93
C ASP B 604 40.70 4.63 -12.17
N ALA B 605 39.86 5.25 -11.34
CA ALA B 605 38.44 5.02 -11.42
C ALA B 605 37.72 6.19 -12.07
N SER B 606 36.68 5.88 -12.82
CA SER B 606 35.71 6.87 -13.26
C SER B 606 34.52 6.84 -12.25
N VAL B 607 33.94 7.99 -11.90
CA VAL B 607 32.72 7.99 -11.08
C VAL B 607 31.51 8.49 -11.86
N VAL B 608 30.45 7.68 -11.86
CA VAL B 608 29.22 7.99 -12.56
C VAL B 608 28.13 8.24 -11.51
N SER B 609 27.46 9.39 -11.61
CA SER B 609 26.29 9.68 -10.78
C SER B 609 25.05 9.26 -11.58
N MSE B 610 24.20 8.44 -10.99
CA MSE B 610 22.99 7.99 -11.68
C MSE B 610 21.75 8.41 -10.89
O MSE B 610 21.12 7.60 -10.21
CB MSE B 610 23.02 6.45 -11.84
CG MSE B 610 21.85 5.90 -12.67
SE MSE B 610 22.17 4.01 -13.18
CE MSE B 610 23.49 4.24 -14.61
N PRO B 611 21.40 9.70 -10.97
CA PRO B 611 20.21 10.15 -10.24
C PRO B 611 18.92 9.48 -10.75
N SER B 612 18.87 9.07 -12.01
CA SER B 612 17.66 8.41 -12.50
C SER B 612 17.92 7.28 -13.48
N MSE B 613 17.72 6.03 -13.04
CA MSE B 613 17.86 4.89 -13.95
C MSE B 613 16.92 5.00 -15.14
O MSE B 613 17.31 4.74 -16.27
CB MSE B 613 17.57 3.56 -13.25
CG MSE B 613 18.57 3.17 -12.20
SE MSE B 613 18.26 1.29 -11.70
CE MSE B 613 19.73 1.14 -10.44
N ASP B 614 15.66 5.34 -14.88
CA ASP B 614 14.74 5.42 -16.01
C ASP B 614 15.15 6.48 -17.04
N ARG B 615 15.63 7.63 -16.62
CA ARG B 615 16.03 8.65 -17.63
C ARG B 615 17.27 8.20 -18.40
N PHE B 616 18.18 7.48 -17.74
CA PHE B 616 19.38 6.99 -18.42
C PHE B 616 18.95 5.95 -19.47
N GLU B 617 18.00 5.11 -19.10
CA GLU B 617 17.54 4.07 -20.02
C GLU B 617 16.94 4.63 -21.29
N ALA B 618 16.38 5.83 -21.21
CA ALA B 618 15.77 6.48 -22.36
C ALA B 618 16.78 7.14 -23.30
N GLN B 619 18.05 7.19 -22.92
CA GLN B 619 19.05 7.89 -23.76
C GLN B 619 19.53 7.01 -24.93
N THR B 620 20.21 7.61 -25.91
CA THR B 620 20.72 6.82 -27.04
C THR B 620 21.80 5.86 -26.59
N ALA B 621 22.00 4.80 -27.39
CA ALA B 621 23.06 3.83 -27.11
C ALA B 621 24.41 4.54 -27.12
N GLU B 622 24.54 5.51 -28.01
CA GLU B 622 25.75 6.30 -28.07
C GLU B 622 26.01 7.03 -26.76
N TYR B 623 24.99 7.69 -26.22
CA TYR B 623 25.17 8.39 -24.95
C TYR B 623 25.54 7.38 -23.83
N LYS B 624 24.79 6.29 -23.75
CA LYS B 624 25.04 5.31 -22.70
C LYS B 624 26.47 4.78 -22.75
N GLU B 625 26.94 4.51 -23.96
CA GLU B 625 28.29 4.01 -24.15
C GLU B 625 29.33 5.02 -23.66
N SER B 626 29.05 6.31 -23.82
CA SER B 626 29.96 7.34 -23.32
C SER B 626 30.03 7.35 -21.80
N VAL B 627 29.00 6.83 -21.12
CA VAL B 627 28.99 6.85 -19.65
C VAL B 627 29.48 5.53 -19.07
N LEU B 628 29.01 4.42 -19.64
CA LEU B 628 29.43 3.09 -19.22
C LEU B 628 29.99 2.36 -20.45
N PRO B 629 31.22 2.70 -20.85
CA PRO B 629 31.80 2.04 -22.04
C PRO B 629 31.80 0.51 -21.92
N LYS B 630 31.41 -0.21 -22.98
CA LYS B 630 31.33 -1.67 -22.91
C LYS B 630 32.69 -2.34 -22.67
N ALA B 631 33.77 -1.63 -23.03
CA ALA B 631 35.12 -2.16 -22.83
C ALA B 631 35.55 -2.21 -21.37
N VAL B 632 34.92 -1.42 -20.51
CA VAL B 632 35.26 -1.45 -19.10
C VAL B 632 34.24 -2.34 -18.39
N THR B 633 34.65 -3.56 -18.04
CA THR B 633 33.75 -4.47 -17.35
C THR B 633 33.93 -4.49 -15.85
N LYS B 634 35.00 -3.86 -15.35
CA LYS B 634 35.17 -3.73 -13.90
C LYS B 634 34.30 -2.57 -13.41
N ARG B 635 33.14 -2.89 -12.85
CA ARG B 635 32.16 -1.89 -12.47
C ARG B 635 31.66 -2.19 -11.06
N PHE B 636 31.51 -1.15 -10.25
CA PHE B 636 31.17 -1.32 -8.84
C PHE B 636 30.14 -0.29 -8.47
N ALA B 637 28.94 -0.75 -8.12
CA ALA B 637 27.88 0.17 -7.77
C ALA B 637 27.73 0.31 -6.24
N ILE B 638 27.36 1.51 -5.79
CA ILE B 638 27.26 1.80 -4.37
C ILE B 638 25.95 2.52 -4.14
N GLU B 639 25.08 1.93 -3.30
CA GLU B 639 23.81 2.56 -2.98
C GLU B 639 23.27 1.99 -1.68
N MSE B 640 22.80 2.85 -0.79
CA MSE B 640 22.23 2.35 0.44
C MSE B 640 20.79 1.91 0.21
O MSE B 640 19.84 2.58 0.66
CB MSE B 640 22.41 3.35 1.58
CG MSE B 640 23.90 3.59 1.87
SE MSE B 640 24.19 4.50 3.58
CE MSE B 640 23.10 6.08 3.30
N GLY B 641 20.65 0.79 -0.48
CA GLY B 641 19.35 0.21 -0.76
C GLY B 641 19.59 -1.20 -1.27
N ALA B 642 18.51 -1.89 -1.61
CA ALA B 642 18.62 -3.25 -2.12
C ALA B 642 19.53 -3.35 -3.34
N THR B 643 20.25 -4.47 -3.47
CA THR B 643 21.12 -4.63 -4.64
C THR B 643 20.31 -4.92 -5.90
N PHE B 644 19.05 -5.32 -5.71
CA PHE B 644 18.17 -5.71 -6.83
C PHE B 644 18.14 -4.66 -7.94
N GLY B 645 18.50 -5.06 -9.16
CA GLY B 645 18.41 -4.17 -10.29
C GLY B 645 19.74 -3.60 -10.75
N TRP B 646 20.75 -3.66 -9.90
CA TRP B 646 22.01 -3.00 -10.24
C TRP B 646 22.82 -3.78 -11.26
N HIS B 647 22.56 -5.09 -11.36
CA HIS B 647 23.30 -5.93 -12.29
C HIS B 647 23.08 -5.58 -13.76
N ARG B 648 22.01 -4.83 -14.03
N ARG B 648 22.03 -4.83 -14.06
CA ARG B 648 21.80 -4.26 -15.36
CA ARG B 648 21.88 -4.34 -15.43
C ARG B 648 23.00 -3.43 -15.80
C ARG B 648 23.08 -3.49 -15.82
N TYR B 649 23.68 -2.84 -14.82
CA TYR B 649 24.82 -1.94 -15.06
C TYR B 649 26.16 -2.53 -14.68
N VAL B 650 26.23 -3.33 -13.62
CA VAL B 650 27.54 -3.85 -13.26
C VAL B 650 27.88 -5.19 -13.92
N GLY B 651 26.87 -5.87 -14.44
CA GLY B 651 27.06 -7.15 -15.11
C GLY B 651 27.51 -8.30 -14.22
N LEU B 652 27.89 -9.40 -14.85
CA LEU B 652 28.23 -10.62 -14.11
C LEU B 652 29.61 -10.47 -13.48
N GLU B 653 30.48 -9.69 -14.10
CA GLU B 653 31.82 -9.44 -13.58
C GLU B 653 31.95 -8.27 -12.58
N GLY B 654 30.94 -7.43 -12.49
CA GLY B 654 31.00 -6.30 -11.57
C GLY B 654 30.52 -6.70 -10.19
N ASP B 655 30.34 -5.73 -9.30
CA ASP B 655 29.85 -6.04 -7.95
C ASP B 655 29.04 -4.85 -7.46
N VAL B 656 28.31 -5.04 -6.37
CA VAL B 656 27.56 -3.93 -5.79
C VAL B 656 27.62 -3.96 -4.29
N LEU B 657 27.81 -2.77 -3.72
CA LEU B 657 27.72 -2.60 -2.30
C LEU B 657 26.34 -1.99 -2.00
N GLY B 658 25.41 -2.83 -1.58
CA GLY B 658 24.08 -2.37 -1.22
C GLY B 658 23.67 -2.89 0.14
N ILE B 659 22.37 -2.95 0.39
CA ILE B 659 21.86 -3.44 1.67
C ILE B 659 20.69 -4.35 1.39
N ASP B 660 20.87 -5.63 1.68
CA ASP B 660 19.81 -6.61 1.46
C ASP B 660 19.27 -7.22 2.76
N THR B 661 19.43 -6.50 3.87
CA THR B 661 18.73 -6.82 5.12
C THR B 661 17.98 -5.59 5.56
N PHE B 662 17.19 -5.71 6.61
CA PHE B 662 16.58 -4.50 7.21
C PHE B 662 17.61 -3.71 8.00
N GLY B 663 17.21 -2.50 8.45
CA GLY B 663 18.14 -1.59 9.09
C GLY B 663 18.22 -1.78 10.59
N ALA B 664 18.42 -0.70 11.34
CA ALA B 664 18.65 -0.83 12.79
C ALA B 664 18.37 0.49 13.47
N SER B 665 18.23 0.47 14.79
CA SER B 665 17.99 1.70 15.54
C SER B 665 19.29 2.10 16.19
N ALA B 666 19.87 3.21 15.72
CA ALA B 666 21.16 3.70 16.19
C ALA B 666 21.38 5.02 15.47
N PRO B 667 22.35 5.83 15.95
CA PRO B 667 22.72 7.03 15.19
C PRO B 667 23.03 6.66 13.76
N GLY B 668 22.60 7.45 12.79
CA GLY B 668 22.67 7.06 11.40
C GLY B 668 24.11 6.80 10.93
N GLU B 669 25.04 7.63 11.39
CA GLU B 669 26.45 7.43 11.02
C GLU B 669 26.99 6.08 11.48
N LYS B 670 26.56 5.63 12.66
CA LYS B 670 26.98 4.32 13.15
C LYS B 670 26.44 3.22 12.23
N ILE B 671 25.18 3.33 11.82
CA ILE B 671 24.62 2.25 11.01
C ILE B 671 25.38 2.22 9.67
N MSE B 672 25.62 3.40 9.12
CA MSE B 672 26.31 3.51 7.83
C MSE B 672 27.67 2.84 7.90
O MSE B 672 28.02 2.08 7.01
CB MSE B 672 26.44 4.96 7.44
CG MSE B 672 25.10 5.53 7.03
SE MSE B 672 25.23 7.41 6.55
CE MSE B 672 26.57 7.28 5.16
N GLU B 673 28.43 3.11 8.96
N GLU B 673 28.41 3.12 8.98
CA GLU B 673 29.72 2.45 9.15
CA GLU B 673 29.71 2.49 9.19
C GLU B 673 29.57 0.94 9.26
C GLU B 673 29.59 0.95 9.30
N GLU B 674 28.68 0.48 10.15
CA GLU B 674 28.51 -0.95 10.35
C GLU B 674 28.03 -1.66 9.09
N TYR B 675 27.25 -0.98 8.25
CA TYR B 675 26.73 -1.62 7.05
C TYR B 675 27.70 -1.48 5.88
N GLY B 676 28.89 -0.94 6.16
CA GLY B 676 29.97 -0.97 5.17
C GLY B 676 30.10 0.22 4.25
N PHE B 677 29.38 1.30 4.54
CA PHE B 677 29.45 2.49 3.69
C PHE B 677 30.54 3.45 4.16
N THR B 678 31.78 3.01 4.00
CA THR B 678 32.96 3.82 4.35
C THR B 678 33.94 3.73 3.17
N VAL B 679 34.81 4.74 3.04
CA VAL B 679 35.81 4.74 1.99
C VAL B 679 36.66 3.47 2.06
N GLU B 680 37.10 3.12 3.26
CA GLU B 680 37.96 1.96 3.43
C GLU B 680 37.32 0.69 2.91
N ASN B 681 36.05 0.48 3.23
CA ASN B 681 35.39 -0.73 2.78
C ASN B 681 35.17 -0.70 1.27
N VAL B 682 34.78 0.46 0.74
CA VAL B 682 34.57 0.54 -0.71
C VAL B 682 35.87 0.16 -1.42
N VAL B 683 36.98 0.73 -0.97
CA VAL B 683 38.28 0.49 -1.60
C VAL B 683 38.63 -0.99 -1.54
N ARG B 684 38.48 -1.58 -0.37
N ARG B 684 38.49 -1.59 -0.37
CA ARG B 684 38.74 -3.00 -0.16
CA ARG B 684 38.77 -3.01 -0.19
C ARG B 684 38.01 -3.85 -1.18
C ARG B 684 38.00 -3.88 -1.16
N LYS B 685 36.70 -3.62 -1.30
CA LYS B 685 35.85 -4.45 -2.16
C LYS B 685 36.13 -4.23 -3.64
N VAL B 686 36.43 -2.99 -4.01
CA VAL B 686 36.81 -2.72 -5.40
C VAL B 686 38.07 -3.50 -5.76
N LYS B 687 39.09 -3.40 -4.92
CA LYS B 687 40.34 -4.09 -5.17
C LYS B 687 40.11 -5.58 -5.30
N GLU B 688 39.16 -6.10 -4.51
CA GLU B 688 38.84 -7.52 -4.57
C GLU B 688 38.33 -7.99 -5.94
N MSE B 689 37.61 -7.14 -6.66
CA MSE B 689 37.12 -7.61 -7.96
C MSE B 689 38.05 -7.29 -9.11
O MSE B 689 37.87 -7.77 -10.23
CB MSE B 689 35.67 -7.17 -8.24
CG MSE B 689 35.36 -5.72 -8.01
SE MSE B 689 34.41 -4.90 -9.52
CE MSE B 689 35.56 -3.39 -9.48
N LEU B 690 39.07 -6.48 -8.84
CA LEU B 690 40.13 -6.27 -9.82
C LEU B 690 41.01 -7.51 -9.88
N1' TPP C . 2.72 7.38 8.61
C2' TPP C . 2.82 6.12 9.09
CM2 TPP C . 2.11 5.02 8.35
N3' TPP C . 3.53 5.86 10.21
C4' TPP C . 4.17 6.84 10.87
N4' TPP C . 4.89 6.60 11.99
C5' TPP C . 4.08 8.22 10.35
C6' TPP C . 3.33 8.42 9.20
C7' TPP C . 4.82 9.36 11.04
N3 TPP C . 4.17 9.65 12.29
C2 TPP C . 4.49 9.03 13.47
S1 TPP C . 3.49 9.65 14.75
C5 TPP C . 2.66 10.76 13.68
C4 TPP C . 3.21 10.61 12.33
CM4 TPP C . 2.71 11.42 11.15
C6 TPP C . 1.58 11.72 14.12
C7 TPP C . 1.35 11.67 15.61
O7 TPP C . 0.35 10.70 15.82
PA TPP C . -0.29 10.71 17.28
O1A TPP C . -0.22 9.29 17.81
O2A TPP C . -1.62 11.38 17.13
O3A TPP C . 0.78 11.65 18.06
PB TPP C . 0.88 11.69 19.68
O1B TPP C . 2.32 12.04 20.04
O2B TPP C . -0.12 12.73 20.07
O3B TPP C . 0.55 10.28 20.07
S SO4 D . -13.59 -6.03 -10.30
O1 SO4 D . -12.50 -7.03 -10.05
O2 SO4 D . -14.69 -6.21 -9.33
O3 SO4 D . -13.04 -4.64 -10.22
O4 SO4 D . -14.16 -6.23 -11.67
C FMT E . 23.05 -5.23 15.63
O1 FMT E . 22.09 -4.44 15.61
O2 FMT E . 23.72 -5.51 16.63
C1 GOL F . 4.92 13.50 43.98
O1 GOL F . 3.52 13.36 43.75
C2 GOL F . 5.63 12.21 43.60
O2 GOL F . 4.73 11.35 42.94
C3 GOL F . 6.83 12.50 42.69
O3 GOL F . 6.39 12.86 41.40
C1 GOL G . -6.91 -35.62 -2.90
O1 GOL G . -6.46 -36.34 -4.03
C2 GOL G . -5.84 -35.66 -1.81
O2 GOL G . -6.30 -34.93 -0.67
C3 GOL G . -4.61 -34.96 -2.36
O3 GOL G . -5.05 -33.68 -2.77
S SO4 H . -12.17 -15.78 -12.41
O1 SO4 H . -10.83 -15.92 -12.99
O2 SO4 H . -12.41 -16.76 -11.34
O3 SO4 H . -12.31 -14.42 -11.90
O4 SO4 H . -13.13 -16.04 -13.48
S SO4 I . 14.39 -22.98 4.26
O1 SO4 I . 14.81 -24.29 3.77
O2 SO4 I . 14.55 -22.91 5.71
O3 SO4 I . 15.17 -21.93 3.63
O4 SO4 I . 12.98 -22.79 3.92
S SO4 J . -24.24 1.28 24.95
O1 SO4 J . -23.16 0.41 25.37
O2 SO4 J . -25.43 0.97 25.73
O3 SO4 J . -23.84 2.67 25.14
O4 SO4 J . -24.52 1.09 23.53
S SO4 K . 1.50 14.92 40.19
O1 SO4 K . 2.34 15.94 40.80
O2 SO4 K . 1.97 13.61 40.61
O3 SO4 K . 0.12 15.08 40.66
O4 SO4 K . 1.54 15.02 38.73
C FMT L . 15.30 -28.86 2.25
O1 FMT L . 14.39 -28.02 2.34
O2 FMT L . 15.45 -29.64 1.29
C ACY M . 12.20 -6.14 -30.29
O ACY M . 12.74 -6.75 -29.35
OXT ACY M . 10.98 -5.84 -30.31
CH3 ACY M . 13.06 -5.75 -31.46
C1 PG5 N . 12.17 -12.24 15.50
O1 PG5 N . 12.31 -13.58 15.83
C2 PG5 N . 12.55 -13.98 17.13
C3 PG5 N . 11.34 -14.64 17.71
O2 PG5 N . 11.39 -14.70 19.10
C4 PG5 N . 10.45 -14.02 19.88
C5 PG5 N . 10.85 -13.94 21.32
O3 PG5 N . 11.74 -12.90 21.56
C6 PG5 N . 12.34 -12.73 22.80
C7 PG5 N . 13.31 -11.58 22.81
O4 PG5 N . 14.62 -12.03 22.76
C8 PG5 N . 15.67 -11.14 22.89
C1 PEG O . 6.21 -17.02 14.51
O1 PEG O . 6.25 -18.40 14.52
C2 PEG O . 6.83 -16.26 15.64
O2 PEG O . 8.21 -16.10 15.61
C3 PEG O . 8.82 -15.51 14.53
C4 PEG O . 10.30 -15.69 14.33
O4 PEG O . 10.80 -16.92 13.93
C TRS P . 15.42 -4.11 41.64
C TRS P . 14.69 -4.79 41.29
C1 TRS P . 14.78 -3.52 40.38
C1 TRS P . 16.04 -4.22 40.80
C2 TRS P . 15.65 -5.60 41.48
C2 TRS P . 14.75 -6.32 41.45
C3 TRS P . 16.79 -3.50 41.80
C3 TRS P . 13.51 -4.40 40.38
N TRS P . 14.62 -3.90 42.90
N TRS P . 14.40 -4.25 42.65
O1 TRS P . 15.37 -3.89 39.13
O1 TRS P . 16.21 -3.90 39.42
O2 TRS P . 16.92 -5.79 42.07
O2 TRS P . 16.05 -6.86 41.36
O3 TRS P . 17.17 -2.91 40.56
O3 TRS P . 12.93 -5.44 39.62
C FMT Q . 23.17 -25.91 -17.40
O1 FMT Q . 23.85 -26.48 -18.27
O2 FMT Q . 22.26 -25.08 -17.60
MG MG R . -2.32 12.73 19.06
C1 PEG S . -8.75 17.08 28.87
O1 PEG S . -8.56 17.16 27.51
C2 PEG S . -8.04 16.02 29.66
O2 PEG S . -6.72 16.24 30.03
C3 PEG S . -6.18 15.54 31.09
C4 PEG S . -5.37 16.33 32.06
O4 PEG S . -5.77 16.32 33.38
C FMT T . 4.01 6.13 48.89
O1 FMT T . 4.66 7.09 48.43
O2 FMT T . 3.88 5.97 50.15
C1 GOL U . 8.62 8.78 13.60
O1 GOL U . 7.47 8.58 12.79
C2 GOL U . 9.24 10.14 13.28
O2 GOL U . 10.34 10.42 14.11
C3 GOL U . 8.18 11.21 13.46
O3 GOL U . 7.79 11.30 14.83
C1 GOL V . 10.46 12.86 44.80
O1 GOL V . 9.18 12.81 44.26
C2 GOL V . 11.02 11.47 44.58
O2 GOL V . 9.99 10.60 45.03
C3 GOL V . 11.09 11.26 43.09
O3 GOL V . 12.17 12.01 42.55
C FMT W . -2.70 13.70 30.45
O1 FMT W . -3.39 14.70 30.72
O2 FMT W . -2.81 12.59 30.99
S SO4 X . 15.87 -12.84 0.79
O1 SO4 X . 16.76 -14.00 0.78
O2 SO4 X . 16.35 -11.91 1.83
O3 SO4 X . 14.52 -13.30 1.09
O4 SO4 X . 15.89 -12.17 -0.52
C FMT Y . 9.55 -35.43 -1.25
O1 FMT Y . 9.86 -35.61 -2.43
O2 FMT Y . 10.30 -35.58 -0.29
C1 GOL Z . 23.29 7.28 24.16
O1 GOL Z . 23.06 6.58 25.32
C2 GOL Z . 23.78 8.64 24.60
O2 GOL Z . 23.94 9.42 23.39
C3 GOL Z . 25.12 8.40 25.34
O3 GOL Z . 24.99 8.71 26.74
N1' TPP AA . -9.58 -5.53 -4.36
C2' TPP AA . -9.40 -4.33 -4.95
CM2 TPP AA . -8.52 -3.29 -4.29
N3' TPP AA . -10.01 -4.04 -6.11
C4' TPP AA . -10.80 -4.95 -6.72
N4' TPP AA . -11.34 -4.60 -7.89
C5' TPP AA . -11.00 -6.29 -6.09
C6' TPP AA . -10.34 -6.50 -4.89
C7' TPP AA . -11.84 -7.39 -6.70
N3 TPP AA . -13.23 -7.08 -6.43
C2 TPP AA . -13.92 -6.29 -7.28
S1 TPP AA . -15.56 -6.02 -6.78
C5 TPP AA . -15.35 -6.96 -5.36
C4 TPP AA . -13.94 -7.48 -5.34
CM4 TPP AA . -13.34 -8.35 -4.28
C6 TPP AA . -16.59 -7.05 -4.49
C7 TPP AA . -17.12 -5.62 -4.40
O7 TPP AA . -18.53 -5.59 -4.59
PA TPP AA . -19.33 -4.25 -5.06
O1A TPP AA . -18.33 -3.22 -5.58
O2A TPP AA . -20.24 -3.88 -3.93
O3A TPP AA . -20.13 -4.90 -6.32
PB TPP AA . -21.59 -4.52 -6.91
O1B TPP AA . -22.55 -5.23 -5.99
O2B TPP AA . -21.59 -5.12 -8.30
O3B TPP AA . -21.63 -3.01 -6.89
S SO4 BA . 9.93 4.02 -17.24
O1 SO4 BA . 10.83 4.54 -18.27
O2 SO4 BA . 10.69 3.20 -16.28
O3 SO4 BA . 9.34 5.17 -16.54
O4 SO4 BA . 8.89 3.21 -17.87
C1 BTB CA . 15.81 30.85 -4.69
O1 BTB CA . 15.39 29.87 -3.81
C2 BTB CA . 15.38 32.21 -4.14
C3 BTB CA . 15.74 32.25 -2.67
O3 BTB CA . 17.13 32.37 -2.58
C4 BTB CA . 13.90 32.34 -4.35
O4 BTB CA . 13.25 32.70 -3.21
N BTB CA . 16.13 33.31 -4.80
C5 BTB CA . 16.18 33.18 -6.22
C6 BTB CA . 17.59 32.83 -6.65
O6 BTB CA . 18.52 33.57 -5.97
C7 BTB CA . 15.55 34.60 -4.43
C8 BTB CA . 16.56 35.70 -4.61
O8 BTB CA . 17.48 35.68 -3.57
C FMT DA . 16.09 11.32 15.78
O1 FMT DA . 17.31 11.30 16.03
O2 FMT DA . 15.50 10.53 15.03
C1 GOL EA . 19.12 25.11 -19.03
O1 GOL EA . 18.12 25.81 -18.31
C2 GOL EA . 20.35 25.43 -18.20
O2 GOL EA . 19.85 26.10 -17.06
C3 GOL EA . 20.84 24.17 -17.53
O3 GOL EA . 21.91 24.55 -16.65
C FMT FA . 24.84 -5.94 9.65
O1 FMT FA . 24.70 -5.90 8.42
O2 FMT FA . 25.75 -5.38 10.28
C FMT GA . 16.36 18.31 -21.88
O1 FMT GA . 15.72 17.84 -20.92
O2 FMT GA . 17.50 18.80 -21.70
S SO4 HA . 13.39 14.71 11.68
O1 SO4 HA . 14.26 14.00 10.76
O2 SO4 HA . 14.11 14.87 12.95
O3 SO4 HA . 13.04 16.03 11.14
O4 SO4 HA . 12.17 13.92 11.90
C FMT IA . -22.74 5.41 -33.93
O1 FMT IA . -22.80 4.28 -33.46
O2 FMT IA . -23.70 5.97 -34.45
C1 GOL JA . -26.94 7.69 -33.77
O1 GOL JA . -26.04 7.93 -32.71
C2 GOL JA . -27.70 8.97 -34.09
O2 GOL JA . -27.09 10.02 -33.39
C3 GOL JA . -29.15 8.84 -33.63
O3 GOL JA . -29.85 10.03 -33.90
C FMT KA . -9.46 18.93 -18.24
O1 FMT KA . -10.64 18.77 -18.59
O2 FMT KA . -8.98 19.87 -17.60
C1 GOL LA . 6.03 23.87 8.83
O1 GOL LA . 6.20 22.49 9.01
C2 GOL LA . 5.16 24.36 9.99
O2 GOL LA . 4.43 23.28 10.54
C3 GOL LA . 4.16 25.39 9.48
O3 GOL LA . 3.30 25.71 10.54
C FMT MA . -38.81 -2.08 -26.77
O1 FMT MA . -37.53 -1.96 -26.75
O2 FMT MA . -39.51 -2.71 -25.90
S SO4 NA . 11.20 14.42 -20.25
O1 SO4 NA . 11.24 13.08 -20.94
O2 SO4 NA . 11.04 14.25 -18.78
O3 SO4 NA . 10.02 15.21 -20.75
O4 SO4 NA . 12.42 15.22 -20.56
#